data_2QSR
# 
_entry.id   2QSR 
# 
_audit_conform.dict_name       mmcif_pdbx.dic 
_audit_conform.dict_version    5.399 
_audit_conform.dict_location   http://mmcif.pdb.org/dictionaries/ascii/mmcif_pdbx.dic 
# 
loop_
_database_2.database_id 
_database_2.database_code 
_database_2.pdbx_database_accession 
_database_2.pdbx_DOI 
PDB   2QSR         pdb_00002qsr 10.2210/pdb2qsr/pdb 
RCSB  RCSB044008   ?            ?                   
WWPDB D_1000044008 ?            ?                   
# 
loop_
_pdbx_audit_revision_history.ordinal 
_pdbx_audit_revision_history.data_content_type 
_pdbx_audit_revision_history.major_revision 
_pdbx_audit_revision_history.minor_revision 
_pdbx_audit_revision_history.revision_date 
1 'Structure model' 1 0 2007-09-11 
2 'Structure model' 1 1 2011-07-13 
3 'Structure model' 1 2 2017-10-25 
4 'Structure model' 1 3 2018-11-14 
5 'Structure model' 1 4 2021-02-03 
6 'Structure model' 1 5 2024-11-20 
# 
_pdbx_audit_revision_details.ordinal             1 
_pdbx_audit_revision_details.revision_ordinal    1 
_pdbx_audit_revision_details.data_content_type   'Structure model' 
_pdbx_audit_revision_details.provider            repository 
_pdbx_audit_revision_details.type                'Initial release' 
_pdbx_audit_revision_details.description         ? 
_pdbx_audit_revision_details.details             ? 
# 
loop_
_pdbx_audit_revision_group.ordinal 
_pdbx_audit_revision_group.revision_ordinal 
_pdbx_audit_revision_group.data_content_type 
_pdbx_audit_revision_group.group 
1  2 'Structure model' Advisory                    
2  2 'Structure model' 'Source and taxonomy'       
3  2 'Structure model' 'Version format compliance' 
4  3 'Structure model' 'Refinement description'    
5  4 'Structure model' 'Data collection'           
6  4 'Structure model' 'Structure summary'         
7  5 'Structure model' 'Database references'       
8  5 'Structure model' 'Derived calculations'      
9  5 'Structure model' 'Structure summary'         
10 6 'Structure model' 'Data collection'           
11 6 'Structure model' 'Database references'       
12 6 'Structure model' 'Structure summary'         
# 
loop_
_pdbx_audit_revision_category.ordinal 
_pdbx_audit_revision_category.revision_ordinal 
_pdbx_audit_revision_category.data_content_type 
_pdbx_audit_revision_category.category 
1  3 'Structure model' software                  
2  4 'Structure model' audit_author              
3  5 'Structure model' audit_author              
4  5 'Structure model' citation_author           
5  5 'Structure model' struct_conn               
6  5 'Structure model' struct_ref_seq_dif        
7  6 'Structure model' chem_comp_atom            
8  6 'Structure model' chem_comp_bond            
9  6 'Structure model' database_2                
10 6 'Structure model' pdbx_entry_details        
11 6 'Structure model' pdbx_modification_feature 
# 
loop_
_pdbx_audit_revision_item.ordinal 
_pdbx_audit_revision_item.revision_ordinal 
_pdbx_audit_revision_item.data_content_type 
_pdbx_audit_revision_item.item 
1  3 'Structure model' '_software.classification'            
2  3 'Structure model' '_software.contact_author'            
3  3 'Structure model' '_software.contact_author_email'      
4  3 'Structure model' '_software.date'                      
5  3 'Structure model' '_software.language'                  
6  3 'Structure model' '_software.location'                  
7  3 'Structure model' '_software.name'                      
8  3 'Structure model' '_software.type'                      
9  3 'Structure model' '_software.version'                   
10 4 'Structure model' '_audit_author.identifier_ORCID'      
11 5 'Structure model' '_audit_author.identifier_ORCID'      
12 5 'Structure model' '_citation_author.identifier_ORCID'   
13 5 'Structure model' '_struct_conn.pdbx_leaving_atom_flag' 
14 5 'Structure model' '_struct_ref_seq_dif.details'         
15 6 'Structure model' '_database_2.pdbx_DOI'                
16 6 'Structure model' '_database_2.pdbx_database_accession' 
# 
_pdbx_database_status.entry_id                        2QSR 
_pdbx_database_status.deposit_site                    RCSB 
_pdbx_database_status.process_site                    RCSB 
_pdbx_database_status.recvd_initial_deposition_date   2007-07-31 
_pdbx_database_status.status_code                     REL 
_pdbx_database_status.status_code_sf                  REL 
_pdbx_database_status.status_code_mr                  ? 
_pdbx_database_status.SG_entry                        Y 
_pdbx_database_status.pdb_format_compatible           Y 
_pdbx_database_status.status_code_cs                  ? 
_pdbx_database_status.methods_development_category    ? 
_pdbx_database_status.status_code_nmr_data            ? 
# 
_pdbx_database_related.db_name        TargetDB 
_pdbx_database_related.db_id          NYSGXRC-10118d 
_pdbx_database_related.details        . 
_pdbx_database_related.content_type   unspecified 
# 
loop_
_audit_author.name 
_audit_author.pdbx_ordinal 
_audit_author.identifier_ORCID 
'Ramagopal, U.A.'                                                1  ?                   
'Toro, R.'                                                       2  ?                   
'Gilmore, M.'                                                    3  ?                   
'Bain, K.'                                                       4  ?                   
'Iizuka, M.'                                                     5  ?                   
'Wasserman, S.'                                                  6  ?                   
'Rodgers, L.'                                                    7  ?                   
'Sauder, J.M.'                                                   8  0000-0002-0254-4955 
'Burley, S.K.'                                                   9  0000-0002-2487-9713 
'Almo, S.C.'                                                     10 ?                   
'New York SGX Research Center for Structural Genomics (NYSGXRC)' 11 ?                   
# 
_citation.id                        primary 
_citation.title                     'Structure of C-terminal domain of transcription-repair coupling factor.' 
_citation.journal_abbrev            'To be Published' 
_citation.journal_volume            ? 
_citation.page_first                ? 
_citation.page_last                 ? 
_citation.year                      ? 
_citation.journal_id_ASTM           ? 
_citation.country                   ? 
_citation.journal_id_ISSN           ? 
_citation.journal_id_CSD            0353 
_citation.book_publisher            ? 
_citation.pdbx_database_id_PubMed   ? 
_citation.pdbx_database_id_DOI      ? 
# 
loop_
_citation_author.citation_id 
_citation_author.name 
_citation_author.ordinal 
_citation_author.identifier_ORCID 
primary 'Ramagopal, U.A.' 1  ?                   
primary 'Toro, R.'        2  ?                   
primary 'Gilmore, M.'     3  ?                   
primary 'Bain, K.'        4  ?                   
primary 'Iizuka, M.'      5  ?                   
primary 'Wasserman, S.'   6  ?                   
primary 'Rodgers, L.'     7  ?                   
primary 'Sauder, J.M.'    8  ?                   
primary 'Burley, S.K.'    9  0000-0002-2487-9713 
primary 'Almo, S.C.'      10 ?                   
# 
_entity.id                         1 
_entity.type                       polymer 
_entity.src_method                 man 
_entity.pdbx_description           'Transcription-repair coupling factor' 
_entity.formula_weight             20506.107 
_entity.pdbx_number_of_molecules   1 
_entity.pdbx_ec                    ? 
_entity.pdbx_mutation              ? 
_entity.pdbx_fragment              'C-terminal domain: Residues 1007-1168' 
_entity.details                    ? 
# 
_entity_poly.entity_id                      1 
_entity_poly.type                           'polypeptide(L)' 
_entity_poly.nstd_linkage                   no 
_entity_poly.nstd_monomer                   yes 
_entity_poly.pdbx_seq_one_letter_code       
;(MSE)SLRTKGNAELILQIDAYLPDTYISDQRHKIEIYKKIRQIDNRVNYEELQEELIDRFGEYPDVVAYLLEIGLVKSY
LDKVFVQRVERKDNKITIQFEKVTQRLFLAQDYFKALSVTNLKAGIAENKGL(MSE)ELVFDVQNKKDYEILEGLLIFGE
SLLEIKESKEKNSEGHHHHHH
;
_entity_poly.pdbx_seq_one_letter_code_can   
;MSLRTKGNAELILQIDAYLPDTYISDQRHKIEIYKKIRQIDNRVNYEELQEELIDRFGEYPDVVAYLLEIGLVKSYLDKV
FVQRVERKDNKITIQFEKVTQRLFLAQDYFKALSVTNLKAGIAENKGLMELVFDVQNKKDYEILEGLLIFGESLLEIKES
KEKNSEGHHHHHH
;
_entity_poly.pdbx_strand_id                 A 
_entity_poly.pdbx_target_identifier         NYSGXRC-10118d 
# 
loop_
_entity_poly_seq.entity_id 
_entity_poly_seq.num 
_entity_poly_seq.mon_id 
_entity_poly_seq.hetero 
1 1   MSE n 
1 2   SER n 
1 3   LEU n 
1 4   ARG n 
1 5   THR n 
1 6   LYS n 
1 7   GLY n 
1 8   ASN n 
1 9   ALA n 
1 10  GLU n 
1 11  LEU n 
1 12  ILE n 
1 13  LEU n 
1 14  GLN n 
1 15  ILE n 
1 16  ASP n 
1 17  ALA n 
1 18  TYR n 
1 19  LEU n 
1 20  PRO n 
1 21  ASP n 
1 22  THR n 
1 23  TYR n 
1 24  ILE n 
1 25  SER n 
1 26  ASP n 
1 27  GLN n 
1 28  ARG n 
1 29  HIS n 
1 30  LYS n 
1 31  ILE n 
1 32  GLU n 
1 33  ILE n 
1 34  TYR n 
1 35  LYS n 
1 36  LYS n 
1 37  ILE n 
1 38  ARG n 
1 39  GLN n 
1 40  ILE n 
1 41  ASP n 
1 42  ASN n 
1 43  ARG n 
1 44  VAL n 
1 45  ASN n 
1 46  TYR n 
1 47  GLU n 
1 48  GLU n 
1 49  LEU n 
1 50  GLN n 
1 51  GLU n 
1 52  GLU n 
1 53  LEU n 
1 54  ILE n 
1 55  ASP n 
1 56  ARG n 
1 57  PHE n 
1 58  GLY n 
1 59  GLU n 
1 60  TYR n 
1 61  PRO n 
1 62  ASP n 
1 63  VAL n 
1 64  VAL n 
1 65  ALA n 
1 66  TYR n 
1 67  LEU n 
1 68  LEU n 
1 69  GLU n 
1 70  ILE n 
1 71  GLY n 
1 72  LEU n 
1 73  VAL n 
1 74  LYS n 
1 75  SER n 
1 76  TYR n 
1 77  LEU n 
1 78  ASP n 
1 79  LYS n 
1 80  VAL n 
1 81  PHE n 
1 82  VAL n 
1 83  GLN n 
1 84  ARG n 
1 85  VAL n 
1 86  GLU n 
1 87  ARG n 
1 88  LYS n 
1 89  ASP n 
1 90  ASN n 
1 91  LYS n 
1 92  ILE n 
1 93  THR n 
1 94  ILE n 
1 95  GLN n 
1 96  PHE n 
1 97  GLU n 
1 98  LYS n 
1 99  VAL n 
1 100 THR n 
1 101 GLN n 
1 102 ARG n 
1 103 LEU n 
1 104 PHE n 
1 105 LEU n 
1 106 ALA n 
1 107 GLN n 
1 108 ASP n 
1 109 TYR n 
1 110 PHE n 
1 111 LYS n 
1 112 ALA n 
1 113 LEU n 
1 114 SER n 
1 115 VAL n 
1 116 THR n 
1 117 ASN n 
1 118 LEU n 
1 119 LYS n 
1 120 ALA n 
1 121 GLY n 
1 122 ILE n 
1 123 ALA n 
1 124 GLU n 
1 125 ASN n 
1 126 LYS n 
1 127 GLY n 
1 128 LEU n 
1 129 MSE n 
1 130 GLU n 
1 131 LEU n 
1 132 VAL n 
1 133 PHE n 
1 134 ASP n 
1 135 VAL n 
1 136 GLN n 
1 137 ASN n 
1 138 LYS n 
1 139 LYS n 
1 140 ASP n 
1 141 TYR n 
1 142 GLU n 
1 143 ILE n 
1 144 LEU n 
1 145 GLU n 
1 146 GLY n 
1 147 LEU n 
1 148 LEU n 
1 149 ILE n 
1 150 PHE n 
1 151 GLY n 
1 152 GLU n 
1 153 SER n 
1 154 LEU n 
1 155 LEU n 
1 156 GLU n 
1 157 ILE n 
1 158 LYS n 
1 159 GLU n 
1 160 SER n 
1 161 LYS n 
1 162 GLU n 
1 163 LYS n 
1 164 ASN n 
1 165 SER n 
1 166 GLU n 
1 167 GLY n 
1 168 HIS n 
1 169 HIS n 
1 170 HIS n 
1 171 HIS n 
1 172 HIS n 
1 173 HIS n 
# 
_entity_src_gen.entity_id                          1 
_entity_src_gen.pdbx_src_id                        1 
_entity_src_gen.pdbx_alt_source_flag               sample 
_entity_src_gen.pdbx_seq_type                      ? 
_entity_src_gen.pdbx_beg_seq_num                   ? 
_entity_src_gen.pdbx_end_seq_num                   ? 
_entity_src_gen.gene_src_common_name               ? 
_entity_src_gen.gene_src_genus                     Streptococcus 
_entity_src_gen.pdbx_gene_src_gene                 'mfd, spr0006' 
_entity_src_gen.gene_src_species                   'Streptococcus pneumoniae' 
_entity_src_gen.gene_src_strain                    R6 
_entity_src_gen.gene_src_tissue                    ? 
_entity_src_gen.gene_src_tissue_fraction           ? 
_entity_src_gen.gene_src_details                   ? 
_entity_src_gen.pdbx_gene_src_fragment             ? 
_entity_src_gen.pdbx_gene_src_scientific_name      'Streptococcus pneumoniae' 
_entity_src_gen.pdbx_gene_src_ncbi_taxonomy_id     171101 
_entity_src_gen.pdbx_gene_src_variant              ? 
_entity_src_gen.pdbx_gene_src_cell_line            ? 
_entity_src_gen.pdbx_gene_src_atcc                 BAA-255 
_entity_src_gen.pdbx_gene_src_organ                ? 
_entity_src_gen.pdbx_gene_src_organelle            ? 
_entity_src_gen.pdbx_gene_src_cell                 ? 
_entity_src_gen.pdbx_gene_src_cellular_location    ? 
_entity_src_gen.host_org_common_name               ? 
_entity_src_gen.pdbx_host_org_scientific_name      'Escherichia coli BL21(DE3)' 
_entity_src_gen.pdbx_host_org_ncbi_taxonomy_id     469008 
_entity_src_gen.host_org_genus                     Escherichia 
_entity_src_gen.pdbx_host_org_gene                 ? 
_entity_src_gen.pdbx_host_org_organ                ? 
_entity_src_gen.host_org_species                   'Escherichia coli' 
_entity_src_gen.pdbx_host_org_tissue               ? 
_entity_src_gen.pdbx_host_org_tissue_fraction      ? 
_entity_src_gen.pdbx_host_org_strain               'BL21(DE3)' 
_entity_src_gen.pdbx_host_org_variant              ? 
_entity_src_gen.pdbx_host_org_cell_line            ? 
_entity_src_gen.pdbx_host_org_atcc                 ? 
_entity_src_gen.pdbx_host_org_culture_collection   ? 
_entity_src_gen.pdbx_host_org_cell                 ? 
_entity_src_gen.pdbx_host_org_organelle            ? 
_entity_src_gen.pdbx_host_org_cellular_location    ? 
_entity_src_gen.pdbx_host_org_vector_type          Plasmid 
_entity_src_gen.pdbx_host_org_vector               ? 
_entity_src_gen.host_org_details                   ? 
_entity_src_gen.expression_system_id               ? 
_entity_src_gen.plasmid_name                       'BS-pSGX4(BC)' 
_entity_src_gen.plasmid_details                    ? 
_entity_src_gen.pdbx_description                   ? 
# 
loop_
_chem_comp.id 
_chem_comp.type 
_chem_comp.mon_nstd_flag 
_chem_comp.name 
_chem_comp.pdbx_synonyms 
_chem_comp.formula 
_chem_comp.formula_weight 
ALA 'L-peptide linking' y ALANINE          ? 'C3 H7 N O2'     89.093  
ARG 'L-peptide linking' y ARGININE         ? 'C6 H15 N4 O2 1' 175.209 
ASN 'L-peptide linking' y ASPARAGINE       ? 'C4 H8 N2 O3'    132.118 
ASP 'L-peptide linking' y 'ASPARTIC ACID'  ? 'C4 H7 N O4'     133.103 
GLN 'L-peptide linking' y GLUTAMINE        ? 'C5 H10 N2 O3'   146.144 
GLU 'L-peptide linking' y 'GLUTAMIC ACID'  ? 'C5 H9 N O4'     147.129 
GLY 'peptide linking'   y GLYCINE          ? 'C2 H5 N O2'     75.067  
HIS 'L-peptide linking' y HISTIDINE        ? 'C6 H10 N3 O2 1' 156.162 
ILE 'L-peptide linking' y ISOLEUCINE       ? 'C6 H13 N O2'    131.173 
LEU 'L-peptide linking' y LEUCINE          ? 'C6 H13 N O2'    131.173 
LYS 'L-peptide linking' y LYSINE           ? 'C6 H15 N2 O2 1' 147.195 
MSE 'L-peptide linking' n SELENOMETHIONINE ? 'C5 H11 N O2 Se' 196.106 
PHE 'L-peptide linking' y PHENYLALANINE    ? 'C9 H11 N O2'    165.189 
PRO 'L-peptide linking' y PROLINE          ? 'C5 H9 N O2'     115.130 
SER 'L-peptide linking' y SERINE           ? 'C3 H7 N O3'     105.093 
THR 'L-peptide linking' y THREONINE        ? 'C4 H9 N O3'     119.119 
TYR 'L-peptide linking' y TYROSINE         ? 'C9 H11 N O3'    181.189 
VAL 'L-peptide linking' y VALINE           ? 'C5 H11 N O2'    117.146 
# 
loop_
_pdbx_poly_seq_scheme.asym_id 
_pdbx_poly_seq_scheme.entity_id 
_pdbx_poly_seq_scheme.seq_id 
_pdbx_poly_seq_scheme.mon_id 
_pdbx_poly_seq_scheme.ndb_seq_num 
_pdbx_poly_seq_scheme.pdb_seq_num 
_pdbx_poly_seq_scheme.auth_seq_num 
_pdbx_poly_seq_scheme.pdb_mon_id 
_pdbx_poly_seq_scheme.auth_mon_id 
_pdbx_poly_seq_scheme.pdb_strand_id 
_pdbx_poly_seq_scheme.pdb_ins_code 
_pdbx_poly_seq_scheme.hetero 
A 1 1   MSE 1   1004 ?    ?   ?   A . n 
A 1 2   SER 2   1005 1005 SER SER A . n 
A 1 3   LEU 3   1006 1006 LEU LEU A . n 
A 1 4   ARG 4   1007 1007 ARG ARG A . n 
A 1 5   THR 5   1008 1008 THR THR A . n 
A 1 6   LYS 6   1009 1009 LYS LYS A . n 
A 1 7   GLY 7   1010 1010 GLY GLY A . n 
A 1 8   ASN 8   1011 1011 ASN ASN A . n 
A 1 9   ALA 9   1012 1012 ALA ALA A . n 
A 1 10  GLU 10  1013 1013 GLU GLU A . n 
A 1 11  LEU 11  1014 1014 LEU LEU A . n 
A 1 12  ILE 12  1015 1015 ILE ILE A . n 
A 1 13  LEU 13  1016 1016 LEU LEU A . n 
A 1 14  GLN 14  1017 1017 GLN GLN A . n 
A 1 15  ILE 15  1018 1018 ILE ILE A . n 
A 1 16  ASP 16  1019 1019 ASP ASP A . n 
A 1 17  ALA 17  1020 1020 ALA ALA A . n 
A 1 18  TYR 18  1021 1021 TYR TYR A . n 
A 1 19  LEU 19  1022 1022 LEU LEU A . n 
A 1 20  PRO 20  1023 1023 PRO PRO A . n 
A 1 21  ASP 21  1024 1024 ASP ASP A . n 
A 1 22  THR 22  1025 1025 THR THR A . n 
A 1 23  TYR 23  1026 1026 TYR TYR A . n 
A 1 24  ILE 24  1027 1027 ILE ILE A . n 
A 1 25  SER 25  1028 1028 SER SER A . n 
A 1 26  ASP 26  1029 1029 ASP ASP A . n 
A 1 27  GLN 27  1030 1030 GLN GLN A . n 
A 1 28  ARG 28  1031 1031 ARG ARG A . n 
A 1 29  HIS 29  1032 1032 HIS HIS A . n 
A 1 30  LYS 30  1033 1033 LYS LYS A . n 
A 1 31  ILE 31  1034 1034 ILE ILE A . n 
A 1 32  GLU 32  1035 1035 GLU GLU A . n 
A 1 33  ILE 33  1036 1036 ILE ILE A . n 
A 1 34  TYR 34  1037 1037 TYR TYR A . n 
A 1 35  LYS 35  1038 1038 LYS LYS A . n 
A 1 36  LYS 36  1039 1039 LYS LYS A . n 
A 1 37  ILE 37  1040 1040 ILE ILE A . n 
A 1 38  ARG 38  1041 1041 ARG ARG A . n 
A 1 39  GLN 39  1042 1042 GLN GLN A . n 
A 1 40  ILE 40  1043 1043 ILE ILE A . n 
A 1 41  ASP 41  1044 1044 ASP ASP A . n 
A 1 42  ASN 42  1045 1045 ASN ASN A . n 
A 1 43  ARG 43  1046 1046 ARG ARG A . n 
A 1 44  VAL 44  1047 1047 VAL VAL A . n 
A 1 45  ASN 45  1048 1048 ASN ASN A . n 
A 1 46  TYR 46  1049 1049 TYR TYR A . n 
A 1 47  GLU 47  1050 1050 GLU GLU A . n 
A 1 48  GLU 48  1051 1051 GLU GLU A . n 
A 1 49  LEU 49  1052 1052 LEU LEU A . n 
A 1 50  GLN 50  1053 1053 GLN GLN A . n 
A 1 51  GLU 51  1054 1054 GLU GLU A . n 
A 1 52  GLU 52  1055 1055 GLU GLU A . n 
A 1 53  LEU 53  1056 1056 LEU LEU A . n 
A 1 54  ILE 54  1057 1057 ILE ILE A . n 
A 1 55  ASP 55  1058 1058 ASP ASP A . n 
A 1 56  ARG 56  1059 1059 ARG ARG A . n 
A 1 57  PHE 57  1060 1060 PHE PHE A . n 
A 1 58  GLY 58  1061 1061 GLY GLY A . n 
A 1 59  GLU 59  1062 1062 GLU GLU A . n 
A 1 60  TYR 60  1063 1063 TYR TYR A . n 
A 1 61  PRO 61  1064 1064 PRO PRO A . n 
A 1 62  ASP 62  1065 1065 ASP ASP A . n 
A 1 63  VAL 63  1066 1066 VAL VAL A . n 
A 1 64  VAL 64  1067 1067 VAL VAL A . n 
A 1 65  ALA 65  1068 1068 ALA ALA A . n 
A 1 66  TYR 66  1069 1069 TYR TYR A . n 
A 1 67  LEU 67  1070 1070 LEU LEU A . n 
A 1 68  LEU 68  1071 1071 LEU LEU A . n 
A 1 69  GLU 69  1072 1072 GLU GLU A . n 
A 1 70  ILE 70  1073 1073 ILE ILE A . n 
A 1 71  GLY 71  1074 1074 GLY GLY A . n 
A 1 72  LEU 72  1075 1075 LEU LEU A . n 
A 1 73  VAL 73  1076 1076 VAL VAL A . n 
A 1 74  LYS 74  1077 1077 LYS LYS A . n 
A 1 75  SER 75  1078 1078 SER SER A . n 
A 1 76  TYR 76  1079 1079 TYR TYR A . n 
A 1 77  LEU 77  1080 1080 LEU LEU A . n 
A 1 78  ASP 78  1081 1081 ASP ASP A . n 
A 1 79  LYS 79  1082 1082 LYS LYS A . n 
A 1 80  VAL 80  1083 1083 VAL VAL A . n 
A 1 81  PHE 81  1084 1084 PHE PHE A . n 
A 1 82  VAL 82  1085 1085 VAL VAL A . n 
A 1 83  GLN 83  1086 1086 GLN GLN A . n 
A 1 84  ARG 84  1087 1087 ARG ARG A . n 
A 1 85  VAL 85  1088 1088 VAL VAL A . n 
A 1 86  GLU 86  1089 1089 GLU GLU A . n 
A 1 87  ARG 87  1090 1090 ARG ARG A . n 
A 1 88  LYS 88  1091 1091 LYS LYS A . n 
A 1 89  ASP 89  1092 1092 ASP ASP A . n 
A 1 90  ASN 90  1093 1093 ASN ASN A . n 
A 1 91  LYS 91  1094 1094 LYS LYS A . n 
A 1 92  ILE 92  1095 1095 ILE ILE A . n 
A 1 93  THR 93  1096 1096 THR THR A . n 
A 1 94  ILE 94  1097 1097 ILE ILE A . n 
A 1 95  GLN 95  1098 1098 GLN GLN A . n 
A 1 96  PHE 96  1099 1099 PHE PHE A . n 
A 1 97  GLU 97  1100 1100 GLU GLU A . n 
A 1 98  LYS 98  1101 1101 LYS LYS A . n 
A 1 99  VAL 99  1102 1102 VAL VAL A . n 
A 1 100 THR 100 1103 1103 THR THR A . n 
A 1 101 GLN 101 1104 1104 GLN GLN A . n 
A 1 102 ARG 102 1105 1105 ARG ARG A . n 
A 1 103 LEU 103 1106 1106 LEU LEU A . n 
A 1 104 PHE 104 1107 1107 PHE PHE A . n 
A 1 105 LEU 105 1108 1108 LEU LEU A . n 
A 1 106 ALA 106 1109 1109 ALA ALA A . n 
A 1 107 GLN 107 1110 1110 GLN GLN A . n 
A 1 108 ASP 108 1111 1111 ASP ASP A . n 
A 1 109 TYR 109 1112 1112 TYR TYR A . n 
A 1 110 PHE 110 1113 1113 PHE PHE A . n 
A 1 111 LYS 111 1114 1114 LYS LYS A . n 
A 1 112 ALA 112 1115 1115 ALA ALA A . n 
A 1 113 LEU 113 1116 1116 LEU LEU A . n 
A 1 114 SER 114 1117 1117 SER SER A . n 
A 1 115 VAL 115 1118 1118 VAL VAL A . n 
A 1 116 THR 116 1119 1119 THR THR A . n 
A 1 117 ASN 117 1120 1120 ASN ASN A . n 
A 1 118 LEU 118 1121 1121 LEU LEU A . n 
A 1 119 LYS 119 1122 1122 LYS LYS A . n 
A 1 120 ALA 120 1123 1123 ALA ALA A . n 
A 1 121 GLY 121 1124 1124 GLY GLY A . n 
A 1 122 ILE 122 1125 1125 ILE ILE A . n 
A 1 123 ALA 123 1126 1126 ALA ALA A . n 
A 1 124 GLU 124 1127 1127 GLU GLU A . n 
A 1 125 ASN 125 1128 1128 ASN ASN A . n 
A 1 126 LYS 126 1129 1129 LYS LYS A . n 
A 1 127 GLY 127 1130 1130 GLY GLY A . n 
A 1 128 LEU 128 1131 1131 LEU LEU A . n 
A 1 129 MSE 129 1132 1132 MSE MSE A . n 
A 1 130 GLU 130 1133 1133 GLU GLU A . n 
A 1 131 LEU 131 1134 1134 LEU LEU A . n 
A 1 132 VAL 132 1135 1135 VAL VAL A . n 
A 1 133 PHE 133 1136 1136 PHE PHE A . n 
A 1 134 ASP 134 1137 1137 ASP ASP A . n 
A 1 135 VAL 135 1138 1138 VAL VAL A . n 
A 1 136 GLN 136 1139 1139 GLN GLN A . n 
A 1 137 ASN 137 1140 1140 ASN ASN A . n 
A 1 138 LYS 138 1141 1141 LYS LYS A . n 
A 1 139 LYS 139 1142 1142 LYS LYS A . n 
A 1 140 ASP 140 1143 1143 ASP ASP A . n 
A 1 141 TYR 141 1144 1144 TYR TYR A . n 
A 1 142 GLU 142 1145 1145 GLU GLU A . n 
A 1 143 ILE 143 1146 1146 ILE ILE A . n 
A 1 144 LEU 144 1147 1147 LEU LEU A . n 
A 1 145 GLU 145 1148 1148 GLU GLU A . n 
A 1 146 GLY 146 1149 1149 GLY GLY A . n 
A 1 147 LEU 147 1150 1150 LEU LEU A . n 
A 1 148 LEU 148 1151 1151 LEU LEU A . n 
A 1 149 ILE 149 1152 1152 ILE ILE A . n 
A 1 150 PHE 150 1153 1153 PHE PHE A . n 
A 1 151 GLY 151 1154 1154 GLY GLY A . n 
A 1 152 GLU 152 1155 1155 GLU GLU A . n 
A 1 153 SER 153 1156 1156 SER SER A . n 
A 1 154 LEU 154 1157 1157 LEU LEU A . n 
A 1 155 LEU 155 1158 1158 LEU LEU A . n 
A 1 156 GLU 156 1159 1159 GLU GLU A . n 
A 1 157 ILE 157 1160 1160 ILE ILE A . n 
A 1 158 LYS 158 1161 1161 LYS LYS A . n 
A 1 159 GLU 159 1162 1162 GLU GLU A . n 
A 1 160 SER 160 1163 1163 SER SER A . n 
A 1 161 LYS 161 1164 1164 LYS LYS A . n 
A 1 162 GLU 162 1165 1165 GLU GLU A . n 
A 1 163 LYS 163 1166 ?    ?   ?   A . n 
A 1 164 ASN 164 1167 ?    ?   ?   A . n 
A 1 165 SER 165 1168 ?    ?   ?   A . n 
A 1 166 GLU 166 1169 ?    ?   ?   A . n 
A 1 167 GLY 167 1170 ?    ?   ?   A . n 
A 1 168 HIS 168 1171 ?    ?   ?   A . n 
A 1 169 HIS 169 1172 ?    ?   ?   A . n 
A 1 170 HIS 170 1173 ?    ?   ?   A . n 
A 1 171 HIS 171 1174 ?    ?   ?   A . n 
A 1 172 HIS 172 1175 ?    ?   ?   A . n 
A 1 173 HIS 173 1176 ?    ?   ?   A . n 
# 
loop_
_pdbx_unobs_or_zero_occ_atoms.id 
_pdbx_unobs_or_zero_occ_atoms.PDB_model_num 
_pdbx_unobs_or_zero_occ_atoms.polymer_flag 
_pdbx_unobs_or_zero_occ_atoms.occupancy_flag 
_pdbx_unobs_or_zero_occ_atoms.auth_asym_id 
_pdbx_unobs_or_zero_occ_atoms.auth_comp_id 
_pdbx_unobs_or_zero_occ_atoms.auth_seq_id 
_pdbx_unobs_or_zero_occ_atoms.PDB_ins_code 
_pdbx_unobs_or_zero_occ_atoms.auth_atom_id 
_pdbx_unobs_or_zero_occ_atoms.label_alt_id 
_pdbx_unobs_or_zero_occ_atoms.label_asym_id 
_pdbx_unobs_or_zero_occ_atoms.label_comp_id 
_pdbx_unobs_or_zero_occ_atoms.label_seq_id 
_pdbx_unobs_or_zero_occ_atoms.label_atom_id 
1 1 Y 1 A GLU 1054 ? CD  ? A GLU 51  CD  
2 1 Y 1 A GLU 1054 ? OE1 ? A GLU 51  OE1 
3 1 Y 1 A GLU 1054 ? OE2 ? A GLU 51  OE2 
4 1 Y 1 A GLU 1127 ? CD  ? A GLU 124 CD  
5 1 Y 1 A GLU 1127 ? OE1 ? A GLU 124 OE1 
6 1 Y 1 A GLU 1127 ? OE2 ? A GLU 124 OE2 
# 
loop_
_software.name 
_software.version 
_software.date 
_software.type 
_software.contact_author 
_software.contact_author_email 
_software.classification 
_software.location 
_software.language 
_software.citation_id 
_software.pdbx_ordinal 
DENZO       .     ?              package 'Zbyszek Otwinowski' zbyszek@mix.swmed.edu    'data reduction'  
http://www.lnls.br/infra/linhasluz/denzo-hkl.htm ?          ? 1 
SCALEPACK   .     ?              package 'Zbyszek Otwinowski' zbyszek@mix.swmed.edu    'data scaling'    
http://www.lnls.br/infra/linhasluz/denzo-hkl.htm ?          ? 2 
REFMAC      .     ?              program 'Murshudov, G.N.'    ccp4@dl.ac.uk            refinement        
http://www.ccp4.ac.uk/main.html                  Fortran_77 ? 3 
PDB_EXTRACT 3.000 'July 2, 2007' package PDB                  sw-help@rcsb.rutgers.edu 'data extraction' 
http://pdb.rutgers.edu/software/                 C++        ? 4 
MAR345dtb   .     ?              ?       ?                    ?                        'data collection' ? ?          ? 5 
HKL-2000    .     ?              ?       ?                    ?                        'data reduction'  ? ?          ? 6 
SHELXD      .     ?              ?       ?                    ?                        phasing           ? ?          ? 7 
SHELXE      .     ?              ?       ?                    ?                        'model building'  ? ?          ? 8 
RESOLVE     .     ?              ?       ?                    ?                        phasing           ? ?          ? 9 
# 
_cell.length_a           84.891 
_cell.length_b           84.891 
_cell.length_c           122.021 
_cell.angle_alpha        90.000 
_cell.angle_beta         90.000 
_cell.angle_gamma        120.000 
_cell.entry_id           2QSR 
_cell.pdbx_unique_axis   ? 
_cell.Z_PDB              12 
_cell.length_a_esd       ? 
_cell.length_b_esd       ? 
_cell.length_c_esd       ? 
_cell.angle_alpha_esd    ? 
_cell.angle_beta_esd     ? 
_cell.angle_gamma_esd    ? 
# 
_symmetry.space_group_name_H-M             'P 61 2 2' 
_symmetry.entry_id                         2QSR 
_symmetry.Int_Tables_number                178 
_symmetry.pdbx_full_space_group_name_H-M   ? 
_symmetry.cell_setting                     ? 
_symmetry.space_group_name_Hall            ? 
# 
_exptl.entry_id          2QSR 
_exptl.method            'X-RAY DIFFRACTION' 
_exptl.crystals_number   1 
# 
_exptl_crystal.id                    1 
_exptl_crystal.density_Matthews      3.09 
_exptl_crystal.density_meas          ? 
_exptl_crystal.density_percent_sol   60.25 
_exptl_crystal.description           ? 
_exptl_crystal.F_000                 ? 
_exptl_crystal.preparation           ? 
# 
_exptl_crystal_grow.crystal_id      1 
_exptl_crystal_grow.method          'VAPOR DIFFUSION, SITTING DROP' 
_exptl_crystal_grow.pH              6.5 
_exptl_crystal_grow.temp            298 
_exptl_crystal_grow.pdbx_details    '1.6 M Sodium citrate pH 6.5, temperature 298K, VAPOR DIFFUSION, SITTING DROP' 
_exptl_crystal_grow.temp_details    ? 
_exptl_crystal_grow.pdbx_pH_range   . 
# 
_diffrn.id                     1 
_diffrn.ambient_temp           100 
_diffrn.ambient_temp_details   ? 
_diffrn.crystal_id             1 
# 
_diffrn_detector.diffrn_id              1 
_diffrn_detector.detector               CCD 
_diffrn_detector.type                   'MAR CCD 165 mm' 
_diffrn_detector.pdbx_collection_date   2007-02-09 
_diffrn_detector.details                ? 
# 
_diffrn_radiation.diffrn_id                        1 
_diffrn_radiation.pdbx_diffrn_protocol             'SINGLE WAVELENGTH' 
_diffrn_radiation.monochromator                    ? 
_diffrn_radiation.wavelength_id                    1 
_diffrn_radiation.pdbx_monochromatic_or_laue_m_l   M 
_diffrn_radiation.pdbx_scattering_type             x-ray 
# 
_diffrn_radiation_wavelength.id           1 
_diffrn_radiation_wavelength.wavelength   0.97930 
_diffrn_radiation_wavelength.wt           1.0 
# 
_diffrn_source.diffrn_id                   1 
_diffrn_source.source                      SYNCHROTRON 
_diffrn_source.type                        'APS BEAMLINE 31-ID' 
_diffrn_source.pdbx_wavelength_list        0.97930 
_diffrn_source.pdbx_wavelength             ? 
_diffrn_source.pdbx_synchrotron_site       APS 
_diffrn_source.pdbx_synchrotron_beamline   31-ID 
# 
_reflns.entry_id                     2QSR 
_reflns.d_resolution_high            3.100 
_reflns.d_resolution_low             50.000 
_reflns.number_obs                   5156 
_reflns.pdbx_Rmerge_I_obs            0.127 
_reflns.pdbx_netI_over_sigmaI        4.600 
_reflns.pdbx_chi_squared             0.718 
_reflns.pdbx_redundancy              19.400 
_reflns.percent_possible_obs         100.000 
_reflns.observed_criterion_sigma_F   0 
_reflns.observed_criterion_sigma_I   0 
_reflns.number_all                   5156 
_reflns.pdbx_Rsym_value              ? 
_reflns.B_iso_Wilson_estimate        ? 
_reflns.R_free_details               ? 
_reflns.limit_h_max                  ? 
_reflns.limit_h_min                  ? 
_reflns.limit_k_max                  ? 
_reflns.limit_k_min                  ? 
_reflns.limit_l_max                  ? 
_reflns.limit_l_min                  ? 
_reflns.observed_criterion_F_max     ? 
_reflns.observed_criterion_F_min     ? 
_reflns.pdbx_scaling_rejects         ? 
_reflns.pdbx_ordinal                 1 
_reflns.pdbx_diffrn_id               1 
# 
_reflns_shell.d_res_high             3.10 
_reflns_shell.d_res_low              3.21 
_reflns_shell.number_measured_obs    ? 
_reflns_shell.number_measured_all    ? 
_reflns_shell.number_unique_obs      ? 
_reflns_shell.Rmerge_I_obs           0.817 
_reflns_shell.meanI_over_sigI_obs    3.24 
_reflns_shell.pdbx_Rsym_value        0.707 
_reflns_shell.pdbx_chi_squared       0.484 
_reflns_shell.pdbx_redundancy        19.10 
_reflns_shell.percent_possible_obs   ? 
_reflns_shell.number_unique_all      493 
_reflns_shell.percent_possible_all   100.00 
_reflns_shell.pdbx_ordinal           1 
_reflns_shell.pdbx_diffrn_id         1 
# 
_refine.entry_id                                 2QSR 
_refine.ls_d_res_high                            3.100 
_refine.ls_d_res_low                             42.450 
_refine.pdbx_ls_sigma_F                          0.00 
_refine.ls_percent_reflns_obs                    99.860 
_refine.ls_number_reflns_obs                     5117 
_refine.pdbx_ls_cross_valid_method               THROUGHOUT 
_refine.pdbx_R_Free_selection_details            RANDOM 
_refine.details                                  'HYDROGENS HAVE BEEN ADDED IN THE RIDING POSITIONS' 
_refine.ls_R_factor_obs                          0.187 
_refine.ls_R_factor_R_work                       0.184 
_refine.ls_R_factor_R_free                       0.243 
_refine.ls_percent_reflns_R_free                 4.600 
_refine.ls_number_reflns_R_free                  234 
_refine.B_iso_mean                               49.754 
_refine.aniso_B[1][1]                            -0.450 
_refine.aniso_B[2][2]                            -0.450 
_refine.aniso_B[3][3]                            0.670 
_refine.aniso_B[1][2]                            -0.220 
_refine.aniso_B[1][3]                            0.000 
_refine.aniso_B[2][3]                            0.000 
_refine.correlation_coeff_Fo_to_Fc               0.943 
_refine.correlation_coeff_Fo_to_Fc_free          0.929 
_refine.pdbx_overall_ESU_R_Free                  0.400 
_refine.overall_SU_ML                            0.310 
_refine.overall_SU_B                             40.316 
_refine.solvent_model_details                    MASK 
_refine.pdbx_solvent_vdw_probe_radii             1.200 
_refine.pdbx_solvent_ion_probe_radii             0.800 
_refine.pdbx_solvent_shrinkage_radii             0.800 
_refine.pdbx_method_to_determine_struct          ? 
_refine.pdbx_stereochemistry_target_values       'MAXIMUM LIKELIHOOD' 
_refine.pdbx_ls_sigma_I                          0 
_refine.ls_number_reflns_all                     5117 
_refine.ls_R_factor_all                          0.187 
_refine.ls_redundancy_reflns_obs                 ? 
_refine.pdbx_data_cutoff_high_absF               ? 
_refine.pdbx_data_cutoff_low_absF                ? 
_refine.ls_number_parameters                     ? 
_refine.ls_number_restraints                     ? 
_refine.ls_R_factor_R_free_error                 ? 
_refine.ls_R_factor_R_free_error_details         ? 
_refine.pdbx_starting_model                      ? 
_refine.pdbx_stereochem_target_val_spec_case     ? 
_refine.solvent_model_param_bsol                 ? 
_refine.solvent_model_param_ksol                 ? 
_refine.occupancy_max                            ? 
_refine.occupancy_min                            ? 
_refine.pdbx_isotropic_thermal_model             ? 
_refine.B_iso_min                                ? 
_refine.B_iso_max                                ? 
_refine.overall_SU_R_Cruickshank_DPI             ? 
_refine.overall_SU_R_free                        ? 
_refine.pdbx_data_cutoff_high_rms_absF           ? 
_refine.pdbx_overall_ESU_R                       ? 
_refine.ls_wR_factor_R_free                      ? 
_refine.ls_wR_factor_R_work                      ? 
_refine.overall_FOM_free_R_set                   ? 
_refine.overall_FOM_work_R_set                   ? 
_refine.pdbx_refine_id                           'X-RAY DIFFRACTION' 
_refine.pdbx_TLS_residual_ADP_flag               'LIKELY RESIDUAL' 
_refine.pdbx_diffrn_id                           1 
_refine.pdbx_overall_phase_error                 ? 
_refine.pdbx_overall_SU_R_free_Cruickshank_DPI   ? 
_refine.pdbx_overall_SU_R_Blow_DPI               ? 
_refine.pdbx_overall_SU_R_free_Blow_DPI          ? 
# 
_refine_hist.pdbx_refine_id                   'X-RAY DIFFRACTION' 
_refine_hist.cycle_id                         LAST 
_refine_hist.pdbx_number_atoms_protein        1329 
_refine_hist.pdbx_number_atoms_nucleic_acid   0 
_refine_hist.pdbx_number_atoms_ligand         0 
_refine_hist.number_atoms_solvent             0 
_refine_hist.number_atoms_total               1329 
_refine_hist.d_res_high                       3.100 
_refine_hist.d_res_low                        42.450 
# 
loop_
_refine_ls_restr.type 
_refine_ls_restr.number 
_refine_ls_restr.dev_ideal 
_refine_ls_restr.dev_ideal_target 
_refine_ls_restr.weight 
_refine_ls_restr.pdbx_refine_id 
_refine_ls_restr.pdbx_restraint_function 
r_bond_refined_d         1347 0.008  0.022  ? 'X-RAY DIFFRACTION' ? 
r_angle_refined_deg      1810 1.116  1.988  ? 'X-RAY DIFFRACTION' ? 
r_dihedral_angle_1_deg   160  5.624  5.000  ? 'X-RAY DIFFRACTION' ? 
r_dihedral_angle_2_deg   68   30.160 25.147 ? 'X-RAY DIFFRACTION' ? 
r_dihedral_angle_3_deg   272  20.022 15.000 ? 'X-RAY DIFFRACTION' ? 
r_dihedral_angle_4_deg   8    16.060 15.000 ? 'X-RAY DIFFRACTION' ? 
r_chiral_restr           206  0.080  0.200  ? 'X-RAY DIFFRACTION' ? 
r_gen_planes_refined     987  0.003  0.020  ? 'X-RAY DIFFRACTION' ? 
r_nbd_refined            672  0.275  0.300  ? 'X-RAY DIFFRACTION' ? 
r_nbtor_refined          950  0.351  0.500  ? 'X-RAY DIFFRACTION' ? 
r_xyhbond_nbd_refined    96   0.168  0.500  ? 'X-RAY DIFFRACTION' ? 
r_symmetry_vdw_refined   34   0.345  0.300  ? 'X-RAY DIFFRACTION' ? 
r_symmetry_hbond_refined 5    0.351  0.500  ? 'X-RAY DIFFRACTION' ? 
r_mcbond_it              805  5.223  2.000  ? 'X-RAY DIFFRACTION' ? 
r_mcangle_it             1294 7.773  3.000  ? 'X-RAY DIFFRACTION' ? 
r_scbond_it              582  6.656  2.000  ? 'X-RAY DIFFRACTION' ? 
r_scangle_it             516  10.020 3.000  ? 'X-RAY DIFFRACTION' ? 
# 
_refine_ls_shell.d_res_high                       3.10 
_refine_ls_shell.d_res_low                        3.18 
_refine_ls_shell.pdbx_total_number_of_bins_used   20 
_refine_ls_shell.percent_reflns_obs               100.000 
_refine_ls_shell.number_reflns_R_work             336 
_refine_ls_shell.R_factor_all                     ? 
_refine_ls_shell.R_factor_R_work                  0.249 
_refine_ls_shell.R_factor_R_free                  0.528 
_refine_ls_shell.percent_reflns_R_free            ? 
_refine_ls_shell.number_reflns_R_free             21 
_refine_ls_shell.R_factor_R_free_error            ? 
_refine_ls_shell.number_reflns_all                357 
_refine_ls_shell.number_reflns_obs                ? 
_refine_ls_shell.redundancy_reflns_obs            ? 
_refine_ls_shell.pdbx_refine_id                   'X-RAY DIFFRACTION' 
# 
_struct.entry_id                  2QSR 
_struct.title                     'Crystal structure of C-terminal domain of transcription-repair coupling factor' 
_struct.pdbx_model_details        ? 
_struct.pdbx_CASP_flag            ? 
_struct.pdbx_model_type_details   ? 
# 
_struct_keywords.entry_id        2QSR 
_struct_keywords.text            
;structural genomics, Transcription-repair, PSI-2, Protein Structure Initiative, New York SGX Research Center for Structural Genomics, NYSGXRC, ATP-binding, Helicase, Hydrolase, Nucleotide-binding, TRANSCRIPTION
;
_struct_keywords.pdbx_keywords   TRANSCRIPTION 
# 
_struct_asym.id                            A 
_struct_asym.pdbx_blank_PDB_chainid_flag   N 
_struct_asym.pdbx_modified                 N 
_struct_asym.entity_id                     1 
_struct_asym.details                       ? 
# 
_struct_ref.id                         1 
_struct_ref.db_name                    UNP 
_struct_ref.db_code                    Q8DRQ1_STRR6 
_struct_ref.pdbx_db_accession          Q8DRQ1 
_struct_ref.entity_id                  1 
_struct_ref.pdbx_seq_one_letter_code   
;RTKGNAELILQIDAYLPDTYISDQRHKIEIYKKIRQIDNRVNYEELQEELIDRFGEYPDVVAYLLEIGLVKSYLDKVFVQ
RVERKDNKITIQFEKVTQRLFLAQDYFKALSVTNLKAGIAENKGLMELVFDVQNKKDYEILEGLLIFGESLLEIKESKEK
NS
;
_struct_ref.pdbx_align_begin           1007 
_struct_ref.pdbx_db_isoform            ? 
# 
_struct_ref_seq.align_id                      1 
_struct_ref_seq.ref_id                        1 
_struct_ref_seq.pdbx_PDB_id_code              2QSR 
_struct_ref_seq.pdbx_strand_id                A 
_struct_ref_seq.seq_align_beg                 4 
_struct_ref_seq.pdbx_seq_align_beg_ins_code   ? 
_struct_ref_seq.seq_align_end                 165 
_struct_ref_seq.pdbx_seq_align_end_ins_code   ? 
_struct_ref_seq.pdbx_db_accession             Q8DRQ1 
_struct_ref_seq.db_align_beg                  1007 
_struct_ref_seq.pdbx_db_align_beg_ins_code    ? 
_struct_ref_seq.db_align_end                  1168 
_struct_ref_seq.pdbx_db_align_end_ins_code    ? 
_struct_ref_seq.pdbx_auth_seq_align_beg       1007 
_struct_ref_seq.pdbx_auth_seq_align_end       1168 
# 
loop_
_struct_ref_seq_dif.align_id 
_struct_ref_seq_dif.pdbx_pdb_id_code 
_struct_ref_seq_dif.mon_id 
_struct_ref_seq_dif.pdbx_pdb_strand_id 
_struct_ref_seq_dif.seq_num 
_struct_ref_seq_dif.pdbx_pdb_ins_code 
_struct_ref_seq_dif.pdbx_seq_db_name 
_struct_ref_seq_dif.pdbx_seq_db_accession_code 
_struct_ref_seq_dif.db_mon_id 
_struct_ref_seq_dif.pdbx_seq_db_seq_num 
_struct_ref_seq_dif.details 
_struct_ref_seq_dif.pdbx_auth_seq_num 
_struct_ref_seq_dif.pdbx_ordinal 
1 2QSR MSE A 1   ? UNP Q8DRQ1 ? ? 'expression tag' 1004 1  
1 2QSR SER A 2   ? UNP Q8DRQ1 ? ? 'expression tag' 1005 2  
1 2QSR LEU A 3   ? UNP Q8DRQ1 ? ? 'expression tag' 1006 3  
1 2QSR GLU A 166 ? UNP Q8DRQ1 ? ? 'expression tag' 1169 4  
1 2QSR GLY A 167 ? UNP Q8DRQ1 ? ? 'expression tag' 1170 5  
1 2QSR HIS A 168 ? UNP Q8DRQ1 ? ? 'expression tag' 1171 6  
1 2QSR HIS A 169 ? UNP Q8DRQ1 ? ? 'expression tag' 1172 7  
1 2QSR HIS A 170 ? UNP Q8DRQ1 ? ? 'expression tag' 1173 8  
1 2QSR HIS A 171 ? UNP Q8DRQ1 ? ? 'expression tag' 1174 9  
1 2QSR HIS A 172 ? UNP Q8DRQ1 ? ? 'expression tag' 1175 10 
1 2QSR HIS A 173 ? UNP Q8DRQ1 ? ? 'expression tag' 1176 11 
# 
_pdbx_struct_assembly.id                   1 
_pdbx_struct_assembly.details              software_defined_assembly 
_pdbx_struct_assembly.method_details       PISA 
_pdbx_struct_assembly.oligomeric_details   monomeric 
_pdbx_struct_assembly.oligomeric_count     1 
# 
_pdbx_struct_assembly_gen.assembly_id       1 
_pdbx_struct_assembly_gen.oper_expression   1 
_pdbx_struct_assembly_gen.asym_id_list      A 
# 
_pdbx_struct_oper_list.id                   1 
_pdbx_struct_oper_list.type                 'identity operation' 
_pdbx_struct_oper_list.name                 1_555 
_pdbx_struct_oper_list.symmetry_operation   x,y,z 
_pdbx_struct_oper_list.matrix[1][1]         1.0000000000 
_pdbx_struct_oper_list.matrix[1][2]         0.0000000000 
_pdbx_struct_oper_list.matrix[1][3]         0.0000000000 
_pdbx_struct_oper_list.vector[1]            0.0000000000 
_pdbx_struct_oper_list.matrix[2][1]         0.0000000000 
_pdbx_struct_oper_list.matrix[2][2]         1.0000000000 
_pdbx_struct_oper_list.matrix[2][3]         0.0000000000 
_pdbx_struct_oper_list.vector[2]            0.0000000000 
_pdbx_struct_oper_list.matrix[3][1]         0.0000000000 
_pdbx_struct_oper_list.matrix[3][2]         0.0000000000 
_pdbx_struct_oper_list.matrix[3][3]         1.0000000000 
_pdbx_struct_oper_list.vector[3]            0.0000000000 
# 
_struct_biol.id   1 
# 
loop_
_struct_conf.conf_type_id 
_struct_conf.id 
_struct_conf.pdbx_PDB_helix_id 
_struct_conf.beg_label_comp_id 
_struct_conf.beg_label_asym_id 
_struct_conf.beg_label_seq_id 
_struct_conf.pdbx_beg_PDB_ins_code 
_struct_conf.end_label_comp_id 
_struct_conf.end_label_asym_id 
_struct_conf.end_label_seq_id 
_struct_conf.pdbx_end_PDB_ins_code 
_struct_conf.beg_auth_comp_id 
_struct_conf.beg_auth_asym_id 
_struct_conf.beg_auth_seq_id 
_struct_conf.end_auth_comp_id 
_struct_conf.end_auth_asym_id 
_struct_conf.end_auth_seq_id 
_struct_conf.pdbx_PDB_helix_class 
_struct_conf.details 
_struct_conf.pdbx_PDB_helix_length 
HELX_P HELX_P1 1 ASP A 26  ? GLN A 39  ? ASP A 1029 GLN A 1042 1 ? 14 
HELX_P HELX_P2 2 ASN A 42  ? GLY A 58  ? ASN A 1045 GLY A 1061 1 ? 17 
HELX_P HELX_P3 3 PRO A 61  ? VAL A 80  ? PRO A 1064 VAL A 1083 1 ? 20 
HELX_P HELX_P4 4 VAL A 99  ? PHE A 104 ? VAL A 1102 PHE A 1107 1 ? 6  
HELX_P HELX_P5 5 LEU A 105 ? SER A 114 ? LEU A 1108 SER A 1117 1 ? 10 
HELX_P HELX_P6 6 LYS A 139 ? SER A 160 ? LYS A 1142 SER A 1163 1 ? 22 
# 
_struct_conf_type.id          HELX_P 
_struct_conf_type.criteria    ? 
_struct_conf_type.reference   ? 
# 
loop_
_struct_conn.id 
_struct_conn.conn_type_id 
_struct_conn.pdbx_leaving_atom_flag 
_struct_conn.pdbx_PDB_id 
_struct_conn.ptnr1_label_asym_id 
_struct_conn.ptnr1_label_comp_id 
_struct_conn.ptnr1_label_seq_id 
_struct_conn.ptnr1_label_atom_id 
_struct_conn.pdbx_ptnr1_label_alt_id 
_struct_conn.pdbx_ptnr1_PDB_ins_code 
_struct_conn.pdbx_ptnr1_standard_comp_id 
_struct_conn.ptnr1_symmetry 
_struct_conn.ptnr2_label_asym_id 
_struct_conn.ptnr2_label_comp_id 
_struct_conn.ptnr2_label_seq_id 
_struct_conn.ptnr2_label_atom_id 
_struct_conn.pdbx_ptnr2_label_alt_id 
_struct_conn.pdbx_ptnr2_PDB_ins_code 
_struct_conn.ptnr1_auth_asym_id 
_struct_conn.ptnr1_auth_comp_id 
_struct_conn.ptnr1_auth_seq_id 
_struct_conn.ptnr2_auth_asym_id 
_struct_conn.ptnr2_auth_comp_id 
_struct_conn.ptnr2_auth_seq_id 
_struct_conn.ptnr2_symmetry 
_struct_conn.pdbx_ptnr3_label_atom_id 
_struct_conn.pdbx_ptnr3_label_seq_id 
_struct_conn.pdbx_ptnr3_label_comp_id 
_struct_conn.pdbx_ptnr3_label_asym_id 
_struct_conn.pdbx_ptnr3_label_alt_id 
_struct_conn.pdbx_ptnr3_PDB_ins_code 
_struct_conn.details 
_struct_conn.pdbx_dist_value 
_struct_conn.pdbx_value_order 
_struct_conn.pdbx_role 
covale1 covale both ? A LEU 128 C ? ? ? 1_555 A MSE 129 N ? ? A LEU 1131 A MSE 1132 1_555 ? ? ? ? ? ? ? 1.331 ? ? 
covale2 covale both ? A MSE 129 C ? ? ? 1_555 A GLU 130 N ? ? A MSE 1132 A GLU 1133 1_555 ? ? ? ? ? ? ? 1.328 ? ? 
# 
_struct_conn_type.id          covale 
_struct_conn_type.criteria    ? 
_struct_conn_type.reference   ? 
# 
_pdbx_modification_feature.ordinal                            1 
_pdbx_modification_feature.label_comp_id                      MSE 
_pdbx_modification_feature.label_asym_id                      A 
_pdbx_modification_feature.label_seq_id                       129 
_pdbx_modification_feature.label_alt_id                       ? 
_pdbx_modification_feature.modified_residue_label_comp_id     . 
_pdbx_modification_feature.modified_residue_label_asym_id     . 
_pdbx_modification_feature.modified_residue_label_seq_id      . 
_pdbx_modification_feature.modified_residue_label_alt_id      . 
_pdbx_modification_feature.auth_comp_id                       MSE 
_pdbx_modification_feature.auth_asym_id                       A 
_pdbx_modification_feature.auth_seq_id                        1132 
_pdbx_modification_feature.PDB_ins_code                       ? 
_pdbx_modification_feature.symmetry                           1_555 
_pdbx_modification_feature.modified_residue_auth_comp_id      . 
_pdbx_modification_feature.modified_residue_auth_asym_id      . 
_pdbx_modification_feature.modified_residue_auth_seq_id       . 
_pdbx_modification_feature.modified_residue_PDB_ins_code      . 
_pdbx_modification_feature.modified_residue_symmetry          . 
_pdbx_modification_feature.comp_id_linking_atom               . 
_pdbx_modification_feature.modified_residue_id_linking_atom   . 
_pdbx_modification_feature.modified_residue_id                MET 
_pdbx_modification_feature.ref_pcm_id                         1 
_pdbx_modification_feature.ref_comp_id                        MSE 
_pdbx_modification_feature.type                               Selenomethionine 
_pdbx_modification_feature.category                           'Named protein modification' 
# 
_struct_sheet.id               A 
_struct_sheet.type             ? 
_struct_sheet.number_strands   5 
_struct_sheet.details          ? 
# 
loop_
_struct_sheet_order.sheet_id 
_struct_sheet_order.range_id_1 
_struct_sheet_order.range_id_2 
_struct_sheet_order.offset 
_struct_sheet_order.sense 
A 1 2 ? parallel      
A 2 3 ? anti-parallel 
A 3 4 ? anti-parallel 
A 4 5 ? anti-parallel 
# 
loop_
_struct_sheet_range.sheet_id 
_struct_sheet_range.id 
_struct_sheet_range.beg_label_comp_id 
_struct_sheet_range.beg_label_asym_id 
_struct_sheet_range.beg_label_seq_id 
_struct_sheet_range.pdbx_beg_PDB_ins_code 
_struct_sheet_range.end_label_comp_id 
_struct_sheet_range.end_label_asym_id 
_struct_sheet_range.end_label_seq_id 
_struct_sheet_range.pdbx_end_PDB_ins_code 
_struct_sheet_range.beg_auth_comp_id 
_struct_sheet_range.beg_auth_asym_id 
_struct_sheet_range.beg_auth_seq_id 
_struct_sheet_range.end_auth_comp_id 
_struct_sheet_range.end_auth_asym_id 
_struct_sheet_range.end_auth_seq_id 
A 1 GLU A 10  ? ILE A 12  ? GLU A 1013 ILE A 1015 
A 2 VAL A 82  ? ARG A 87  ? VAL A 1085 ARG A 1090 
A 3 LYS A 91  ? PHE A 96  ? LYS A 1094 PHE A 1099 
A 4 LEU A 128 ? ASP A 134 ? LEU A 1131 ASP A 1137 
A 5 LYS A 119 ? ASN A 125 ? LYS A 1122 ASN A 1128 
# 
loop_
_pdbx_struct_sheet_hbond.sheet_id 
_pdbx_struct_sheet_hbond.range_id_1 
_pdbx_struct_sheet_hbond.range_id_2 
_pdbx_struct_sheet_hbond.range_1_label_atom_id 
_pdbx_struct_sheet_hbond.range_1_label_comp_id 
_pdbx_struct_sheet_hbond.range_1_label_asym_id 
_pdbx_struct_sheet_hbond.range_1_label_seq_id 
_pdbx_struct_sheet_hbond.range_1_PDB_ins_code 
_pdbx_struct_sheet_hbond.range_1_auth_atom_id 
_pdbx_struct_sheet_hbond.range_1_auth_comp_id 
_pdbx_struct_sheet_hbond.range_1_auth_asym_id 
_pdbx_struct_sheet_hbond.range_1_auth_seq_id 
_pdbx_struct_sheet_hbond.range_2_label_atom_id 
_pdbx_struct_sheet_hbond.range_2_label_comp_id 
_pdbx_struct_sheet_hbond.range_2_label_asym_id 
_pdbx_struct_sheet_hbond.range_2_label_seq_id 
_pdbx_struct_sheet_hbond.range_2_PDB_ins_code 
_pdbx_struct_sheet_hbond.range_2_auth_atom_id 
_pdbx_struct_sheet_hbond.range_2_auth_comp_id 
_pdbx_struct_sheet_hbond.range_2_auth_asym_id 
_pdbx_struct_sheet_hbond.range_2_auth_seq_id 
A 1 2 N ILE A 12  ? N ILE A 1015 O VAL A 85  ? O VAL A 1088 
A 2 3 N ARG A 84  ? N ARG A 1087 O GLN A 95  ? O GLN A 1098 
A 3 4 N ILE A 92  ? N ILE A 1095 O PHE A 133 ? O PHE A 1136 
A 4 5 O GLU A 130 ? O GLU A 1133 N ALA A 123 ? N ALA A 1126 
# 
_pdbx_entry_details.entry_id                   2QSR 
_pdbx_entry_details.compound_details           ? 
_pdbx_entry_details.source_details             ? 
_pdbx_entry_details.nonpolymer_details         ? 
_pdbx_entry_details.sequence_details           ? 
_pdbx_entry_details.has_ligand_of_interest     ? 
_pdbx_entry_details.has_protein_modification   Y 
# 
loop_
_pdbx_validate_torsion.id 
_pdbx_validate_torsion.PDB_model_num 
_pdbx_validate_torsion.auth_comp_id 
_pdbx_validate_torsion.auth_asym_id 
_pdbx_validate_torsion.auth_seq_id 
_pdbx_validate_torsion.PDB_ins_code 
_pdbx_validate_torsion.label_alt_id 
_pdbx_validate_torsion.phi 
_pdbx_validate_torsion.psi 
1 1 LEU A 1006 ? ? 60.12   -26.66  
2 1 TYR A 1021 ? ? -177.85 -179.50 
3 1 ASN A 1048 ? ? -52.45  -77.88  
4 1 TYR A 1049 ? ? -18.54  -65.53  
# 
_pdbx_SG_project.id                    1 
_pdbx_SG_project.project_name          'PSI, Protein Structure Initiative' 
_pdbx_SG_project.full_name_of_center   'New York SGX Research Center for Structural Genomics' 
_pdbx_SG_project.initial_of_center     NYSGXRC 
# 
_pdbx_struct_mod_residue.id               1 
_pdbx_struct_mod_residue.label_asym_id    A 
_pdbx_struct_mod_residue.label_comp_id    MSE 
_pdbx_struct_mod_residue.label_seq_id     129 
_pdbx_struct_mod_residue.auth_asym_id     A 
_pdbx_struct_mod_residue.auth_comp_id     MSE 
_pdbx_struct_mod_residue.auth_seq_id      1132 
_pdbx_struct_mod_residue.PDB_ins_code     ? 
_pdbx_struct_mod_residue.parent_comp_id   MET 
_pdbx_struct_mod_residue.details          SELENOMETHIONINE 
# 
_diffrn_reflns.diffrn_id                   1 
_diffrn_reflns.pdbx_d_res_high             3.100 
_diffrn_reflns.pdbx_d_res_low              50.000 
_diffrn_reflns.pdbx_number_obs             5156 
_diffrn_reflns.pdbx_Rmerge_I_obs           0.127 
_diffrn_reflns.pdbx_Rsym_value             ? 
_diffrn_reflns.pdbx_chi_squared            0.72 
_diffrn_reflns.av_sigmaI_over_netI         4.60 
_diffrn_reflns.pdbx_redundancy             19.40 
_diffrn_reflns.pdbx_percent_possible_obs   100.00 
_diffrn_reflns.number                      99779 
_diffrn_reflns.pdbx_observed_criterion     ? 
_diffrn_reflns.limit_h_max                 ? 
_diffrn_reflns.limit_h_min                 ? 
_diffrn_reflns.limit_k_max                 ? 
_diffrn_reflns.limit_k_min                 ? 
_diffrn_reflns.limit_l_max                 ? 
_diffrn_reflns.limit_l_min                 ? 
# 
loop_
_pdbx_diffrn_reflns_shell.diffrn_id 
_pdbx_diffrn_reflns_shell.d_res_high 
_pdbx_diffrn_reflns_shell.d_res_low 
_pdbx_diffrn_reflns_shell.number_obs 
_pdbx_diffrn_reflns_shell.rejects 
_pdbx_diffrn_reflns_shell.Rmerge_I_obs 
_pdbx_diffrn_reflns_shell.Rsym_value 
_pdbx_diffrn_reflns_shell.chi_squared 
_pdbx_diffrn_reflns_shell.redundancy 
_pdbx_diffrn_reflns_shell.percent_possible_obs 
1 6.67 50.00 ? ? 0.053 ? 1.258 16.50 99.80  
1 5.30 6.67  ? ? 0.086 ? 0.672 19.40 100.00 
1 4.63 5.30  ? ? 0.083 ? 0.660 19.80 100.00 
1 4.21 4.63  ? ? 0.119 ? 0.935 20.20 100.00 
1 3.91 4.21  ? ? 0.133 ? 0.628 20.40 100.00 
1 3.68 3.91  ? ? 0.208 ? 0.803 20.00 100.00 
1 3.49 3.68  ? ? 0.280 ? 0.664 19.80 100.00 
1 3.34 3.49  ? ? 0.429 ? 0.539 19.50 100.00 
1 3.21 3.34  ? ? 0.579 ? 0.518 19.30 99.80  
1 3.10 3.21  ? ? 0.817 ? 0.484 19.10 100.00 
# 
loop_
_pdbx_refine_tls.id 
_pdbx_refine_tls.details 
_pdbx_refine_tls.method 
_pdbx_refine_tls.origin_x 
_pdbx_refine_tls.origin_y 
_pdbx_refine_tls.origin_z 
_pdbx_refine_tls.T[1][1] 
_pdbx_refine_tls.T[2][2] 
_pdbx_refine_tls.T[3][3] 
_pdbx_refine_tls.T[1][2] 
_pdbx_refine_tls.T[1][3] 
_pdbx_refine_tls.T[2][3] 
_pdbx_refine_tls.L[1][1] 
_pdbx_refine_tls.L[2][2] 
_pdbx_refine_tls.L[3][3] 
_pdbx_refine_tls.L[1][2] 
_pdbx_refine_tls.L[1][3] 
_pdbx_refine_tls.L[2][3] 
_pdbx_refine_tls.S[1][1] 
_pdbx_refine_tls.S[2][2] 
_pdbx_refine_tls.S[3][3] 
_pdbx_refine_tls.S[1][2] 
_pdbx_refine_tls.S[1][3] 
_pdbx_refine_tls.S[2][3] 
_pdbx_refine_tls.S[2][1] 
_pdbx_refine_tls.S[3][1] 
_pdbx_refine_tls.S[3][2] 
_pdbx_refine_tls.pdbx_refine_id 
1 ? refined -0.4355  4.3709  5.0547  0.1520 0.1863 0.0360  0.0994 0.1030 -0.1239 8.1331  2.0852 5.7760 0.8249  2.2364  0.4673 0.3424  -0.0441 -0.2984 -1.1060 -0.2871 0.2718  0.2303  0.4524  -0.4815 'X-RAY DIFFRACTION' 
2 ? refined -12.0257 -2.5745 6.0637  0.1471 0.2577 0.0167  0.0334 0.0161 0.1266  14.6097 4.1194 1.4207 -1.4058 -1.2979 0.5217 0.2491  -0.0886 -0.1605 -1.3753 -0.9436 0.6755  0.4885  0.1738  -0.1607 'X-RAY DIFFRACTION' 
3 ? refined 8.1947   1.5418  -5.4627 0.1074 0.0307 -0.1153 0.1188 0.0125 -0.0139 8.2926  4.4255 4.2882 -1.3205 1.4504  0.0766 -0.1550 0.1354  0.0196  0.1827  0.1442  -0.3418 -0.2273 -0.0456 0.1702  'X-RAY DIFFRACTION' 
# 
loop_
_pdbx_refine_tls_group.id 
_pdbx_refine_tls_group.refine_tls_id 
_pdbx_refine_tls_group.beg_label_asym_id 
_pdbx_refine_tls_group.beg_label_seq_id 
_pdbx_refine_tls_group.end_label_asym_id 
_pdbx_refine_tls_group.end_label_seq_id 
_pdbx_refine_tls_group.selection 
_pdbx_refine_tls_group.beg_auth_asym_id 
_pdbx_refine_tls_group.beg_auth_seq_id 
_pdbx_refine_tls_group.end_auth_asym_id 
_pdbx_refine_tls_group.end_auth_seq_id 
_pdbx_refine_tls_group.pdbx_refine_id 
_pdbx_refine_tls_group.selection_details 
1 1 A 2  A 16  ? A 1005 A 1019 'X-RAY DIFFRACTION' ? 
2 2 A 17 A 79  ? A 1020 A 1082 'X-RAY DIFFRACTION' ? 
3 3 A 80 A 162 ? A 1083 A 1165 'X-RAY DIFFRACTION' ? 
# 
_pdbx_database_remark.id     300 
_pdbx_database_remark.text   
;
BIOMOLECULE: 1
SEE REMARK 350 FOR THE PROGRAM GENERATED ASSEMBLY
INFORMATION FOR THE STRUCTURE IN THIS ENTRY.
AUTHORS STATE THAT THE BIOLOGICAL UNIT OF THIS
POLYPEPTIDE IS UNKNOWN.
;
# 
loop_
_pdbx_unobs_or_zero_occ_residues.id 
_pdbx_unobs_or_zero_occ_residues.PDB_model_num 
_pdbx_unobs_or_zero_occ_residues.polymer_flag 
_pdbx_unobs_or_zero_occ_residues.occupancy_flag 
_pdbx_unobs_or_zero_occ_residues.auth_asym_id 
_pdbx_unobs_or_zero_occ_residues.auth_comp_id 
_pdbx_unobs_or_zero_occ_residues.auth_seq_id 
_pdbx_unobs_or_zero_occ_residues.PDB_ins_code 
_pdbx_unobs_or_zero_occ_residues.label_asym_id 
_pdbx_unobs_or_zero_occ_residues.label_comp_id 
_pdbx_unobs_or_zero_occ_residues.label_seq_id 
1  1 Y 1 A MSE 1004 ? A MSE 1   
2  1 Y 1 A LYS 1166 ? A LYS 163 
3  1 Y 1 A ASN 1167 ? A ASN 164 
4  1 Y 1 A SER 1168 ? A SER 165 
5  1 Y 1 A GLU 1169 ? A GLU 166 
6  1 Y 1 A GLY 1170 ? A GLY 167 
7  1 Y 1 A HIS 1171 ? A HIS 168 
8  1 Y 1 A HIS 1172 ? A HIS 169 
9  1 Y 1 A HIS 1173 ? A HIS 170 
10 1 Y 1 A HIS 1174 ? A HIS 171 
11 1 Y 1 A HIS 1175 ? A HIS 172 
12 1 Y 1 A HIS 1176 ? A HIS 173 
# 
loop_
_chem_comp_atom.comp_id 
_chem_comp_atom.atom_id 
_chem_comp_atom.type_symbol 
_chem_comp_atom.pdbx_aromatic_flag 
_chem_comp_atom.pdbx_stereo_config 
_chem_comp_atom.pdbx_ordinal 
ALA N    N  N N 1   
ALA CA   C  N S 2   
ALA C    C  N N 3   
ALA O    O  N N 4   
ALA CB   C  N N 5   
ALA OXT  O  N N 6   
ALA H    H  N N 7   
ALA H2   H  N N 8   
ALA HA   H  N N 9   
ALA HB1  H  N N 10  
ALA HB2  H  N N 11  
ALA HB3  H  N N 12  
ALA HXT  H  N N 13  
ARG N    N  N N 14  
ARG CA   C  N S 15  
ARG C    C  N N 16  
ARG O    O  N N 17  
ARG CB   C  N N 18  
ARG CG   C  N N 19  
ARG CD   C  N N 20  
ARG NE   N  N N 21  
ARG CZ   C  N N 22  
ARG NH1  N  N N 23  
ARG NH2  N  N N 24  
ARG OXT  O  N N 25  
ARG H    H  N N 26  
ARG H2   H  N N 27  
ARG HA   H  N N 28  
ARG HB2  H  N N 29  
ARG HB3  H  N N 30  
ARG HG2  H  N N 31  
ARG HG3  H  N N 32  
ARG HD2  H  N N 33  
ARG HD3  H  N N 34  
ARG HE   H  N N 35  
ARG HH11 H  N N 36  
ARG HH12 H  N N 37  
ARG HH21 H  N N 38  
ARG HH22 H  N N 39  
ARG HXT  H  N N 40  
ASN N    N  N N 41  
ASN CA   C  N S 42  
ASN C    C  N N 43  
ASN O    O  N N 44  
ASN CB   C  N N 45  
ASN CG   C  N N 46  
ASN OD1  O  N N 47  
ASN ND2  N  N N 48  
ASN OXT  O  N N 49  
ASN H    H  N N 50  
ASN H2   H  N N 51  
ASN HA   H  N N 52  
ASN HB2  H  N N 53  
ASN HB3  H  N N 54  
ASN HD21 H  N N 55  
ASN HD22 H  N N 56  
ASN HXT  H  N N 57  
ASP N    N  N N 58  
ASP CA   C  N S 59  
ASP C    C  N N 60  
ASP O    O  N N 61  
ASP CB   C  N N 62  
ASP CG   C  N N 63  
ASP OD1  O  N N 64  
ASP OD2  O  N N 65  
ASP OXT  O  N N 66  
ASP H    H  N N 67  
ASP H2   H  N N 68  
ASP HA   H  N N 69  
ASP HB2  H  N N 70  
ASP HB3  H  N N 71  
ASP HD2  H  N N 72  
ASP HXT  H  N N 73  
GLN N    N  N N 74  
GLN CA   C  N S 75  
GLN C    C  N N 76  
GLN O    O  N N 77  
GLN CB   C  N N 78  
GLN CG   C  N N 79  
GLN CD   C  N N 80  
GLN OE1  O  N N 81  
GLN NE2  N  N N 82  
GLN OXT  O  N N 83  
GLN H    H  N N 84  
GLN H2   H  N N 85  
GLN HA   H  N N 86  
GLN HB2  H  N N 87  
GLN HB3  H  N N 88  
GLN HG2  H  N N 89  
GLN HG3  H  N N 90  
GLN HE21 H  N N 91  
GLN HE22 H  N N 92  
GLN HXT  H  N N 93  
GLU N    N  N N 94  
GLU CA   C  N S 95  
GLU C    C  N N 96  
GLU O    O  N N 97  
GLU CB   C  N N 98  
GLU CG   C  N N 99  
GLU CD   C  N N 100 
GLU OE1  O  N N 101 
GLU OE2  O  N N 102 
GLU OXT  O  N N 103 
GLU H    H  N N 104 
GLU H2   H  N N 105 
GLU HA   H  N N 106 
GLU HB2  H  N N 107 
GLU HB3  H  N N 108 
GLU HG2  H  N N 109 
GLU HG3  H  N N 110 
GLU HE2  H  N N 111 
GLU HXT  H  N N 112 
GLY N    N  N N 113 
GLY CA   C  N N 114 
GLY C    C  N N 115 
GLY O    O  N N 116 
GLY OXT  O  N N 117 
GLY H    H  N N 118 
GLY H2   H  N N 119 
GLY HA2  H  N N 120 
GLY HA3  H  N N 121 
GLY HXT  H  N N 122 
HIS N    N  N N 123 
HIS CA   C  N S 124 
HIS C    C  N N 125 
HIS O    O  N N 126 
HIS CB   C  N N 127 
HIS CG   C  Y N 128 
HIS ND1  N  Y N 129 
HIS CD2  C  Y N 130 
HIS CE1  C  Y N 131 
HIS NE2  N  Y N 132 
HIS OXT  O  N N 133 
HIS H    H  N N 134 
HIS H2   H  N N 135 
HIS HA   H  N N 136 
HIS HB2  H  N N 137 
HIS HB3  H  N N 138 
HIS HD1  H  N N 139 
HIS HD2  H  N N 140 
HIS HE1  H  N N 141 
HIS HE2  H  N N 142 
HIS HXT  H  N N 143 
ILE N    N  N N 144 
ILE CA   C  N S 145 
ILE C    C  N N 146 
ILE O    O  N N 147 
ILE CB   C  N S 148 
ILE CG1  C  N N 149 
ILE CG2  C  N N 150 
ILE CD1  C  N N 151 
ILE OXT  O  N N 152 
ILE H    H  N N 153 
ILE H2   H  N N 154 
ILE HA   H  N N 155 
ILE HB   H  N N 156 
ILE HG12 H  N N 157 
ILE HG13 H  N N 158 
ILE HG21 H  N N 159 
ILE HG22 H  N N 160 
ILE HG23 H  N N 161 
ILE HD11 H  N N 162 
ILE HD12 H  N N 163 
ILE HD13 H  N N 164 
ILE HXT  H  N N 165 
LEU N    N  N N 166 
LEU CA   C  N S 167 
LEU C    C  N N 168 
LEU O    O  N N 169 
LEU CB   C  N N 170 
LEU CG   C  N N 171 
LEU CD1  C  N N 172 
LEU CD2  C  N N 173 
LEU OXT  O  N N 174 
LEU H    H  N N 175 
LEU H2   H  N N 176 
LEU HA   H  N N 177 
LEU HB2  H  N N 178 
LEU HB3  H  N N 179 
LEU HG   H  N N 180 
LEU HD11 H  N N 181 
LEU HD12 H  N N 182 
LEU HD13 H  N N 183 
LEU HD21 H  N N 184 
LEU HD22 H  N N 185 
LEU HD23 H  N N 186 
LEU HXT  H  N N 187 
LYS N    N  N N 188 
LYS CA   C  N S 189 
LYS C    C  N N 190 
LYS O    O  N N 191 
LYS CB   C  N N 192 
LYS CG   C  N N 193 
LYS CD   C  N N 194 
LYS CE   C  N N 195 
LYS NZ   N  N N 196 
LYS OXT  O  N N 197 
LYS H    H  N N 198 
LYS H2   H  N N 199 
LYS HA   H  N N 200 
LYS HB2  H  N N 201 
LYS HB3  H  N N 202 
LYS HG2  H  N N 203 
LYS HG3  H  N N 204 
LYS HD2  H  N N 205 
LYS HD3  H  N N 206 
LYS HE2  H  N N 207 
LYS HE3  H  N N 208 
LYS HZ1  H  N N 209 
LYS HZ2  H  N N 210 
LYS HZ3  H  N N 211 
LYS HXT  H  N N 212 
MSE N    N  N N 213 
MSE CA   C  N S 214 
MSE C    C  N N 215 
MSE O    O  N N 216 
MSE OXT  O  N N 217 
MSE CB   C  N N 218 
MSE CG   C  N N 219 
MSE SE   SE N N 220 
MSE CE   C  N N 221 
MSE H    H  N N 222 
MSE H2   H  N N 223 
MSE HA   H  N N 224 
MSE HXT  H  N N 225 
MSE HB2  H  N N 226 
MSE HB3  H  N N 227 
MSE HG2  H  N N 228 
MSE HG3  H  N N 229 
MSE HE1  H  N N 230 
MSE HE2  H  N N 231 
MSE HE3  H  N N 232 
PHE N    N  N N 233 
PHE CA   C  N S 234 
PHE C    C  N N 235 
PHE O    O  N N 236 
PHE CB   C  N N 237 
PHE CG   C  Y N 238 
PHE CD1  C  Y N 239 
PHE CD2  C  Y N 240 
PHE CE1  C  Y N 241 
PHE CE2  C  Y N 242 
PHE CZ   C  Y N 243 
PHE OXT  O  N N 244 
PHE H    H  N N 245 
PHE H2   H  N N 246 
PHE HA   H  N N 247 
PHE HB2  H  N N 248 
PHE HB3  H  N N 249 
PHE HD1  H  N N 250 
PHE HD2  H  N N 251 
PHE HE1  H  N N 252 
PHE HE2  H  N N 253 
PHE HZ   H  N N 254 
PHE HXT  H  N N 255 
PRO N    N  N N 256 
PRO CA   C  N S 257 
PRO C    C  N N 258 
PRO O    O  N N 259 
PRO CB   C  N N 260 
PRO CG   C  N N 261 
PRO CD   C  N N 262 
PRO OXT  O  N N 263 
PRO H    H  N N 264 
PRO HA   H  N N 265 
PRO HB2  H  N N 266 
PRO HB3  H  N N 267 
PRO HG2  H  N N 268 
PRO HG3  H  N N 269 
PRO HD2  H  N N 270 
PRO HD3  H  N N 271 
PRO HXT  H  N N 272 
SER N    N  N N 273 
SER CA   C  N S 274 
SER C    C  N N 275 
SER O    O  N N 276 
SER CB   C  N N 277 
SER OG   O  N N 278 
SER OXT  O  N N 279 
SER H    H  N N 280 
SER H2   H  N N 281 
SER HA   H  N N 282 
SER HB2  H  N N 283 
SER HB3  H  N N 284 
SER HG   H  N N 285 
SER HXT  H  N N 286 
THR N    N  N N 287 
THR CA   C  N S 288 
THR C    C  N N 289 
THR O    O  N N 290 
THR CB   C  N R 291 
THR OG1  O  N N 292 
THR CG2  C  N N 293 
THR OXT  O  N N 294 
THR H    H  N N 295 
THR H2   H  N N 296 
THR HA   H  N N 297 
THR HB   H  N N 298 
THR HG1  H  N N 299 
THR HG21 H  N N 300 
THR HG22 H  N N 301 
THR HG23 H  N N 302 
THR HXT  H  N N 303 
TYR N    N  N N 304 
TYR CA   C  N S 305 
TYR C    C  N N 306 
TYR O    O  N N 307 
TYR CB   C  N N 308 
TYR CG   C  Y N 309 
TYR CD1  C  Y N 310 
TYR CD2  C  Y N 311 
TYR CE1  C  Y N 312 
TYR CE2  C  Y N 313 
TYR CZ   C  Y N 314 
TYR OH   O  N N 315 
TYR OXT  O  N N 316 
TYR H    H  N N 317 
TYR H2   H  N N 318 
TYR HA   H  N N 319 
TYR HB2  H  N N 320 
TYR HB3  H  N N 321 
TYR HD1  H  N N 322 
TYR HD2  H  N N 323 
TYR HE1  H  N N 324 
TYR HE2  H  N N 325 
TYR HH   H  N N 326 
TYR HXT  H  N N 327 
VAL N    N  N N 328 
VAL CA   C  N S 329 
VAL C    C  N N 330 
VAL O    O  N N 331 
VAL CB   C  N N 332 
VAL CG1  C  N N 333 
VAL CG2  C  N N 334 
VAL OXT  O  N N 335 
VAL H    H  N N 336 
VAL H2   H  N N 337 
VAL HA   H  N N 338 
VAL HB   H  N N 339 
VAL HG11 H  N N 340 
VAL HG12 H  N N 341 
VAL HG13 H  N N 342 
VAL HG21 H  N N 343 
VAL HG22 H  N N 344 
VAL HG23 H  N N 345 
VAL HXT  H  N N 346 
# 
loop_
_chem_comp_bond.comp_id 
_chem_comp_bond.atom_id_1 
_chem_comp_bond.atom_id_2 
_chem_comp_bond.value_order 
_chem_comp_bond.pdbx_aromatic_flag 
_chem_comp_bond.pdbx_stereo_config 
_chem_comp_bond.pdbx_ordinal 
ALA N   CA   sing N N 1   
ALA N   H    sing N N 2   
ALA N   H2   sing N N 3   
ALA CA  C    sing N N 4   
ALA CA  CB   sing N N 5   
ALA CA  HA   sing N N 6   
ALA C   O    doub N N 7   
ALA C   OXT  sing N N 8   
ALA CB  HB1  sing N N 9   
ALA CB  HB2  sing N N 10  
ALA CB  HB3  sing N N 11  
ALA OXT HXT  sing N N 12  
ARG N   CA   sing N N 13  
ARG N   H    sing N N 14  
ARG N   H2   sing N N 15  
ARG CA  C    sing N N 16  
ARG CA  CB   sing N N 17  
ARG CA  HA   sing N N 18  
ARG C   O    doub N N 19  
ARG C   OXT  sing N N 20  
ARG CB  CG   sing N N 21  
ARG CB  HB2  sing N N 22  
ARG CB  HB3  sing N N 23  
ARG CG  CD   sing N N 24  
ARG CG  HG2  sing N N 25  
ARG CG  HG3  sing N N 26  
ARG CD  NE   sing N N 27  
ARG CD  HD2  sing N N 28  
ARG CD  HD3  sing N N 29  
ARG NE  CZ   sing N N 30  
ARG NE  HE   sing N N 31  
ARG CZ  NH1  sing N N 32  
ARG CZ  NH2  doub N N 33  
ARG NH1 HH11 sing N N 34  
ARG NH1 HH12 sing N N 35  
ARG NH2 HH21 sing N N 36  
ARG NH2 HH22 sing N N 37  
ARG OXT HXT  sing N N 38  
ASN N   CA   sing N N 39  
ASN N   H    sing N N 40  
ASN N   H2   sing N N 41  
ASN CA  C    sing N N 42  
ASN CA  CB   sing N N 43  
ASN CA  HA   sing N N 44  
ASN C   O    doub N N 45  
ASN C   OXT  sing N N 46  
ASN CB  CG   sing N N 47  
ASN CB  HB2  sing N N 48  
ASN CB  HB3  sing N N 49  
ASN CG  OD1  doub N N 50  
ASN CG  ND2  sing N N 51  
ASN ND2 HD21 sing N N 52  
ASN ND2 HD22 sing N N 53  
ASN OXT HXT  sing N N 54  
ASP N   CA   sing N N 55  
ASP N   H    sing N N 56  
ASP N   H2   sing N N 57  
ASP CA  C    sing N N 58  
ASP CA  CB   sing N N 59  
ASP CA  HA   sing N N 60  
ASP C   O    doub N N 61  
ASP C   OXT  sing N N 62  
ASP CB  CG   sing N N 63  
ASP CB  HB2  sing N N 64  
ASP CB  HB3  sing N N 65  
ASP CG  OD1  doub N N 66  
ASP CG  OD2  sing N N 67  
ASP OD2 HD2  sing N N 68  
ASP OXT HXT  sing N N 69  
GLN N   CA   sing N N 70  
GLN N   H    sing N N 71  
GLN N   H2   sing N N 72  
GLN CA  C    sing N N 73  
GLN CA  CB   sing N N 74  
GLN CA  HA   sing N N 75  
GLN C   O    doub N N 76  
GLN C   OXT  sing N N 77  
GLN CB  CG   sing N N 78  
GLN CB  HB2  sing N N 79  
GLN CB  HB3  sing N N 80  
GLN CG  CD   sing N N 81  
GLN CG  HG2  sing N N 82  
GLN CG  HG3  sing N N 83  
GLN CD  OE1  doub N N 84  
GLN CD  NE2  sing N N 85  
GLN NE2 HE21 sing N N 86  
GLN NE2 HE22 sing N N 87  
GLN OXT HXT  sing N N 88  
GLU N   CA   sing N N 89  
GLU N   H    sing N N 90  
GLU N   H2   sing N N 91  
GLU CA  C    sing N N 92  
GLU CA  CB   sing N N 93  
GLU CA  HA   sing N N 94  
GLU C   O    doub N N 95  
GLU C   OXT  sing N N 96  
GLU CB  CG   sing N N 97  
GLU CB  HB2  sing N N 98  
GLU CB  HB3  sing N N 99  
GLU CG  CD   sing N N 100 
GLU CG  HG2  sing N N 101 
GLU CG  HG3  sing N N 102 
GLU CD  OE1  doub N N 103 
GLU CD  OE2  sing N N 104 
GLU OE2 HE2  sing N N 105 
GLU OXT HXT  sing N N 106 
GLY N   CA   sing N N 107 
GLY N   H    sing N N 108 
GLY N   H2   sing N N 109 
GLY CA  C    sing N N 110 
GLY CA  HA2  sing N N 111 
GLY CA  HA3  sing N N 112 
GLY C   O    doub N N 113 
GLY C   OXT  sing N N 114 
GLY OXT HXT  sing N N 115 
HIS N   CA   sing N N 116 
HIS N   H    sing N N 117 
HIS N   H2   sing N N 118 
HIS CA  C    sing N N 119 
HIS CA  CB   sing N N 120 
HIS CA  HA   sing N N 121 
HIS C   O    doub N N 122 
HIS C   OXT  sing N N 123 
HIS CB  CG   sing N N 124 
HIS CB  HB2  sing N N 125 
HIS CB  HB3  sing N N 126 
HIS CG  ND1  sing Y N 127 
HIS CG  CD2  doub Y N 128 
HIS ND1 CE1  doub Y N 129 
HIS ND1 HD1  sing N N 130 
HIS CD2 NE2  sing Y N 131 
HIS CD2 HD2  sing N N 132 
HIS CE1 NE2  sing Y N 133 
HIS CE1 HE1  sing N N 134 
HIS NE2 HE2  sing N N 135 
HIS OXT HXT  sing N N 136 
ILE N   CA   sing N N 137 
ILE N   H    sing N N 138 
ILE N   H2   sing N N 139 
ILE CA  C    sing N N 140 
ILE CA  CB   sing N N 141 
ILE CA  HA   sing N N 142 
ILE C   O    doub N N 143 
ILE C   OXT  sing N N 144 
ILE CB  CG1  sing N N 145 
ILE CB  CG2  sing N N 146 
ILE CB  HB   sing N N 147 
ILE CG1 CD1  sing N N 148 
ILE CG1 HG12 sing N N 149 
ILE CG1 HG13 sing N N 150 
ILE CG2 HG21 sing N N 151 
ILE CG2 HG22 sing N N 152 
ILE CG2 HG23 sing N N 153 
ILE CD1 HD11 sing N N 154 
ILE CD1 HD12 sing N N 155 
ILE CD1 HD13 sing N N 156 
ILE OXT HXT  sing N N 157 
LEU N   CA   sing N N 158 
LEU N   H    sing N N 159 
LEU N   H2   sing N N 160 
LEU CA  C    sing N N 161 
LEU CA  CB   sing N N 162 
LEU CA  HA   sing N N 163 
LEU C   O    doub N N 164 
LEU C   OXT  sing N N 165 
LEU CB  CG   sing N N 166 
LEU CB  HB2  sing N N 167 
LEU CB  HB3  sing N N 168 
LEU CG  CD1  sing N N 169 
LEU CG  CD2  sing N N 170 
LEU CG  HG   sing N N 171 
LEU CD1 HD11 sing N N 172 
LEU CD1 HD12 sing N N 173 
LEU CD1 HD13 sing N N 174 
LEU CD2 HD21 sing N N 175 
LEU CD2 HD22 sing N N 176 
LEU CD2 HD23 sing N N 177 
LEU OXT HXT  sing N N 178 
LYS N   CA   sing N N 179 
LYS N   H    sing N N 180 
LYS N   H2   sing N N 181 
LYS CA  C    sing N N 182 
LYS CA  CB   sing N N 183 
LYS CA  HA   sing N N 184 
LYS C   O    doub N N 185 
LYS C   OXT  sing N N 186 
LYS CB  CG   sing N N 187 
LYS CB  HB2  sing N N 188 
LYS CB  HB3  sing N N 189 
LYS CG  CD   sing N N 190 
LYS CG  HG2  sing N N 191 
LYS CG  HG3  sing N N 192 
LYS CD  CE   sing N N 193 
LYS CD  HD2  sing N N 194 
LYS CD  HD3  sing N N 195 
LYS CE  NZ   sing N N 196 
LYS CE  HE2  sing N N 197 
LYS CE  HE3  sing N N 198 
LYS NZ  HZ1  sing N N 199 
LYS NZ  HZ2  sing N N 200 
LYS NZ  HZ3  sing N N 201 
LYS OXT HXT  sing N N 202 
MSE N   CA   sing N N 203 
MSE N   H    sing N N 204 
MSE N   H2   sing N N 205 
MSE CA  C    sing N N 206 
MSE CA  CB   sing N N 207 
MSE CA  HA   sing N N 208 
MSE C   O    doub N N 209 
MSE C   OXT  sing N N 210 
MSE OXT HXT  sing N N 211 
MSE CB  CG   sing N N 212 
MSE CB  HB2  sing N N 213 
MSE CB  HB3  sing N N 214 
MSE CG  SE   sing N N 215 
MSE CG  HG2  sing N N 216 
MSE CG  HG3  sing N N 217 
MSE SE  CE   sing N N 218 
MSE CE  HE1  sing N N 219 
MSE CE  HE2  sing N N 220 
MSE CE  HE3  sing N N 221 
PHE N   CA   sing N N 222 
PHE N   H    sing N N 223 
PHE N   H2   sing N N 224 
PHE CA  C    sing N N 225 
PHE CA  CB   sing N N 226 
PHE CA  HA   sing N N 227 
PHE C   O    doub N N 228 
PHE C   OXT  sing N N 229 
PHE CB  CG   sing N N 230 
PHE CB  HB2  sing N N 231 
PHE CB  HB3  sing N N 232 
PHE CG  CD1  doub Y N 233 
PHE CG  CD2  sing Y N 234 
PHE CD1 CE1  sing Y N 235 
PHE CD1 HD1  sing N N 236 
PHE CD2 CE2  doub Y N 237 
PHE CD2 HD2  sing N N 238 
PHE CE1 CZ   doub Y N 239 
PHE CE1 HE1  sing N N 240 
PHE CE2 CZ   sing Y N 241 
PHE CE2 HE2  sing N N 242 
PHE CZ  HZ   sing N N 243 
PHE OXT HXT  sing N N 244 
PRO N   CA   sing N N 245 
PRO N   CD   sing N N 246 
PRO N   H    sing N N 247 
PRO CA  C    sing N N 248 
PRO CA  CB   sing N N 249 
PRO CA  HA   sing N N 250 
PRO C   O    doub N N 251 
PRO C   OXT  sing N N 252 
PRO CB  CG   sing N N 253 
PRO CB  HB2  sing N N 254 
PRO CB  HB3  sing N N 255 
PRO CG  CD   sing N N 256 
PRO CG  HG2  sing N N 257 
PRO CG  HG3  sing N N 258 
PRO CD  HD2  sing N N 259 
PRO CD  HD3  sing N N 260 
PRO OXT HXT  sing N N 261 
SER N   CA   sing N N 262 
SER N   H    sing N N 263 
SER N   H2   sing N N 264 
SER CA  C    sing N N 265 
SER CA  CB   sing N N 266 
SER CA  HA   sing N N 267 
SER C   O    doub N N 268 
SER C   OXT  sing N N 269 
SER CB  OG   sing N N 270 
SER CB  HB2  sing N N 271 
SER CB  HB3  sing N N 272 
SER OG  HG   sing N N 273 
SER OXT HXT  sing N N 274 
THR N   CA   sing N N 275 
THR N   H    sing N N 276 
THR N   H2   sing N N 277 
THR CA  C    sing N N 278 
THR CA  CB   sing N N 279 
THR CA  HA   sing N N 280 
THR C   O    doub N N 281 
THR C   OXT  sing N N 282 
THR CB  OG1  sing N N 283 
THR CB  CG2  sing N N 284 
THR CB  HB   sing N N 285 
THR OG1 HG1  sing N N 286 
THR CG2 HG21 sing N N 287 
THR CG2 HG22 sing N N 288 
THR CG2 HG23 sing N N 289 
THR OXT HXT  sing N N 290 
TYR N   CA   sing N N 291 
TYR N   H    sing N N 292 
TYR N   H2   sing N N 293 
TYR CA  C    sing N N 294 
TYR CA  CB   sing N N 295 
TYR CA  HA   sing N N 296 
TYR C   O    doub N N 297 
TYR C   OXT  sing N N 298 
TYR CB  CG   sing N N 299 
TYR CB  HB2  sing N N 300 
TYR CB  HB3  sing N N 301 
TYR CG  CD1  doub Y N 302 
TYR CG  CD2  sing Y N 303 
TYR CD1 CE1  sing Y N 304 
TYR CD1 HD1  sing N N 305 
TYR CD2 CE2  doub Y N 306 
TYR CD2 HD2  sing N N 307 
TYR CE1 CZ   doub Y N 308 
TYR CE1 HE1  sing N N 309 
TYR CE2 CZ   sing Y N 310 
TYR CE2 HE2  sing N N 311 
TYR CZ  OH   sing N N 312 
TYR OH  HH   sing N N 313 
TYR OXT HXT  sing N N 314 
VAL N   CA   sing N N 315 
VAL N   H    sing N N 316 
VAL N   H2   sing N N 317 
VAL CA  C    sing N N 318 
VAL CA  CB   sing N N 319 
VAL CA  HA   sing N N 320 
VAL C   O    doub N N 321 
VAL C   OXT  sing N N 322 
VAL CB  CG1  sing N N 323 
VAL CB  CG2  sing N N 324 
VAL CB  HB   sing N N 325 
VAL CG1 HG11 sing N N 326 
VAL CG1 HG12 sing N N 327 
VAL CG1 HG13 sing N N 328 
VAL CG2 HG21 sing N N 329 
VAL CG2 HG22 sing N N 330 
VAL CG2 HG23 sing N N 331 
VAL OXT HXT  sing N N 332 
# 
_atom_sites.entry_id                    2QSR 
_atom_sites.fract_transf_matrix[1][1]   0.00712804 
_atom_sites.fract_transf_matrix[1][2]   -0.01002425 
_atom_sites.fract_transf_matrix[1][3]   0.00580754 
_atom_sites.fract_transf_matrix[2][1]   0.00725369 
_atom_sites.fract_transf_matrix[2][2]   -0.00853880 
_atom_sites.fract_transf_matrix[2][3]   -0.00771280 
_atom_sites.fract_transf_matrix[3][1]   0.00649049 
_atom_sites.fract_transf_matrix[3][2]   0.00496632 
_atom_sites.fract_transf_matrix[3][3]   0.00060596 
_atom_sites.fract_transf_vector[1]      0.706831 
_atom_sites.fract_transf_vector[2]      0.679342 
_atom_sites.fract_transf_vector[3]      0.463011 
# 
loop_
_atom_type.symbol 
C  
N  
O  
SE 
# 
loop_
_atom_site.group_PDB 
_atom_site.id 
_atom_site.type_symbol 
_atom_site.label_atom_id 
_atom_site.label_alt_id 
_atom_site.label_comp_id 
_atom_site.label_asym_id 
_atom_site.label_entity_id 
_atom_site.label_seq_id 
_atom_site.pdbx_PDB_ins_code 
_atom_site.Cartn_x 
_atom_site.Cartn_y 
_atom_site.Cartn_z 
_atom_site.occupancy 
_atom_site.B_iso_or_equiv 
_atom_site.pdbx_formal_charge 
_atom_site.auth_seq_id 
_atom_site.auth_comp_id 
_atom_site.auth_asym_id 
_atom_site.auth_atom_id 
_atom_site.pdbx_PDB_model_num 
ATOM   1    N  N   . SER A 1 2   ? 15.964  -3.337  14.380  1.00 46.58  ? 1005 SER A N   1 
ATOM   2    C  CA  . SER A 1 2   ? 15.475  -4.371  15.336  1.00 47.35  ? 1005 SER A CA  1 
ATOM   3    C  C   . SER A 1 2   ? 14.580  -3.720  16.380  1.00 47.96  ? 1005 SER A C   1 
ATOM   4    O  O   . SER A 1 2   ? 14.483  -2.492  16.435  1.00 60.22  ? 1005 SER A O   1 
ATOM   5    C  CB  . SER A 1 2   ? 16.660  -5.082  15.996  1.00 58.78  ? 1005 SER A CB  1 
ATOM   6    O  OG  . SER A 1 2   ? 16.247  -6.045  16.952  1.00 62.84  ? 1005 SER A OG  1 
ATOM   7    N  N   . LEU A 1 3   ? 13.943  -4.546  17.210  1.00 41.53  ? 1006 LEU A N   1 
ATOM   8    C  CA  . LEU A 1 3   ? 12.891  -4.093  18.132  1.00 41.66  ? 1006 LEU A CA  1 
ATOM   9    C  C   . LEU A 1 3   ? 11.721  -3.476  17.374  1.00 48.45  ? 1006 LEU A C   1 
ATOM   10   O  O   . LEU A 1 3   ? 10.586  -3.487  17.850  1.00 50.87  ? 1006 LEU A O   1 
ATOM   11   C  CB  . LEU A 1 3   ? 13.416  -3.134  19.213  1.00 28.12  ? 1006 LEU A CB  1 
ATOM   12   C  CG  . LEU A 1 3   ? 13.243  -3.643  20.647  1.00 20.68  ? 1006 LEU A CG  1 
ATOM   13   C  CD1 . LEU A 1 3   ? 13.822  -2.679  21.672  1.00 19.58  ? 1006 LEU A CD1 1 
ATOM   14   C  CD2 . LEU A 1 3   ? 11.773  -3.905  20.937  1.00 24.54  ? 1006 LEU A CD2 1 
ATOM   15   N  N   . ARG A 1 4   ? 12.005  -2.941  16.190  1.00 54.19  ? 1007 ARG A N   1 
ATOM   16   C  CA  . ARG A 1 4   ? 10.956  -2.438  15.316  1.00 51.57  ? 1007 ARG A CA  1 
ATOM   17   C  C   . ARG A 1 4   ? 10.607  -3.467  14.250  1.00 51.35  ? 1007 ARG A C   1 
ATOM   18   O  O   . ARG A 1 4   ? 11.449  -3.880  13.445  1.00 45.27  ? 1007 ARG A O   1 
ATOM   19   C  CB  . ARG A 1 4   ? 11.357  -1.117  14.669  1.00 45.62  ? 1007 ARG A CB  1 
ATOM   20   C  CG  . ARG A 1 4   ? 10.168  -0.243  14.390  1.00 36.73  ? 1007 ARG A CG  1 
ATOM   21   C  CD  . ARG A 1 4   ? 10.562  1.207   14.256  1.00 34.03  ? 1007 ARG A CD  1 
ATOM   22   N  NE  . ARG A 1 4   ? 10.437  1.655   12.878  1.00 44.04  ? 1007 ARG A NE  1 
ATOM   23   C  CZ  . ARG A 1 4   ? 11.459  1.815   12.047  1.00 45.12  ? 1007 ARG A CZ  1 
ATOM   24   N  NH1 . ARG A 1 4   ? 12.696  1.573   12.470  1.00 37.10  ? 1007 ARG A NH1 1 
ATOM   25   N  NH2 . ARG A 1 4   ? 11.243  2.228   10.799  1.00 33.10  ? 1007 ARG A NH2 1 
ATOM   26   N  N   . THR A 1 5   ? 9.349   -3.877  14.264  1.00 48.01  ? 1008 THR A N   1 
ATOM   27   C  CA  . THR A 1 5   ? 8.872   -4.922  13.381  1.00 47.67  ? 1008 THR A CA  1 
ATOM   28   C  C   . THR A 1 5   ? 8.618   -4.398  11.951  1.00 46.53  ? 1008 THR A C   1 
ATOM   29   O  O   . THR A 1 5   ? 8.849   -5.103  10.971  1.00 38.84  ? 1008 THR A O   1 
ATOM   30   C  CB  . THR A 1 5   ? 7.612   -5.578  13.991  1.00 51.95  ? 1008 THR A CB  1 
ATOM   31   O  OG1 . THR A 1 5   ? 6.849   -6.221  12.968  1.00 62.02  ? 1008 THR A OG1 1 
ATOM   32   C  CG2 . THR A 1 5   ? 6.738   -4.527  14.691  1.00 51.77  ? 1008 THR A CG2 1 
ATOM   33   N  N   . LYS A 1 6   ? 8.177   -3.145  11.841  1.00 49.90  ? 1009 LYS A N   1 
ATOM   34   C  CA  . LYS A 1 6   ? 7.753   -2.572  10.563  1.00 40.09  ? 1009 LYS A CA  1 
ATOM   35   C  C   . LYS A 1 6   ? 7.796   -1.043  10.609  1.00 34.63  ? 1009 LYS A C   1 
ATOM   36   O  O   . LYS A 1 6   ? 7.834   -0.446  11.680  1.00 37.27  ? 1009 LYS A O   1 
ATOM   37   C  CB  . LYS A 1 6   ? 6.317   -3.012  10.265  1.00 46.14  ? 1009 LYS A CB  1 
ATOM   38   C  CG  . LYS A 1 6   ? 5.256   -2.184  11.006  1.00 44.37  ? 1009 LYS A CG  1 
ATOM   39   C  CD  . LYS A 1 6   ? 4.122   -3.035  11.569  1.00 44.47  ? 1009 LYS A CD  1 
ATOM   40   C  CE  . LYS A 1 6   ? 3.257   -3.643  10.476  1.00 54.11  ? 1009 LYS A CE  1 
ATOM   41   N  NZ  . LYS A 1 6   ? 2.530   -2.625  9.662   1.00 59.12  ? 1009 LYS A NZ  1 
ATOM   42   N  N   . GLY A 1 7   ? 7.761   -0.404  9.449   1.00 31.30  ? 1010 GLY A N   1 
ATOM   43   C  CA  . GLY A 1 7   ? 7.687   1.052   9.412   1.00 40.35  ? 1010 GLY A CA  1 
ATOM   44   C  C   . GLY A 1 7   ? 6.259   1.576   9.389   1.00 45.98  ? 1010 GLY A C   1 
ATOM   45   O  O   . GLY A 1 7   ? 5.323   0.892   9.808   1.00 48.48  ? 1010 GLY A O   1 
ATOM   46   N  N   . ASN A 1 8   ? 6.089   2.798   8.892   1.00 46.03  ? 1011 ASN A N   1 
ATOM   47   C  CA  . ASN A 1 8   ? 4.760   3.386   8.767   1.00 45.10  ? 1011 ASN A CA  1 
ATOM   48   C  C   . ASN A 1 8   ? 4.662   4.377   7.600   1.00 49.64  ? 1011 ASN A C   1 
ATOM   49   O  O   . ASN A 1 8   ? 4.940   5.571   7.751   1.00 55.74  ? 1011 ASN A O   1 
ATOM   50   C  CB  . ASN A 1 8   ? 4.349   4.052   10.076  1.00 30.57  ? 1011 ASN A CB  1 
ATOM   51   C  CG  . ASN A 1 8   ? 2.968   4.669   10.003  1.00 35.74  ? 1011 ASN A CG  1 
ATOM   52   O  OD1 . ASN A 1 8   ? 2.248   4.513   9.019   1.00 54.68  ? 1011 ASN A OD1 1 
ATOM   53   N  ND2 . ASN A 1 8   ? 2.590   5.372   11.046  1.00 31.29  ? 1011 ASN A ND2 1 
ATOM   54   N  N   . ALA A 1 9   ? 4.246   3.884   6.441   1.00 39.07  ? 1012 ALA A N   1 
ATOM   55   C  CA  . ALA A 1 9   ? 4.353   4.681   5.233   1.00 41.84  ? 1012 ALA A CA  1 
ATOM   56   C  C   . ALA A 1 9   ? 3.272   5.738   5.171   1.00 49.40  ? 1012 ALA A C   1 
ATOM   57   O  O   . ALA A 1 9   ? 2.147   5.524   5.621   1.00 60.15  ? 1012 ALA A O   1 
ATOM   58   C  CB  . ALA A 1 9   ? 4.314   3.795   4.001   1.00 35.39  ? 1012 ALA A CB  1 
ATOM   59   N  N   . GLU A 1 10  ? 3.623   6.887   4.612   1.00 52.13  ? 1013 GLU A N   1 
ATOM   60   C  CA  . GLU A 1 10  ? 2.661   7.950   4.424   1.00 45.07  ? 1013 GLU A CA  1 
ATOM   61   C  C   . GLU A 1 10  ? 2.112   7.899   3.014   1.00 50.33  ? 1013 GLU A C   1 
ATOM   62   O  O   . GLU A 1 10  ? 2.856   8.054   2.046   1.00 55.15  ? 1013 GLU A O   1 
ATOM   63   C  CB  . GLU A 1 10  ? 3.321   9.284   4.647   1.00 37.23  ? 1013 GLU A CB  1 
ATOM   64   C  CG  . GLU A 1 10  ? 2.365   10.413  4.526   1.00 43.77  ? 1013 GLU A CG  1 
ATOM   65   C  CD  . GLU A 1 10  ? 3.063   11.737  4.606   1.00 49.94  ? 1013 GLU A CD  1 
ATOM   66   O  OE1 . GLU A 1 10  ? 2.403   12.736  4.952   1.00 52.55  ? 1013 GLU A OE1 1 
ATOM   67   O  OE2 . GLU A 1 10  ? 4.279   11.774  4.330   1.00 55.14  ? 1013 GLU A OE2 1 
ATOM   68   N  N   . LEU A 1 11  ? 0.805   7.688   2.903   1.00 47.29  ? 1014 LEU A N   1 
ATOM   69   C  CA  . LEU A 1 11  ? 0.180   7.460   1.614   1.00 35.46  ? 1014 LEU A CA  1 
ATOM   70   C  C   . LEU A 1 11  ? -0.630  8.634   1.129   1.00 44.70  ? 1014 LEU A C   1 
ATOM   71   O  O   . LEU A 1 11  ? -1.687  8.941   1.675   1.00 57.89  ? 1014 LEU A O   1 
ATOM   72   C  CB  . LEU A 1 11  ? -0.703  6.224   1.668   1.00 34.72  ? 1014 LEU A CB  1 
ATOM   73   C  CG  . LEU A 1 11  ? 0.021   4.980   1.165   1.00 38.89  ? 1014 LEU A CG  1 
ATOM   74   C  CD1 . LEU A 1 11  ? 1.433   4.935   1.731   1.00 38.41  ? 1014 LEU A CD1 1 
ATOM   75   C  CD2 . LEU A 1 11  ? -0.765  3.721   1.505   1.00 37.13  ? 1014 LEU A CD2 1 
ATOM   76   N  N   . ILE A 1 12  ? -0.123  9.280   0.088   1.00 50.78  ? 1015 ILE A N   1 
ATOM   77   C  CA  . ILE A 1 12  ? -0.824  10.364  -0.583  1.00 47.33  ? 1015 ILE A CA  1 
ATOM   78   C  C   . ILE A 1 12  ? -1.164  9.902   -1.992  1.00 50.42  ? 1015 ILE A C   1 
ATOM   79   O  O   . ILE A 1 12  ? -0.398  10.145  -2.934  1.00 50.29  ? 1015 ILE A O   1 
ATOM   80   C  CB  . ILE A 1 12  ? 0.077   11.586  -0.669  1.00 41.16  ? 1015 ILE A CB  1 
ATOM   81   C  CG1 . ILE A 1 12  ? 0.458   12.038  0.730   1.00 41.35  ? 1015 ILE A CG1 1 
ATOM   82   C  CG2 . ILE A 1 12  ? -0.604  12.703  -1.413  1.00 46.53  ? 1015 ILE A CG2 1 
ATOM   83   C  CD1 . ILE A 1 12  ? 1.870   12.507  0.815   1.00 46.42  ? 1015 ILE A CD1 1 
ATOM   84   N  N   . LEU A 1 13  ? -2.300  9.223   -2.139  1.00 45.17  ? 1016 LEU A N   1 
ATOM   85   C  CA  . LEU A 1 13  ? -2.619  8.560   -3.406  1.00 47.74  ? 1016 LEU A CA  1 
ATOM   86   C  C   . LEU A 1 13  ? -3.756  9.209   -4.182  1.00 53.75  ? 1016 LEU A C   1 
ATOM   87   O  O   . LEU A 1 13  ? -3.965  8.907   -5.365  1.00 47.84  ? 1016 LEU A O   1 
ATOM   88   C  CB  . LEU A 1 13  ? -2.963  7.096   -3.166  1.00 43.86  ? 1016 LEU A CB  1 
ATOM   89   C  CG  . LEU A 1 13  ? -1.830  6.090   -3.022  1.00 44.69  ? 1016 LEU A CG  1 
ATOM   90   C  CD1 . LEU A 1 13  ? -0.748  6.620   -2.098  1.00 52.07  ? 1016 LEU A CD1 1 
ATOM   91   C  CD2 . LEU A 1 13  ? -2.396  4.762   -2.522  1.00 39.72  ? 1016 LEU A CD2 1 
ATOM   92   N  N   . GLN A 1 14  ? -4.502  10.080  -3.514  1.00 55.51  ? 1017 GLN A N   1 
ATOM   93   C  CA  . GLN A 1 14  ? -5.664  10.689  -4.136  1.00 48.57  ? 1017 GLN A CA  1 
ATOM   94   C  C   . GLN A 1 14  ? -6.583  9.646   -4.776  1.00 44.46  ? 1017 GLN A C   1 
ATOM   95   O  O   . GLN A 1 14  ? -7.204  9.900   -5.801  1.00 52.11  ? 1017 GLN A O   1 
ATOM   96   C  CB  . GLN A 1 14  ? -5.235  11.707  -5.177  1.00 38.83  ? 1017 GLN A CB  1 
ATOM   97   C  CG  . GLN A 1 14  ? -4.199  12.663  -4.676  1.00 48.76  ? 1017 GLN A CG  1 
ATOM   98   C  CD  . GLN A 1 14  ? -3.471  13.324  -5.815  1.00 62.23  ? 1017 GLN A CD  1 
ATOM   99   O  OE1 . GLN A 1 14  ? -3.368  12.767  -6.909  1.00 63.27  ? 1017 GLN A OE1 1 
ATOM   100  N  NE2 . GLN A 1 14  ? -2.963  14.522  -5.572  1.00 71.24  ? 1017 GLN A NE2 1 
ATOM   101  N  N   . ILE A 1 15  ? -6.647  8.465   -4.177  1.00 46.61  ? 1018 ILE A N   1 
ATOM   102  C  CA  . ILE A 1 15  ? -7.745  7.554   -4.439  1.00 41.64  ? 1018 ILE A CA  1 
ATOM   103  C  C   . ILE A 1 15  ? -8.774  7.900   -3.391  1.00 43.06  ? 1018 ILE A C   1 
ATOM   104  O  O   . ILE A 1 15  ? -8.419  8.098   -2.234  1.00 51.17  ? 1018 ILE A O   1 
ATOM   105  C  CB  . ILE A 1 15  ? -7.356  6.100   -4.177  1.00 34.73  ? 1018 ILE A CB  1 
ATOM   106  C  CG1 . ILE A 1 15  ? -5.991  5.762   -4.796  1.00 36.87  ? 1018 ILE A CG1 1 
ATOM   107  C  CG2 . ILE A 1 15  ? -8.477  5.169   -4.626  1.00 31.06  ? 1018 ILE A CG2 1 
ATOM   108  C  CD1 . ILE A 1 15  ? -5.933  5.824   -6.290  1.00 41.53  ? 1018 ILE A CD1 1 
ATOM   109  N  N   . ASP A 1 16  ? -10.042 7.972   -3.768  1.00 46.85  ? 1019 ASP A N   1 
ATOM   110  C  CA  . ASP A 1 16  ? -11.075 8.275   -2.782  1.00 49.09  ? 1019 ASP A CA  1 
ATOM   111  C  C   . ASP A 1 16  ? -11.558 7.017   -2.083  1.00 48.52  ? 1019 ASP A C   1 
ATOM   112  O  O   . ASP A 1 16  ? -12.138 6.130   -2.703  1.00 58.11  ? 1019 ASP A O   1 
ATOM   113  C  CB  . ASP A 1 16  ? -12.232 9.046   -3.412  1.00 49.77  ? 1019 ASP A CB  1 
ATOM   114  C  CG  . ASP A 1 16  ? -11.906 10.516  -3.606  1.00 56.83  ? 1019 ASP A CG  1 
ATOM   115  O  OD1 . ASP A 1 16  ? -11.166 11.078  -2.765  1.00 60.59  ? 1019 ASP A OD1 1 
ATOM   116  O  OD2 . ASP A 1 16  ? -12.385 11.109  -4.594  1.00 57.20  ? 1019 ASP A OD2 1 
ATOM   117  N  N   . ALA A 1 17  ? -11.297 6.946   -0.784  1.00 41.80  ? 1020 ALA A N   1 
ATOM   118  C  CA  . ALA A 1 17  ? -11.566 5.738   -0.025  1.00 49.37  ? 1020 ALA A CA  1 
ATOM   119  C  C   . ALA A 1 17  ? -12.061 6.059   1.386   1.00 53.66  ? 1020 ALA A C   1 
ATOM   120  O  O   . ALA A 1 17  ? -11.440 6.829   2.121   1.00 57.05  ? 1020 ALA A O   1 
ATOM   121  C  CB  . ALA A 1 17  ? -10.318 4.859   0.022   1.00 50.62  ? 1020 ALA A CB  1 
ATOM   122  N  N   . TYR A 1 18  ? -13.191 5.466   1.754   1.00 50.34  ? 1021 TYR A N   1 
ATOM   123  C  CA  . TYR A 1 18  ? -13.798 5.738   3.044   1.00 43.63  ? 1021 TYR A CA  1 
ATOM   124  C  C   . TYR A 1 18  ? -15.045 4.894   3.232   1.00 48.11  ? 1021 TYR A C   1 
ATOM   125  O  O   . TYR A 1 18  ? -15.426 4.102   2.358   1.00 48.96  ? 1021 TYR A O   1 
ATOM   126  C  CB  . TYR A 1 18  ? -14.156 7.217   3.163   1.00 39.71  ? 1021 TYR A CB  1 
ATOM   127  C  CG  . TYR A 1 18  ? -15.337 7.640   2.309   1.00 47.95  ? 1021 TYR A CG  1 
ATOM   128  C  CD1 . TYR A 1 18  ? -15.240 7.674   0.918   1.00 48.38  ? 1021 TYR A CD1 1 
ATOM   129  C  CD2 . TYR A 1 18  ? -16.551 8.026   2.895   1.00 54.46  ? 1021 TYR A CD2 1 
ATOM   130  C  CE1 . TYR A 1 18  ? -16.316 8.064   0.134   1.00 49.62  ? 1021 TYR A CE1 1 
ATOM   131  C  CE2 . TYR A 1 18  ? -17.634 8.419   2.120   1.00 47.03  ? 1021 TYR A CE2 1 
ATOM   132  C  CZ  . TYR A 1 18  ? -17.509 8.434   0.739   1.00 49.81  ? 1021 TYR A CZ  1 
ATOM   133  O  OH  . TYR A 1 18  ? -18.571 8.821   -0.048  1.00 45.49  ? 1021 TYR A OH  1 
ATOM   134  N  N   . LEU A 1 19  ? -15.682 5.078   4.382   1.00 44.23  ? 1022 LEU A N   1 
ATOM   135  C  CA  . LEU A 1 19  ? -16.894 4.354   4.730   1.00 42.83  ? 1022 LEU A CA  1 
ATOM   136  C  C   . LEU A 1 19  ? -18.124 5.271   4.614   1.00 45.43  ? 1022 LEU A C   1 
ATOM   137  O  O   . LEU A 1 19  ? -18.338 6.134   5.461   1.00 47.74  ? 1022 LEU A O   1 
ATOM   138  C  CB  . LEU A 1 19  ? -16.764 3.809   6.159   1.00 46.93  ? 1022 LEU A CB  1 
ATOM   139  C  CG  . LEU A 1 19  ? -15.977 2.519   6.457   1.00 42.60  ? 1022 LEU A CG  1 
ATOM   140  C  CD1 . LEU A 1 19  ? -14.975 2.161   5.368   1.00 41.39  ? 1022 LEU A CD1 1 
ATOM   141  C  CD2 . LEU A 1 19  ? -15.304 2.582   7.833   1.00 41.92  ? 1022 LEU A CD2 1 
ATOM   142  N  N   . PRO A 1 20  ? -18.935 5.086   3.559   1.00 49.85  ? 1023 PRO A N   1 
ATOM   143  C  CA  . PRO A 1 20  ? -20.093 5.934   3.298   1.00 47.71  ? 1023 PRO A CA  1 
ATOM   144  C  C   . PRO A 1 20  ? -21.254 5.620   4.225   1.00 42.63  ? 1023 PRO A C   1 
ATOM   145  O  O   . PRO A 1 20  ? -21.497 4.452   4.521   1.00 42.23  ? 1023 PRO A O   1 
ATOM   146  C  CB  . PRO A 1 20  ? -20.491 5.557   1.861   1.00 49.78  ? 1023 PRO A CB  1 
ATOM   147  C  CG  . PRO A 1 20  ? -19.370 4.718   1.332   1.00 52.13  ? 1023 PRO A CG  1 
ATOM   148  C  CD  . PRO A 1 20  ? -18.791 4.047   2.528   1.00 56.64  ? 1023 PRO A CD  1 
ATOM   149  N  N   . ASP A 1 21  ? -21.971 6.656   4.660   1.00 36.86  ? 1024 ASP A N   1 
ATOM   150  C  CA  . ASP A 1 21  ? -23.180 6.470   5.458   1.00 37.42  ? 1024 ASP A CA  1 
ATOM   151  C  C   . ASP A 1 21  ? -24.146 5.487   4.813   1.00 38.99  ? 1024 ASP A C   1 
ATOM   152  O  O   . ASP A 1 21  ? -24.885 4.804   5.511   1.00 47.35  ? 1024 ASP A O   1 
ATOM   153  C  CB  . ASP A 1 21  ? -23.902 7.797   5.686   1.00 42.94  ? 1024 ASP A CB  1 
ATOM   154  C  CG  . ASP A 1 21  ? -23.146 8.719   6.613   1.00 46.36  ? 1024 ASP A CG  1 
ATOM   155  O  OD1 . ASP A 1 21  ? -22.043 8.335   7.048   1.00 54.83  ? 1024 ASP A OD1 1 
ATOM   156  O  OD2 . ASP A 1 21  ? -23.652 9.827   6.900   1.00 37.07  ? 1024 ASP A OD2 1 
ATOM   157  N  N   . THR A 1 22  ? -24.140 5.421   3.484   1.00 42.21  ? 1025 THR A N   1 
ATOM   158  C  CA  . THR A 1 22  ? -25.027 4.512   2.764   1.00 45.71  ? 1025 THR A CA  1 
ATOM   159  C  C   . THR A 1 22  ? -24.730 3.042   3.070   1.00 51.80  ? 1025 THR A C   1 
ATOM   160  O  O   . THR A 1 22  ? -25.630 2.205   3.010   1.00 61.37  ? 1025 THR A O   1 
ATOM   161  C  CB  . THR A 1 22  ? -24.930 4.709   1.251   1.00 46.53  ? 1025 THR A CB  1 
ATOM   162  O  OG1 . THR A 1 22  ? -24.176 5.893   0.966   1.00 46.85  ? 1025 THR A OG1 1 
ATOM   163  C  CG2 . THR A 1 22  ? -26.329 4.808   0.646   1.00 46.37  ? 1025 THR A CG2 1 
ATOM   164  N  N   . TYR A 1 23  ? -23.468 2.738   3.385   1.00 51.04  ? 1026 TYR A N   1 
ATOM   165  C  CA  . TYR A 1 23  ? -23.031 1.373   3.725   1.00 44.00  ? 1026 TYR A CA  1 
ATOM   166  C  C   . TYR A 1 23  ? -23.051 1.110   5.242   1.00 48.81  ? 1026 TYR A C   1 
ATOM   167  O  O   . TYR A 1 23  ? -23.557 0.075   5.704   1.00 44.59  ? 1026 TYR A O   1 
ATOM   168  C  CB  . TYR A 1 23  ? -21.630 1.098   3.152   1.00 38.84  ? 1026 TYR A CB  1 
ATOM   169  C  CG  . TYR A 1 23  ? -21.151 -0.344  3.272   1.00 36.93  ? 1026 TYR A CG  1 
ATOM   170  C  CD1 . TYR A 1 23  ? -21.896 -1.395  2.743   1.00 40.57  ? 1026 TYR A CD1 1 
ATOM   171  C  CD2 . TYR A 1 23  ? -19.945 -0.653  3.892   1.00 34.27  ? 1026 TYR A CD2 1 
ATOM   172  C  CE1 . TYR A 1 23  ? -21.459 -2.717  2.837   1.00 37.94  ? 1026 TYR A CE1 1 
ATOM   173  C  CE2 . TYR A 1 23  ? -19.501 -1.973  3.991   1.00 35.66  ? 1026 TYR A CE2 1 
ATOM   174  C  CZ  . TYR A 1 23  ? -20.263 -3.001  3.464   1.00 37.58  ? 1026 TYR A CZ  1 
ATOM   175  O  OH  . TYR A 1 23  ? -19.840 -4.316  3.563   1.00 36.90  ? 1026 TYR A OH  1 
ATOM   176  N  N   . ILE A 1 24  ? -22.489 2.041   6.012   1.00 46.12  ? 1027 ILE A N   1 
ATOM   177  C  CA  . ILE A 1 24  ? -22.503 1.940   7.473   1.00 53.00  ? 1027 ILE A CA  1 
ATOM   178  C  C   . ILE A 1 24  ? -23.031 3.235   8.068   1.00 60.26  ? 1027 ILE A C   1 
ATOM   179  O  O   . ILE A 1 24  ? -22.408 4.290   7.935   1.00 62.95  ? 1027 ILE A O   1 
ATOM   180  C  CB  . ILE A 1 24  ? -21.098 1.632   8.061   1.00 49.36  ? 1027 ILE A CB  1 
ATOM   181  C  CG1 . ILE A 1 24  ? -20.597 0.271   7.563   1.00 44.82  ? 1027 ILE A CG1 1 
ATOM   182  C  CG2 . ILE A 1 24  ? -21.123 1.672   9.596   1.00 32.15  ? 1027 ILE A CG2 1 
ATOM   183  C  CD1 . ILE A 1 24  ? -19.135 0.011   7.829   1.00 33.76  ? 1027 ILE A CD1 1 
ATOM   184  N  N   . SER A 1 25  ? -24.190 3.153   8.712   1.00 62.35  ? 1028 SER A N   1 
ATOM   185  C  CA  . SER A 1 25  ? -24.793 4.328   9.311   1.00 58.81  ? 1028 SER A CA  1 
ATOM   186  C  C   . SER A 1 25  ? -24.246 4.554   10.715  1.00 58.16  ? 1028 SER A C   1 
ATOM   187  O  O   . SER A 1 25  ? -23.734 5.634   11.013  1.00 62.20  ? 1028 SER A O   1 
ATOM   188  C  CB  . SER A 1 25  ? -26.321 4.217   9.321   1.00 58.86  ? 1028 SER A CB  1 
ATOM   189  O  OG  . SER A 1 25  ? -26.740 2.961   9.822   1.00 68.47  ? 1028 SER A OG  1 
ATOM   190  N  N   . ASP A 1 26  ? -24.318 3.530   11.563  1.00 53.63  ? 1029 ASP A N   1 
ATOM   191  C  CA  . ASP A 1 26  ? -23.985 3.718   12.973  1.00 47.61  ? 1029 ASP A CA  1 
ATOM   192  C  C   . ASP A 1 26  ? -22.552 4.176   13.228  1.00 40.20  ? 1029 ASP A C   1 
ATOM   193  O  O   . ASP A 1 26  ? -21.591 3.586   12.737  1.00 35.02  ? 1029 ASP A O   1 
ATOM   194  C  CB  . ASP A 1 26  ? -24.321 2.488   13.815  1.00 45.35  ? 1029 ASP A CB  1 
ATOM   195  C  CG  . ASP A 1 26  ? -24.406 2.814   15.302  1.00 52.92  ? 1029 ASP A CG  1 
ATOM   196  O  OD1 . ASP A 1 26  ? -23.542 3.564   15.809  1.00 58.96  ? 1029 ASP A OD1 1 
ATOM   197  O  OD2 . ASP A 1 26  ? -25.339 2.324   15.968  1.00 46.74  ? 1029 ASP A OD2 1 
ATOM   198  N  N   . GLN A 1 27  ? -22.439 5.235   14.020  1.00 44.82  ? 1030 GLN A N   1 
ATOM   199  C  CA  . GLN A 1 27  ? -21.176 5.885   14.307  1.00 49.07  ? 1030 GLN A CA  1 
ATOM   200  C  C   . GLN A 1 27  ? -20.144 4.900   14.832  1.00 51.63  ? 1030 GLN A C   1 
ATOM   201  O  O   . GLN A 1 27  ? -19.118 4.671   14.193  1.00 58.91  ? 1030 GLN A O   1 
ATOM   202  C  CB  . GLN A 1 27  ? -21.404 6.985   15.334  1.00 57.55  ? 1030 GLN A CB  1 
ATOM   203  C  CG  . GLN A 1 27  ? -20.817 8.333   14.967  1.00 71.62  ? 1030 GLN A CG  1 
ATOM   204  C  CD  . GLN A 1 27  ? -21.469 9.471   15.752  1.00 80.55  ? 1030 GLN A CD  1 
ATOM   205  O  OE1 . GLN A 1 27  ? -22.054 9.249   16.812  1.00 79.60  ? 1030 GLN A OE1 1 
ATOM   206  N  NE2 . GLN A 1 27  ? -21.373 10.692  15.231  1.00 85.21  ? 1030 GLN A NE2 1 
ATOM   207  N  N   . ARG A 1 28  ? -20.416 4.302   15.986  1.00 47.14  ? 1031 ARG A N   1 
ATOM   208  C  CA  . ARG A 1 28  ? -19.416 3.450   16.634  1.00 53.51  ? 1031 ARG A CA  1 
ATOM   209  C  C   . ARG A 1 28  ? -18.946 2.277   15.774  1.00 47.91  ? 1031 ARG A C   1 
ATOM   210  O  O   . ARG A 1 28  ? -17.819 1.804   15.925  1.00 43.47  ? 1031 ARG A O   1 
ATOM   211  C  CB  . ARG A 1 28  ? -19.887 2.992   18.015  1.00 57.78  ? 1031 ARG A CB  1 
ATOM   212  C  CG  . ARG A 1 28  ? -21.365 3.170   18.247  1.00 60.81  ? 1031 ARG A CG  1 
ATOM   213  C  CD  . ARG A 1 28  ? -21.757 2.633   19.605  1.00 63.48  ? 1031 ARG A CD  1 
ATOM   214  N  NE  . ARG A 1 28  ? -23.091 2.042   19.577  1.00 65.92  ? 1031 ARG A NE  1 
ATOM   215  C  CZ  . ARG A 1 28  ? -23.404 0.934   18.909  1.00 64.49  ? 1031 ARG A CZ  1 
ATOM   216  N  NH1 . ARG A 1 28  ? -22.484 0.292   18.199  1.00 65.86  ? 1031 ARG A NH1 1 
ATOM   217  N  NH2 . ARG A 1 28  ? -24.644 0.467   18.942  1.00 63.83  ? 1031 ARG A NH2 1 
ATOM   218  N  N   . HIS A 1 29  ? -19.800 1.822   14.865  1.00 41.49  ? 1032 HIS A N   1 
ATOM   219  C  CA  . HIS A 1 29  ? -19.383 0.850   13.873  1.00 39.29  ? 1032 HIS A CA  1 
ATOM   220  C  C   . HIS A 1 29  ? -18.259 1.430   13.053  1.00 47.44  ? 1032 HIS A C   1 
ATOM   221  O  O   . HIS A 1 29  ? -17.119 0.971   13.132  1.00 55.24  ? 1032 HIS A O   1 
ATOM   222  C  CB  . HIS A 1 29  ? -20.531 0.513   12.947  1.00 39.46  ? 1032 HIS A CB  1 
ATOM   223  C  CG  . HIS A 1 29  ? -21.663 -0.174  13.632  1.00 45.56  ? 1032 HIS A CG  1 
ATOM   224  N  ND1 . HIS A 1 29  ? -21.932 -1.514  13.463  1.00 46.09  ? 1032 HIS A ND1 1 
ATOM   225  C  CD2 . HIS A 1 29  ? -22.583 0.289   14.508  1.00 42.63  ? 1032 HIS A CD2 1 
ATOM   226  C  CE1 . HIS A 1 29  ? -22.978 -1.845  14.197  1.00 40.14  ? 1032 HIS A CE1 1 
ATOM   227  N  NE2 . HIS A 1 29  ? -23.392 -0.769  14.841  1.00 42.22  ? 1032 HIS A NE2 1 
ATOM   228  N  N   . LYS A 1 30  ? -18.590 2.440   12.255  1.00 43.47  ? 1033 LYS A N   1 
ATOM   229  C  CA  . LYS A 1 30  ? -17.592 3.123   11.444  1.00 42.95  ? 1033 LYS A CA  1 
ATOM   230  C  C   . LYS A 1 30  ? -16.278 3.179   12.198  1.00 41.46  ? 1033 LYS A C   1 
ATOM   231  O  O   . LYS A 1 30  ? -15.272 2.625   11.760  1.00 36.79  ? 1033 LYS A O   1 
ATOM   232  C  CB  . LYS A 1 30  ? -18.034 4.549   11.144  1.00 42.42  ? 1033 LYS A CB  1 
ATOM   233  C  CG  . LYS A 1 30  ? -19.233 4.675   10.243  1.00 47.28  ? 1033 LYS A CG  1 
ATOM   234  C  CD  . LYS A 1 30  ? -19.763 6.098   10.313  1.00 58.05  ? 1033 LYS A CD  1 
ATOM   235  C  CE  . LYS A 1 30  ? -20.412 6.516   9.013   1.00 60.83  ? 1033 LYS A CE  1 
ATOM   236  N  NZ  . LYS A 1 30  ? -19.449 6.460   7.883   1.00 54.04  ? 1033 LYS A NZ  1 
ATOM   237  N  N   . ILE A 1 31  ? -16.308 3.860   13.340  1.00 37.94  ? 1034 ILE A N   1 
ATOM   238  C  CA  . ILE A 1 31  ? -15.147 3.998   14.198  1.00 41.73  ? 1034 ILE A CA  1 
ATOM   239  C  C   . ILE A 1 31  ? -14.422 2.673   14.338  1.00 42.39  ? 1034 ILE A C   1 
ATOM   240  O  O   . ILE A 1 31  ? -13.220 2.572   14.081  1.00 48.59  ? 1034 ILE A O   1 
ATOM   241  C  CB  . ILE A 1 31  ? -15.559 4.447   15.606  1.00 49.96  ? 1034 ILE A CB  1 
ATOM   242  C  CG1 . ILE A 1 31  ? -16.247 5.815   15.557  1.00 50.20  ? 1034 ILE A CG1 1 
ATOM   243  C  CG2 . ILE A 1 31  ? -14.347 4.455   16.536  1.00 48.31  ? 1034 ILE A CG2 1 
ATOM   244  C  CD1 . ILE A 1 31  ? -16.950 6.199   16.856  1.00 51.65  ? 1034 ILE A CD1 1 
ATOM   245  N  N   . GLU A 1 32  ? -15.163 1.660   14.763  1.00 38.77  ? 1035 GLU A N   1 
ATOM   246  C  CA  . GLU A 1 32  ? -14.597 0.344   14.974  1.00 43.69  ? 1035 GLU A CA  1 
ATOM   247  C  C   . GLU A 1 32  ? -13.956 -0.168  13.691  1.00 46.95  ? 1035 GLU A C   1 
ATOM   248  O  O   . GLU A 1 32  ? -12.769 -0.498  13.659  1.00 49.06  ? 1035 GLU A O   1 
ATOM   249  C  CB  . GLU A 1 32  ? -15.693 -0.597  15.449  1.00 42.30  ? 1035 GLU A CB  1 
ATOM   250  C  CG  . GLU A 1 32  ? -15.482 -2.054  15.144  1.00 45.00  ? 1035 GLU A CG  1 
ATOM   251  C  CD  . GLU A 1 32  ? -16.744 -2.854  15.408  1.00 51.45  ? 1035 GLU A CD  1 
ATOM   252  O  OE1 . GLU A 1 32  ? -16.999 -3.825  14.670  1.00 52.21  ? 1035 GLU A OE1 1 
ATOM   253  O  OE2 . GLU A 1 32  ? -17.491 -2.501  16.351  1.00 53.41  ? 1035 GLU A OE2 1 
ATOM   254  N  N   . ILE A 1 33  ? -14.740 -0.202  12.624  1.00 41.95  ? 1036 ILE A N   1 
ATOM   255  C  CA  . ILE A 1 33  ? -14.262 -0.738  11.364  1.00 41.05  ? 1036 ILE A CA  1 
ATOM   256  C  C   . ILE A 1 33  ? -13.075 0.066   10.820  1.00 47.29  ? 1036 ILE A C   1 
ATOM   257  O  O   . ILE A 1 33  ? -12.139 -0.497  10.254  1.00 44.75  ? 1036 ILE A O   1 
ATOM   258  C  CB  . ILE A 1 33  ? -15.403 -0.817  10.340  1.00 38.03  ? 1036 ILE A CB  1 
ATOM   259  C  CG1 . ILE A 1 33  ? -16.378 -1.926  10.735  1.00 35.74  ? 1036 ILE A CG1 1 
ATOM   260  C  CG2 . ILE A 1 33  ? -14.863 -1.095  8.952   1.00 41.04  ? 1036 ILE A CG2 1 
ATOM   261  C  CD1 . ILE A 1 33  ? -17.329 -1.540  11.844  1.00 37.87  ? 1036 ILE A CD1 1 
ATOM   262  N  N   . TYR A 1 34  ? -13.114 1.381   11.000  1.00 57.54  ? 1037 TYR A N   1 
ATOM   263  C  CA  . TYR A 1 34  ? -11.984 2.235   10.641  1.00 57.85  ? 1037 TYR A CA  1 
ATOM   264  C  C   . TYR A 1 34  ? -10.720 1.814   11.375  1.00 52.28  ? 1037 TYR A C   1 
ATOM   265  O  O   . TYR A 1 34  ? -9.673  1.608   10.758  1.00 55.04  ? 1037 TYR A O   1 
ATOM   266  C  CB  . TYR A 1 34  ? -12.288 3.699   10.954  1.00 60.91  ? 1037 TYR A CB  1 
ATOM   267  C  CG  . TYR A 1 34  ? -12.843 4.458   9.781   1.00 60.19  ? 1037 TYR A CG  1 
ATOM   268  C  CD1 . TYR A 1 34  ? -12.238 4.377   8.533   1.00 53.80  ? 1037 TYR A CD1 1 
ATOM   269  C  CD2 . TYR A 1 34  ? -13.959 5.272   9.921   1.00 58.66  ? 1037 TYR A CD2 1 
ATOM   270  C  CE1 . TYR A 1 34  ? -12.735 5.070   7.455   1.00 51.21  ? 1037 TYR A CE1 1 
ATOM   271  C  CE2 . TYR A 1 34  ? -14.463 5.976   8.847   1.00 57.55  ? 1037 TYR A CE2 1 
ATOM   272  C  CZ  . TYR A 1 34  ? -13.846 5.869   7.616   1.00 58.47  ? 1037 TYR A CZ  1 
ATOM   273  O  OH  . TYR A 1 34  ? -14.345 6.560   6.539   1.00 63.75  ? 1037 TYR A OH  1 
ATOM   274  N  N   . LYS A 1 35  ? -10.820 1.702   12.694  1.00 45.12  ? 1038 LYS A N   1 
ATOM   275  C  CA  . LYS A 1 35  ? -9.718  1.181   13.475  1.00 50.04  ? 1038 LYS A CA  1 
ATOM   276  C  C   . LYS A 1 35  ? -9.326  -0.187  12.915  1.00 47.85  ? 1038 LYS A C   1 
ATOM   277  O  O   . LYS A 1 35  ? -8.182  -0.385  12.509  1.00 37.91  ? 1038 LYS A O   1 
ATOM   278  C  CB  . LYS A 1 35  ? -10.095 1.091   14.953  1.00 49.85  ? 1038 LYS A CB  1 
ATOM   279  C  CG  . LYS A 1 35  ? -9.212  0.147   15.750  1.00 54.16  ? 1038 LYS A CG  1 
ATOM   280  C  CD  . LYS A 1 35  ? -9.302  0.413   17.241  1.00 53.73  ? 1038 LYS A CD  1 
ATOM   281  C  CE  . LYS A 1 35  ? -8.538  1.676   17.597  1.00 55.25  ? 1038 LYS A CE  1 
ATOM   282  N  NZ  . LYS A 1 35  ? -8.240  1.764   19.047  1.00 50.59  ? 1038 LYS A NZ  1 
ATOM   283  N  N   . LYS A 1 36  ? -10.290 -1.109  12.874  1.00 47.02  ? 1039 LYS A N   1 
ATOM   284  C  CA  . LYS A 1 36  ? -10.106 -2.442  12.285  1.00 47.12  ? 1039 LYS A CA  1 
ATOM   285  C  C   . LYS A 1 36  ? -9.251  -2.399  11.015  1.00 50.85  ? 1039 LYS A C   1 
ATOM   286  O  O   . LYS A 1 36  ? -8.374  -3.236  10.805  1.00 50.79  ? 1039 LYS A O   1 
ATOM   287  C  CB  . LYS A 1 36  ? -11.466 -3.066  11.952  1.00 47.93  ? 1039 LYS A CB  1 
ATOM   288  C  CG  . LYS A 1 36  ? -12.010 -4.079  12.954  1.00 51.49  ? 1039 LYS A CG  1 
ATOM   289  C  CD  . LYS A 1 36  ? -11.278 -5.413  12.824  1.00 56.92  ? 1039 LYS A CD  1 
ATOM   290  C  CE  . LYS A 1 36  ? -12.230 -6.616  12.797  1.00 56.74  ? 1039 LYS A CE  1 
ATOM   291  N  NZ  . LYS A 1 36  ? -13.187 -6.677  13.932  1.00 49.36  ? 1039 LYS A NZ  1 
ATOM   292  N  N   . ILE A 1 37  ? -9.525  -1.416  10.167  1.00 50.73  ? 1040 ILE A N   1 
ATOM   293  C  CA  . ILE A 1 37  ? -8.818  -1.267  8.912   1.00 45.70  ? 1040 ILE A CA  1 
ATOM   294  C  C   . ILE A 1 37  ? -7.373  -0.842  9.116   1.00 47.94  ? 1040 ILE A C   1 
ATOM   295  O  O   . ILE A 1 37  ? -6.461  -1.415  8.528   1.00 49.38  ? 1040 ILE A O   1 
ATOM   296  C  CB  . ILE A 1 37  ? -9.526  -0.260  8.021   1.00 46.64  ? 1040 ILE A CB  1 
ATOM   297  C  CG1 . ILE A 1 37  ? -10.675 -0.963  7.296   1.00 49.87  ? 1040 ILE A CG1 1 
ATOM   298  C  CG2 . ILE A 1 37  ? -8.539  0.386   7.056   1.00 43.30  ? 1040 ILE A CG2 1 
ATOM   299  C  CD1 . ILE A 1 37  ? -11.296 -0.160  6.178   1.00 56.64  ? 1040 ILE A CD1 1 
ATOM   300  N  N   . ARG A 1 38  ? -7.162  0.165   9.949   1.00 49.61  ? 1041 ARG A N   1 
ATOM   301  C  CA  . ARG A 1 38  ? -5.810  0.563   10.294  1.00 52.54  ? 1041 ARG A CA  1 
ATOM   302  C  C   . ARG A 1 38  ? -5.071  -0.586  10.983  1.00 56.85  ? 1041 ARG A C   1 
ATOM   303  O  O   . ARG A 1 38  ? -3.857  -0.525  11.153  1.00 56.31  ? 1041 ARG A O   1 
ATOM   304  C  CB  . ARG A 1 38  ? -5.837  1.799   11.191  1.00 57.62  ? 1041 ARG A CB  1 
ATOM   305  C  CG  . ARG A 1 38  ? -6.395  3.030   10.504  1.00 66.49  ? 1041 ARG A CG  1 
ATOM   306  C  CD  . ARG A 1 38  ? -6.323  4.245   11.409  1.00 75.48  ? 1041 ARG A CD  1 
ATOM   307  N  NE  . ARG A 1 38  ? -6.276  5.493   10.647  1.00 87.99  ? 1041 ARG A NE  1 
ATOM   308  C  CZ  . ARG A 1 38  ? -6.094  6.700   11.182  1.00 93.69  ? 1041 ARG A CZ  1 
ATOM   309  N  NH1 . ARG A 1 38  ? -6.063  7.777   10.404  1.00 92.34  ? 1041 ARG A NH1 1 
ATOM   310  N  NH2 . ARG A 1 38  ? -5.941  6.837   12.494  1.00 97.59  ? 1041 ARG A NH2 1 
ATOM   311  N  N   . GLN A 1 39  ? -5.806  -1.631  11.368  1.00 60.32  ? 1042 GLN A N   1 
ATOM   312  C  CA  . GLN A 1 39  ? -5.223  -2.790  12.055  1.00 55.05  ? 1042 GLN A CA  1 
ATOM   313  C  C   . GLN A 1 39  ? -4.693  -3.859  11.104  1.00 54.57  ? 1042 GLN A C   1 
ATOM   314  O  O   . GLN A 1 39  ? -4.103  -4.837  11.549  1.00 60.13  ? 1042 GLN A O   1 
ATOM   315  C  CB  . GLN A 1 39  ? -6.244  -3.459  12.986  1.00 66.17  ? 1042 GLN A CB  1 
ATOM   316  C  CG  . GLN A 1 39  ? -6.968  -2.539  13.958  1.00 75.66  ? 1042 GLN A CG  1 
ATOM   317  C  CD  . GLN A 1 39  ? -6.031  -1.747  14.843  1.00 77.34  ? 1042 GLN A CD  1 
ATOM   318  O  OE1 . GLN A 1 39  ? -4.826  -1.683  14.595  1.00 76.24  ? 1042 GLN A OE1 1 
ATOM   319  N  NE2 . GLN A 1 39  ? -6.582  -1.133  15.883  1.00 71.99  ? 1042 GLN A NE2 1 
ATOM   320  N  N   . ILE A 1 40  ? -4.910  -3.693  9.806   1.00 51.13  ? 1043 ILE A N   1 
ATOM   321  C  CA  . ILE A 1 40  ? -4.527  -4.721  8.840   1.00 50.06  ? 1043 ILE A CA  1 
ATOM   322  C  C   . ILE A 1 40  ? -3.023  -4.903  8.742   1.00 55.61  ? 1043 ILE A C   1 
ATOM   323  O  O   . ILE A 1 40  ? -2.338  -4.094  8.116   1.00 60.56  ? 1043 ILE A O   1 
ATOM   324  C  CB  . ILE A 1 40  ? -5.048  -4.398  7.441   1.00 51.01  ? 1043 ILE A CB  1 
ATOM   325  C  CG1 . ILE A 1 40  ? -6.561  -4.216  7.474   1.00 55.21  ? 1043 ILE A CG1 1 
ATOM   326  C  CG2 . ILE A 1 40  ? -4.667  -5.500  6.465   1.00 52.36  ? 1043 ILE A CG2 1 
ATOM   327  C  CD1 . ILE A 1 40  ? -7.152  -3.983  6.119   1.00 56.58  ? 1043 ILE A CD1 1 
ATOM   328  N  N   . ASP A 1 41  ? -2.519  -5.979  9.341   1.00 61.76  ? 1044 ASP A N   1 
ATOM   329  C  CA  . ASP A 1 41  ? -1.087  -6.268  9.332   1.00 66.83  ? 1044 ASP A CA  1 
ATOM   330  C  C   . ASP A 1 41  ? -0.662  -7.140  8.153   1.00 68.29  ? 1044 ASP A C   1 
ATOM   331  O  O   . ASP A 1 41  ? 0.447   -7.002  7.639   1.00 81.27  ? 1044 ASP A O   1 
ATOM   332  C  CB  . ASP A 1 41  ? -0.655  -6.927  10.641  1.00 76.32  ? 1044 ASP A CB  1 
ATOM   333  C  CG  . ASP A 1 41  ? 0.853   -7.059  10.752  1.00 84.69  ? 1044 ASP A CG  1 
ATOM   334  O  OD1 . ASP A 1 41  ? 1.327   -8.067  11.319  1.00 88.62  ? 1044 ASP A OD1 1 
ATOM   335  O  OD2 . ASP A 1 41  ? 1.567   -6.158  10.262  1.00 86.07  ? 1044 ASP A OD2 1 
ATOM   336  N  N   . ASN A 1 42  ? -1.540  -8.039  7.726   1.00 60.49  ? 1045 ASN A N   1 
ATOM   337  C  CA  . ASN A 1 42  ? -1.241  -8.900  6.589   1.00 54.49  ? 1045 ASN A CA  1 
ATOM   338  C  C   . ASN A 1 42  ? -2.512  -9.262  5.845   1.00 51.68  ? 1045 ASN A C   1 
ATOM   339  O  O   . ASN A 1 42  ? -3.595  -8.757  6.151   1.00 55.20  ? 1045 ASN A O   1 
ATOM   340  C  CB  . ASN A 1 42  ? -0.605  -10.176 7.081   1.00 55.86  ? 1045 ASN A CB  1 
ATOM   341  C  CG  . ASN A 1 42  ? -1.543  -10.962 7.950   1.00 58.33  ? 1045 ASN A CG  1 
ATOM   342  O  OD1 . ASN A 1 42  ? -2.449  -11.635 7.455   1.00 59.12  ? 1045 ASN A OD1 1 
ATOM   343  N  ND2 . ASN A 1 42  ? -1.362  -10.853 9.258   1.00 58.10  ? 1045 ASN A ND2 1 
ATOM   344  N  N   . ARG A 1 43  ? -2.382  -10.170 4.886   1.00 45.14  ? 1046 ARG A N   1 
ATOM   345  C  CA  . ARG A 1 43  ? -3.509  -10.557 4.055   1.00 48.35  ? 1046 ARG A CA  1 
ATOM   346  C  C   . ARG A 1 43  ? -4.706  -11.129 4.843   1.00 53.07  ? 1046 ARG A C   1 
ATOM   347  O  O   . ARG A 1 43  ? -5.825  -10.629 4.718   1.00 54.55  ? 1046 ARG A O   1 
ATOM   348  C  CB  . ARG A 1 43  ? -3.054  -11.522 2.961   1.00 53.23  ? 1046 ARG A CB  1 
ATOM   349  C  CG  . ARG A 1 43  ? -4.164  -11.973 2.036   1.00 62.22  ? 1046 ARG A CG  1 
ATOM   350  C  CD  . ARG A 1 43  ? -3.614  -12.511 0.719   1.00 72.20  ? 1046 ARG A CD  1 
ATOM   351  N  NE  . ARG A 1 43  ? -3.420  -11.462 -0.284  1.00 77.51  ? 1046 ARG A NE  1 
ATOM   352  C  CZ  . ARG A 1 43  ? -4.346  -11.088 -1.168  1.00 79.09  ? 1046 ARG A CZ  1 
ATOM   353  N  NH1 . ARG A 1 43  ? -5.537  -11.672 -1.170  1.00 75.61  ? 1046 ARG A NH1 1 
ATOM   354  N  NH2 . ARG A 1 43  ? -4.087  -10.130 -2.051  1.00 78.82  ? 1046 ARG A NH2 1 
ATOM   355  N  N   . VAL A 1 44  ? -4.485  -12.160 5.656   1.00 46.02  ? 1047 VAL A N   1 
ATOM   356  C  CA  . VAL A 1 44  ? -5.623  -12.854 6.266   1.00 46.28  ? 1047 VAL A CA  1 
ATOM   357  C  C   . VAL A 1 44  ? -6.549  -11.893 7.005   1.00 47.21  ? 1047 VAL A C   1 
ATOM   358  O  O   . VAL A 1 44  ? -7.770  -12.067 6.985   1.00 52.94  ? 1047 VAL A O   1 
ATOM   359  C  CB  . VAL A 1 44  ? -5.211  -14.033 7.183   1.00 42.46  ? 1047 VAL A CB  1 
ATOM   360  C  CG1 . VAL A 1 44  ? -3.938  -14.692 6.674   1.00 44.75  ? 1047 VAL A CG1 1 
ATOM   361  C  CG2 . VAL A 1 44  ? -5.037  -13.571 8.617   1.00 51.04  ? 1047 VAL A CG2 1 
ATOM   362  N  N   . ASN A 1 45  ? -5.969  -10.877 7.638   1.00 42.84  ? 1048 ASN A N   1 
ATOM   363  C  CA  . ASN A 1 45  ? -6.754  -9.853  8.320   1.00 51.62  ? 1048 ASN A CA  1 
ATOM   364  C  C   . ASN A 1 45  ? -7.764  -9.323  7.346   1.00 51.90  ? 1048 ASN A C   1 
ATOM   365  O  O   . ASN A 1 45  ? -8.949  -9.655  7.402   1.00 58.51  ? 1048 ASN A O   1 
ATOM   366  C  CB  . ASN A 1 45  ? -5.871  -8.685  8.751   1.00 54.12  ? 1048 ASN A CB  1 
ATOM   367  C  CG  . ASN A 1 45  ? -4.715  -9.116  9.614   1.00 55.78  ? 1048 ASN A CG  1 
ATOM   368  O  OD1 . ASN A 1 45  ? -4.145  -8.314  10.351  1.00 53.38  ? 1048 ASN A OD1 1 
ATOM   369  N  ND2 . ASN A 1 45  ? -4.353  -10.386 9.527   1.00 62.45  ? 1048 ASN A ND2 1 
ATOM   370  N  N   . TYR A 1 46  ? -7.255  -8.465  6.470   1.00 53.57  ? 1049 TYR A N   1 
ATOM   371  C  CA  . TYR A 1 46  ? -7.902  -8.042  5.235   1.00 49.11  ? 1049 TYR A CA  1 
ATOM   372  C  C   . TYR A 1 46  ? -9.014  -8.994  4.801   1.00 53.26  ? 1049 TYR A C   1 
ATOM   373  O  O   . TYR A 1 46  ? -10.197 -8.629  4.798   1.00 53.37  ? 1049 TYR A O   1 
ATOM   374  C  CB  . TYR A 1 46  ? -6.813  -7.955  4.170   1.00 40.68  ? 1049 TYR A CB  1 
ATOM   375  C  CG  . TYR A 1 46  ? -7.229  -7.712  2.736   1.00 46.76  ? 1049 TYR A CG  1 
ATOM   376  C  CD1 . TYR A 1 46  ? -7.489  -6.422  2.264   1.00 56.10  ? 1049 TYR A CD1 1 
ATOM   377  C  CD2 . TYR A 1 46  ? -7.278  -8.758  1.829   1.00 44.48  ? 1049 TYR A CD2 1 
ATOM   378  C  CE1 . TYR A 1 46  ? -7.832  -6.194  0.938   1.00 47.47  ? 1049 TYR A CE1 1 
ATOM   379  C  CE2 . TYR A 1 46  ? -7.615  -8.541  0.508   1.00 47.24  ? 1049 TYR A CE2 1 
ATOM   380  C  CZ  . TYR A 1 46  ? -7.891  -7.263  0.067   1.00 45.22  ? 1049 TYR A CZ  1 
ATOM   381  O  OH  . TYR A 1 46  ? -8.220  -7.073  -1.253  1.00 44.10  ? 1049 TYR A OH  1 
ATOM   382  N  N   . GLU A 1 47  ? -8.637  -10.218 4.454   1.00 49.05  ? 1050 GLU A N   1 
ATOM   383  C  CA  . GLU A 1 47  ? -9.603  -11.182 3.963   1.00 46.54  ? 1050 GLU A CA  1 
ATOM   384  C  C   . GLU A 1 47  ? -10.757 -11.374 4.935   1.00 47.62  ? 1050 GLU A C   1 
ATOM   385  O  O   . GLU A 1 47  ? -11.926 -11.321 4.549   1.00 46.31  ? 1050 GLU A O   1 
ATOM   386  C  CB  . GLU A 1 47  ? -8.910  -12.496 3.665   1.00 51.01  ? 1050 GLU A CB  1 
ATOM   387  C  CG  . GLU A 1 47  ? -7.862  -12.337 2.591   1.00 65.56  ? 1050 GLU A CG  1 
ATOM   388  C  CD  . GLU A 1 47  ? -7.428  -13.655 1.999   1.00 75.09  ? 1050 GLU A CD  1 
ATOM   389  O  OE1 . GLU A 1 47  ? -7.412  -14.667 2.734   1.00 79.32  ? 1050 GLU A OE1 1 
ATOM   390  O  OE2 . GLU A 1 47  ? -7.098  -13.675 0.796   1.00 78.39  ? 1050 GLU A OE2 1 
ATOM   391  N  N   . GLU A 1 48  ? -10.423 -11.577 6.201   1.00 47.65  ? 1051 GLU A N   1 
ATOM   392  C  CA  . GLU A 1 48  ? -11.441 -11.738 7.221   1.00 45.97  ? 1051 GLU A CA  1 
ATOM   393  C  C   . GLU A 1 48  ? -12.290 -10.496 7.364   1.00 40.24  ? 1051 GLU A C   1 
ATOM   394  O  O   . GLU A 1 48  ? -13.482 -10.582 7.643   1.00 45.38  ? 1051 GLU A O   1 
ATOM   395  C  CB  . GLU A 1 48  ? -10.792 -12.068 8.546   1.00 43.85  ? 1051 GLU A CB  1 
ATOM   396  C  CG  . GLU A 1 48  ? -10.156 -13.420 8.531   1.00 46.17  ? 1051 GLU A CG  1 
ATOM   397  C  CD  . GLU A 1 48  ? -9.300  -13.630 9.731   1.00 46.28  ? 1051 GLU A CD  1 
ATOM   398  O  OE1 . GLU A 1 48  ? -8.581  -12.684 10.109  1.00 56.48  ? 1051 GLU A OE1 1 
ATOM   399  O  OE2 . GLU A 1 48  ? -9.354  -14.731 10.299  1.00 40.69  ? 1051 GLU A OE2 1 
ATOM   400  N  N   . LEU A 1 49  ? -11.669 -9.342  7.163   1.00 36.46  ? 1052 LEU A N   1 
ATOM   401  C  CA  . LEU A 1 49  ? -12.368 -8.075  7.283   1.00 38.53  ? 1052 LEU A CA  1 
ATOM   402  C  C   . LEU A 1 49  ? -13.438 -7.949  6.199   1.00 44.17  ? 1052 LEU A C   1 
ATOM   403  O  O   . LEU A 1 49  ? -14.537 -7.439  6.453   1.00 40.59  ? 1052 LEU A O   1 
ATOM   404  C  CB  . LEU A 1 49  ? -11.380 -6.908  7.229   1.00 36.30  ? 1052 LEU A CB  1 
ATOM   405  C  CG  . LEU A 1 49  ? -11.864 -5.609  7.877   1.00 39.44  ? 1052 LEU A CG  1 
ATOM   406  C  CD1 . LEU A 1 49  ? -12.717 -5.903  9.104   1.00 39.93  ? 1052 LEU A CD1 1 
ATOM   407  C  CD2 . LEU A 1 49  ? -10.690 -4.701  8.231   1.00 41.07  ? 1052 LEU A CD2 1 
ATOM   408  N  N   . GLN A 1 50  ? -13.112 -8.424  4.998   1.00 41.88  ? 1053 GLN A N   1 
ATOM   409  C  CA  . GLN A 1 50  ? -14.092 -8.516  3.927   1.00 38.70  ? 1053 GLN A CA  1 
ATOM   410  C  C   . GLN A 1 50  ? -15.195 -9.466  4.344   1.00 46.05  ? 1053 GLN A C   1 
ATOM   411  O  O   . GLN A 1 50  ? -16.366 -9.085  4.373   1.00 48.64  ? 1053 GLN A O   1 
ATOM   412  C  CB  . GLN A 1 50  ? -13.440 -9.035  2.658   1.00 41.85  ? 1053 GLN A CB  1 
ATOM   413  C  CG  . GLN A 1 50  ? -12.300 -8.175  2.178   1.00 57.83  ? 1053 GLN A CG  1 
ATOM   414  C  CD  . GLN A 1 50  ? -11.652 -8.717  0.918   1.00 63.19  ? 1053 GLN A CD  1 
ATOM   415  O  OE1 . GLN A 1 50  ? -11.395 -9.920  0.799   1.00 61.27  ? 1053 GLN A OE1 1 
ATOM   416  N  NE2 . GLN A 1 50  ? -11.375 -7.825  -0.033  1.00 63.46  ? 1053 GLN A NE2 1 
ATOM   417  N  N   . GLU A 1 51  ? -14.816 -10.699 4.680   1.00 45.91  ? 1054 GLU A N   1 
ATOM   418  C  CA  . GLU A 1 51  ? -15.770 -11.687 5.169   1.00 39.56  ? 1054 GLU A CA  1 
ATOM   419  C  C   . GLU A 1 51  ? -16.716 -11.028 6.164   1.00 43.69  ? 1054 GLU A C   1 
ATOM   420  O  O   . GLU A 1 51  ? -17.926 -11.220 6.088   1.00 52.98  ? 1054 GLU A O   1 
ATOM   421  C  CB  . GLU A 1 51  ? -15.058 -12.881 5.817   1.00 38.04  ? 1054 GLU A CB  1 
ATOM   422  C  CG  . GLU A 1 51  ? -14.312 -13.773 4.837   1.00 38.21  ? 1054 GLU A CG  1 
ATOM   423  N  N   . GLU A 1 52  ? -16.157 -10.229 7.073   1.00 39.36  ? 1055 GLU A N   1 
ATOM   424  C  CA  . GLU A 1 52  ? -16.936 -9.554  8.113   1.00 41.02  ? 1055 GLU A CA  1 
ATOM   425  C  C   . GLU A 1 52  ? -17.902 -8.511  7.556   1.00 44.63  ? 1055 GLU A C   1 
ATOM   426  O  O   . GLU A 1 52  ? -19.088 -8.494  7.897   1.00 49.22  ? 1055 GLU A O   1 
ATOM   427  C  CB  . GLU A 1 52  ? -16.006 -8.901  9.138   1.00 39.95  ? 1055 GLU A CB  1 
ATOM   428  C  CG  . GLU A 1 52  ? -16.722 -8.112  10.227  1.00 44.24  ? 1055 GLU A CG  1 
ATOM   429  C  CD  . GLU A 1 52  ? -15.889 -7.966  11.500  1.00 52.01  ? 1055 GLU A CD  1 
ATOM   430  O  OE1 . GLU A 1 52  ? -16.479 -7.682  12.563  1.00 54.13  ? 1055 GLU A OE1 1 
ATOM   431  O  OE2 . GLU A 1 52  ? -14.650 -8.143  11.448  1.00 50.24  ? 1055 GLU A OE2 1 
ATOM   432  N  N   . LEU A 1 53  ? -17.397 -7.636  6.701   1.00 39.19  ? 1056 LEU A N   1 
ATOM   433  C  CA  . LEU A 1 53  ? -18.224 -6.563  6.184   1.00 33.43  ? 1056 LEU A CA  1 
ATOM   434  C  C   . LEU A 1 53  ? -19.368 -7.084  5.345   1.00 33.82  ? 1056 LEU A C   1 
ATOM   435  O  O   . LEU A 1 53  ? -20.501 -6.679  5.543   1.00 37.82  ? 1056 LEU A O   1 
ATOM   436  C  CB  . LEU A 1 53  ? -17.386 -5.571  5.401   1.00 34.87  ? 1056 LEU A CB  1 
ATOM   437  C  CG  . LEU A 1 53  ? -16.473 -4.797  6.342   1.00 36.10  ? 1056 LEU A CG  1 
ATOM   438  C  CD1 . LEU A 1 53  ? -15.618 -3.815  5.573   1.00 30.93  ? 1056 LEU A CD1 1 
ATOM   439  C  CD2 . LEU A 1 53  ? -17.318 -4.083  7.383   1.00 41.06  ? 1056 LEU A CD2 1 
ATOM   440  N  N   . ILE A 1 54  ? -19.079 -7.987  4.412   1.00 38.16  ? 1057 ILE A N   1 
ATOM   441  C  CA  . ILE A 1 54  ? -20.144 -8.587  3.617   1.00 38.00  ? 1057 ILE A CA  1 
ATOM   442  C  C   . ILE A 1 54  ? -21.078 -9.300  4.569   1.00 42.43  ? 1057 ILE A C   1 
ATOM   443  O  O   . ILE A 1 54  ? -22.303 -9.174  4.489   1.00 35.52  ? 1057 ILE A O   1 
ATOM   444  C  CB  . ILE A 1 54  ? -19.634 -9.629  2.597   1.00 31.09  ? 1057 ILE A CB  1 
ATOM   445  C  CG1 . ILE A 1 54  ? -18.879 -8.963  1.445   1.00 35.04  ? 1057 ILE A CG1 1 
ATOM   446  C  CG2 . ILE A 1 54  ? -20.802 -10.422 2.035   1.00 28.01  ? 1057 ILE A CG2 1 
ATOM   447  C  CD1 . ILE A 1 54  ? -17.389 -9.276  1.416   1.00 38.91  ? 1057 ILE A CD1 1 
ATOM   448  N  N   . ASP A 1 55  ? -20.479 -10.047 5.483   1.00 48.13  ? 1058 ASP A N   1 
ATOM   449  C  CA  . ASP A 1 55  ? -21.246 -10.799 6.451   1.00 52.89  ? 1058 ASP A CA  1 
ATOM   450  C  C   . ASP A 1 55  ? -22.309 -9.924  7.112   1.00 48.75  ? 1058 ASP A C   1 
ATOM   451  O  O   . ASP A 1 55  ? -23.475 -10.308 7.191   1.00 44.73  ? 1058 ASP A O   1 
ATOM   452  C  CB  . ASP A 1 55  ? -20.322 -11.405 7.500   1.00 60.79  ? 1058 ASP A CB  1 
ATOM   453  C  CG  . ASP A 1 55  ? -21.064 -12.240 8.508   1.00 67.24  ? 1058 ASP A CG  1 
ATOM   454  O  OD1 . ASP A 1 55  ? -22.089 -12.847 8.134   1.00 68.11  ? 1058 ASP A OD1 1 
ATOM   455  O  OD2 . ASP A 1 55  ? -20.620 -12.291 9.673   1.00 77.18  ? 1058 ASP A OD2 1 
ATOM   456  N  N   . ARG A 1 56  ? -21.928 -8.742  7.575   1.00 40.73  ? 1059 ARG A N   1 
ATOM   457  C  CA  . ARG A 1 56  ? -22.906 -7.948  8.302   1.00 44.81  ? 1059 ARG A CA  1 
ATOM   458  C  C   . ARG A 1 56  ? -23.259 -6.605  7.680   1.00 51.26  ? 1059 ARG A C   1 
ATOM   459  O  O   . ARG A 1 56  ? -23.926 -5.792  8.309   1.00 51.83  ? 1059 ARG A O   1 
ATOM   460  C  CB  . ARG A 1 56  ? -22.511 -7.785  9.768   1.00 42.19  ? 1059 ARG A CB  1 
ATOM   461  C  CG  . ARG A 1 56  ? -21.134 -7.232  10.007  1.00 31.09  ? 1059 ARG A CG  1 
ATOM   462  C  CD  . ARG A 1 56  ? -21.011 -6.796  11.451  1.00 28.92  ? 1059 ARG A CD  1 
ATOM   463  N  NE  . ARG A 1 56  ? -19.660 -6.358  11.773  1.00 42.89  ? 1059 ARG A NE  1 
ATOM   464  C  CZ  . ARG A 1 56  ? -19.369 -5.484  12.731  1.00 41.71  ? 1059 ARG A CZ  1 
ATOM   465  N  NH1 . ARG A 1 56  ? -20.338 -4.947  13.456  1.00 38.65  ? 1059 ARG A NH1 1 
ATOM   466  N  NH2 . ARG A 1 56  ? -18.109 -5.139  12.956  1.00 40.50  ? 1059 ARG A NH2 1 
ATOM   467  N  N   . PHE A 1 57  ? -22.839 -6.373  6.443   1.00 59.95  ? 1060 PHE A N   1 
ATOM   468  C  CA  . PHE A 1 57  ? -23.244 -5.155  5.744   1.00 56.56  ? 1060 PHE A CA  1 
ATOM   469  C  C   . PHE A 1 57  ? -23.525 -5.393  4.262   1.00 54.92  ? 1060 PHE A C   1 
ATOM   470  O  O   . PHE A 1 57  ? -23.857 -4.457  3.539   1.00 65.72  ? 1060 PHE A O   1 
ATOM   471  C  CB  . PHE A 1 57  ? -22.191 -4.053  5.899   1.00 62.51  ? 1060 PHE A CB  1 
ATOM   472  C  CG  . PHE A 1 57  ? -21.911 -3.665  7.323   1.00 61.58  ? 1060 PHE A CG  1 
ATOM   473  C  CD1 . PHE A 1 57  ? -20.786 -4.144  7.977   1.00 64.46  ? 1060 PHE A CD1 1 
ATOM   474  C  CD2 . PHE A 1 57  ? -22.763 -2.813  8.004   1.00 56.99  ? 1060 PHE A CD2 1 
ATOM   475  C  CE1 . PHE A 1 57  ? -20.520 -3.786  9.289   1.00 65.26  ? 1060 PHE A CE1 1 
ATOM   476  C  CE2 . PHE A 1 57  ? -22.503 -2.454  9.316   1.00 61.88  ? 1060 PHE A CE2 1 
ATOM   477  C  CZ  . PHE A 1 57  ? -21.380 -2.942  9.959   1.00 62.71  ? 1060 PHE A CZ  1 
ATOM   478  N  N   . GLY A 1 58  ? -23.391 -6.639  3.811   1.00 50.37  ? 1061 GLY A N   1 
ATOM   479  C  CA  . GLY A 1 58  ? -23.630 -6.980  2.406   1.00 48.61  ? 1061 GLY A CA  1 
ATOM   480  C  C   . GLY A 1 58  ? -22.500 -6.499  1.513   1.00 50.12  ? 1061 GLY A C   1 
ATOM   481  O  O   . GLY A 1 58  ? -21.449 -6.066  2.003   1.00 46.50  ? 1061 GLY A O   1 
ATOM   482  N  N   . GLU A 1 59  ? -22.707 -6.574  0.201   1.00 46.58  ? 1062 GLU A N   1 
ATOM   483  C  CA  . GLU A 1 59  ? -21.701 -6.107  -0.747  1.00 50.75  ? 1062 GLU A CA  1 
ATOM   484  C  C   . GLU A 1 59  ? -21.335 -4.649  -0.468  1.00 46.98  ? 1062 GLU A C   1 
ATOM   485  O  O   . GLU A 1 59  ? -22.204 -3.847  -0.146  1.00 55.01  ? 1062 GLU A O   1 
ATOM   486  C  CB  . GLU A 1 59  ? -22.193 -6.289  -2.188  1.00 57.08  ? 1062 GLU A CB  1 
ATOM   487  C  CG  . GLU A 1 59  ? -21.939 -7.684  -2.766  1.00 69.50  ? 1062 GLU A CG  1 
ATOM   488  C  CD  . GLU A 1 59  ? -20.448 -7.997  -2.945  1.00 78.81  ? 1062 GLU A CD  1 
ATOM   489  O  OE1 . GLU A 1 59  ? -20.082 -8.560  -4.001  1.00 79.07  ? 1062 GLU A OE1 1 
ATOM   490  O  OE2 . GLU A 1 59  ? -19.638 -7.680  -2.042  1.00 81.87  ? 1062 GLU A OE2 1 
ATOM   491  N  N   . TYR A 1 60  ? -20.054 -4.307  -0.576  1.00 44.06  ? 1063 TYR A N   1 
ATOM   492  C  CA  . TYR A 1 60  ? -19.619 -2.920  -0.346  1.00 50.21  ? 1063 TYR A CA  1 
ATOM   493  C  C   . TYR A 1 60  ? -19.242 -2.183  -1.640  1.00 50.68  ? 1063 TYR A C   1 
ATOM   494  O  O   . TYR A 1 60  ? -18.823 -2.818  -2.606  1.00 56.91  ? 1063 TYR A O   1 
ATOM   495  C  CB  . TYR A 1 60  ? -18.452 -2.876  0.644   1.00 46.46  ? 1063 TYR A CB  1 
ATOM   496  C  CG  . TYR A 1 60  ? -17.326 -3.819  0.307   1.00 49.37  ? 1063 TYR A CG  1 
ATOM   497  C  CD1 . TYR A 1 60  ? -16.350 -3.478  -0.630  1.00 46.96  ? 1063 TYR A CD1 1 
ATOM   498  C  CD2 . TYR A 1 60  ? -17.238 -5.055  0.926   1.00 53.41  ? 1063 TYR A CD2 1 
ATOM   499  C  CE1 . TYR A 1 60  ? -15.316 -4.352  -0.934  1.00 49.04  ? 1063 TYR A CE1 1 
ATOM   500  C  CE2 . TYR A 1 60  ? -16.213 -5.935  0.633   1.00 54.60  ? 1063 TYR A CE2 1 
ATOM   501  C  CZ  . TYR A 1 60  ? -15.255 -5.585  -0.291  1.00 53.68  ? 1063 TYR A CZ  1 
ATOM   502  O  OH  . TYR A 1 60  ? -14.241 -6.481  -0.553  1.00 47.08  ? 1063 TYR A OH  1 
ATOM   503  N  N   . PRO A 1 61  ? -19.381 -0.838  -1.657  1.00 51.26  ? 1064 PRO A N   1 
ATOM   504  C  CA  . PRO A 1 61  ? -19.062 -0.019  -2.833  1.00 49.74  ? 1064 PRO A CA  1 
ATOM   505  C  C   . PRO A 1 61  ? -17.568 0.234   -3.002  1.00 53.94  ? 1064 PRO A C   1 
ATOM   506  O  O   . PRO A 1 61  ? -16.774 -0.006  -2.083  1.00 51.22  ? 1064 PRO A O   1 
ATOM   507  C  CB  . PRO A 1 61  ? -19.772 1.300   -2.541  1.00 45.93  ? 1064 PRO A CB  1 
ATOM   508  C  CG  . PRO A 1 61  ? -19.731 1.404   -1.060  1.00 40.03  ? 1064 PRO A CG  1 
ATOM   509  C  CD  . PRO A 1 61  ? -19.860 -0.007  -0.535  1.00 47.96  ? 1064 PRO A CD  1 
ATOM   510  N  N   . ASP A 1 62  ? -17.199 0.739   -4.172  1.00 52.44  ? 1065 ASP A N   1 
ATOM   511  C  CA  . ASP A 1 62  ? -15.795 0.817   -4.544  1.00 49.55  ? 1065 ASP A CA  1 
ATOM   512  C  C   . ASP A 1 62  ? -14.922 1.594   -3.562  1.00 50.69  ? 1065 ASP A C   1 
ATOM   513  O  O   . ASP A 1 62  ? -13.785 1.201   -3.280  1.00 50.45  ? 1065 ASP A O   1 
ATOM   514  C  CB  . ASP A 1 62  ? -15.663 1.346   -5.968  1.00 44.16  ? 1065 ASP A CB  1 
ATOM   515  C  CG  . ASP A 1 62  ? -16.224 0.378   -6.979  1.00 50.01  ? 1065 ASP A CG  1 
ATOM   516  O  OD1 . ASP A 1 62  ? -16.327 -0.813  -6.628  1.00 56.07  ? 1065 ASP A OD1 1 
ATOM   517  O  OD2 . ASP A 1 62  ? -16.567 0.790   -8.106  1.00 57.68  ? 1065 ASP A OD2 1 
ATOM   518  N  N   . VAL A 1 63  ? -15.458 2.682   -3.022  1.00 44.53  ? 1066 VAL A N   1 
ATOM   519  C  CA  . VAL A 1 63  ? -14.700 3.474   -2.071  1.00 41.94  ? 1066 VAL A CA  1 
ATOM   520  C  C   . VAL A 1 63  ? -14.326 2.649   -0.841  1.00 44.56  ? 1066 VAL A C   1 
ATOM   521  O  O   . VAL A 1 63  ? -13.295 2.883   -0.212  1.00 46.51  ? 1066 VAL A O   1 
ATOM   522  C  CB  . VAL A 1 63  ? -15.470 4.716   -1.642  1.00 36.98  ? 1066 VAL A CB  1 
ATOM   523  C  CG1 . VAL A 1 63  ? -15.839 5.525   -2.855  1.00 33.25  ? 1066 VAL A CG1 1 
ATOM   524  C  CG2 . VAL A 1 63  ? -16.713 4.318   -0.867  1.00 40.84  ? 1066 VAL A CG2 1 
ATOM   525  N  N   . VAL A 1 64  ? -15.160 1.677   -0.497  1.00 37.33  ? 1067 VAL A N   1 
ATOM   526  C  CA  . VAL A 1 64  ? -14.837 0.823   0.629   1.00 42.56  ? 1067 VAL A CA  1 
ATOM   527  C  C   . VAL A 1 64  ? -13.783 -0.182  0.213   1.00 44.54  ? 1067 VAL A C   1 
ATOM   528  O  O   . VAL A 1 64  ? -12.813 -0.420  0.934   1.00 40.07  ? 1067 VAL A O   1 
ATOM   529  C  CB  . VAL A 1 64  ? -16.059 0.083   1.146   1.00 41.59  ? 1067 VAL A CB  1 
ATOM   530  C  CG1 . VAL A 1 64  ? -15.628 -1.023  2.082   1.00 43.84  ? 1067 VAL A CG1 1 
ATOM   531  C  CG2 . VAL A 1 64  ? -16.976 1.053   1.860   1.00 49.90  ? 1067 VAL A CG2 1 
ATOM   532  N  N   . ALA A 1 65  ? -13.987 -0.768  -0.963  1.00 45.71  ? 1068 ALA A N   1 
ATOM   533  C  CA  . ALA A 1 65  ? -13.018 -1.673  -1.541  1.00 38.65  ? 1068 ALA A CA  1 
ATOM   534  C  C   . ALA A 1 65  ? -11.631 -1.042  -1.486  1.00 44.13  ? 1068 ALA A C   1 
ATOM   535  O  O   . ALA A 1 65  ? -10.663 -1.679  -1.057  1.00 49.30  ? 1068 ALA A O   1 
ATOM   536  C  CB  . ALA A 1 65  ? -13.396 -1.988  -2.960  1.00 27.81  ? 1068 ALA A CB  1 
ATOM   537  N  N   . TYR A 1 66  ? -11.541 0.215   -1.911  1.00 36.28  ? 1069 TYR A N   1 
ATOM   538  C  CA  . TYR A 1 66  ? -10.269 0.926   -1.916  1.00 42.53  ? 1069 TYR A CA  1 
ATOM   539  C  C   . TYR A 1 66  ? -9.721  1.174   -0.511  1.00 44.87  ? 1069 TYR A C   1 
ATOM   540  O  O   . TYR A 1 66  ? -8.518  1.066   -0.274  1.00 45.92  ? 1069 TYR A O   1 
ATOM   541  C  CB  . TYR A 1 66  ? -10.401 2.263   -2.630  1.00 48.35  ? 1069 TYR A CB  1 
ATOM   542  C  CG  . TYR A 1 66  ? -10.780 2.172   -4.079  1.00 47.96  ? 1069 TYR A CG  1 
ATOM   543  C  CD1 . TYR A 1 66  ? -10.298 1.147   -4.883  1.00 54.03  ? 1069 TYR A CD1 1 
ATOM   544  C  CD2 . TYR A 1 66  ? -11.595 3.137   -4.654  1.00 51.34  ? 1069 TYR A CD2 1 
ATOM   545  C  CE1 . TYR A 1 66  ? -10.637 1.071   -6.229  1.00 52.86  ? 1069 TYR A CE1 1 
ATOM   546  C  CE2 . TYR A 1 66  ? -11.935 3.078   -5.991  1.00 53.24  ? 1069 TYR A CE2 1 
ATOM   547  C  CZ  . TYR A 1 66  ? -11.456 2.047   -6.774  1.00 54.18  ? 1069 TYR A CZ  1 
ATOM   548  O  OH  . TYR A 1 66  ? -11.799 2.003   -8.104  1.00 53.83  ? 1069 TYR A OH  1 
ATOM   549  N  N   . LEU A 1 67  ? -10.597 1.528   0.419   1.00 39.39  ? 1070 LEU A N   1 
ATOM   550  C  CA  . LEU A 1 67  ? -10.149 1.754   1.773   1.00 38.82  ? 1070 LEU A CA  1 
ATOM   551  C  C   . LEU A 1 67  ? -9.395  0.511   2.230   1.00 41.87  ? 1070 LEU A C   1 
ATOM   552  O  O   . LEU A 1 67  ? -8.283  0.593   2.778   1.00 43.65  ? 1070 LEU A O   1 
ATOM   553  C  CB  . LEU A 1 67  ? -11.332 2.026   2.689   1.00 40.25  ? 1070 LEU A CB  1 
ATOM   554  C  CG  . LEU A 1 67  ? -11.033 3.138   3.692   1.00 50.21  ? 1070 LEU A CG  1 
ATOM   555  C  CD1 . LEU A 1 67  ? -11.870 2.955   4.934   1.00 44.06  ? 1070 LEU A CD1 1 
ATOM   556  C  CD2 . LEU A 1 67  ? -9.537  3.183   4.048   1.00 61.66  ? 1070 LEU A CD2 1 
ATOM   557  N  N   . LEU A 1 68  ? -10.019 -0.634  1.975   1.00 38.68  ? 1071 LEU A N   1 
ATOM   558  C  CA  . LEU A 1 68  ? -9.441  -1.936  2.258   1.00 43.33  ? 1071 LEU A CA  1 
ATOM   559  C  C   . LEU A 1 68  ? -8.132  -2.154  1.507   1.00 49.03  ? 1071 LEU A C   1 
ATOM   560  O  O   . LEU A 1 68  ? -7.122  -2.529  2.099   1.00 47.40  ? 1071 LEU A O   1 
ATOM   561  C  CB  . LEU A 1 68  ? -10.427 -3.035  1.866   1.00 45.05  ? 1071 LEU A CB  1 
ATOM   562  C  CG  . LEU A 1 68  ? -11.746 -3.128  2.639   1.00 49.24  ? 1071 LEU A CG  1 
ATOM   563  C  CD1 . LEU A 1 68  ? -12.695 -4.122  1.977   1.00 43.40  ? 1071 LEU A CD1 1 
ATOM   564  C  CD2 . LEU A 1 68  ? -11.510 -3.503  4.105   1.00 42.91  ? 1071 LEU A CD2 1 
ATOM   565  N  N   . GLU A 1 69  ? -8.150  -1.924  0.199   1.00 50.86  ? 1072 GLU A N   1 
ATOM   566  C  CA  . GLU A 1 69  ? -6.987  -2.236  -0.607  1.00 46.93  ? 1072 GLU A CA  1 
ATOM   567  C  C   . GLU A 1 69  ? -5.801  -1.477  -0.083  1.00 49.86  ? 1072 GLU A C   1 
ATOM   568  O  O   . GLU A 1 69  ? -4.747  -2.058  0.172   1.00 60.39  ? 1072 GLU A O   1 
ATOM   569  C  CB  . GLU A 1 69  ? -7.205  -1.875  -2.064  1.00 48.21  ? 1072 GLU A CB  1 
ATOM   570  C  CG  . GLU A 1 69  ? -6.360  -2.708  -2.974  1.00 58.13  ? 1072 GLU A CG  1 
ATOM   571  C  CD  . GLU A 1 69  ? -6.731  -4.174  -2.871  1.00 66.86  ? 1072 GLU A CD  1 
ATOM   572  O  OE1 . GLU A 1 69  ? -7.790  -4.467  -2.263  1.00 58.83  ? 1072 GLU A OE1 1 
ATOM   573  O  OE2 . GLU A 1 69  ? -5.976  -5.026  -3.399  1.00 68.17  ? 1072 GLU A OE2 1 
ATOM   574  N  N   . ILE A 1 70  ? -5.991  -0.173  0.084   1.00 40.73  ? 1073 ILE A N   1 
ATOM   575  C  CA  . ILE A 1 70  ? -4.941  0.696   0.574   1.00 38.71  ? 1073 ILE A CA  1 
ATOM   576  C  C   . ILE A 1 70  ? -4.398  0.148   1.873   1.00 41.18  ? 1073 ILE A C   1 
ATOM   577  O  O   . ILE A 1 70  ? -3.189  0.104   2.076   1.00 49.25  ? 1073 ILE A O   1 
ATOM   578  C  CB  . ILE A 1 70  ? -5.454  2.117   0.801   1.00 37.61  ? 1073 ILE A CB  1 
ATOM   579  C  CG1 . ILE A 1 70  ? -6.020  2.671   -0.503  1.00 29.76  ? 1073 ILE A CG1 1 
ATOM   580  C  CG2 . ILE A 1 70  ? -4.339  3.008   1.320   1.00 18.44  ? 1073 ILE A CG2 1 
ATOM   581  C  CD1 . ILE A 1 70  ? -6.433  4.093   -0.400  1.00 32.06  ? 1073 ILE A CD1 1 
ATOM   582  N  N   . GLY A 1 71  ? -5.294  -0.289  2.747   1.00 40.28  ? 1074 GLY A N   1 
ATOM   583  C  CA  . GLY A 1 71  ? -4.874  -0.874  4.012   1.00 52.21  ? 1074 GLY A CA  1 
ATOM   584  C  C   . GLY A 1 71  ? -3.922  -2.040  3.813   1.00 48.52  ? 1074 GLY A C   1 
ATOM   585  O  O   . GLY A 1 71  ? -2.825  -2.076  4.386   1.00 51.11  ? 1074 GLY A O   1 
ATOM   586  N  N   . LEU A 1 72  ? -4.351  -2.993  2.995   1.00 48.58  ? 1075 LEU A N   1 
ATOM   587  C  CA  . LEU A 1 72  ? -3.542  -4.164  2.681   1.00 54.82  ? 1075 LEU A CA  1 
ATOM   588  C  C   . LEU A 1 72  ? -2.198  -3.720  2.120   1.00 54.14  ? 1075 LEU A C   1 
ATOM   589  O  O   . LEU A 1 72  ? -1.145  -3.944  2.724   1.00 49.79  ? 1075 LEU A O   1 
ATOM   590  C  CB  . LEU A 1 72  ? -4.264  -5.042  1.658   1.00 46.72  ? 1075 LEU A CB  1 
ATOM   591  C  CG  . LEU A 1 72  ? -3.418  -6.183  1.093   1.00 43.93  ? 1075 LEU A CG  1 
ATOM   592  C  CD1 . LEU A 1 72  ? -2.929  -7.087  2.214   1.00 43.69  ? 1075 LEU A CD1 1 
ATOM   593  C  CD2 . LEU A 1 72  ? -4.208  -6.966  0.070   1.00 36.99  ? 1075 LEU A CD2 1 
ATOM   594  N  N   . VAL A 1 73  ? -2.257  -3.093  0.952   1.00 44.24  ? 1076 VAL A N   1 
ATOM   595  C  CA  . VAL A 1 73  ? -1.107  -2.449  0.358   1.00 39.29  ? 1076 VAL A CA  1 
ATOM   596  C  C   . VAL A 1 73  ? -0.180  -1.887  1.440   1.00 40.49  ? 1076 VAL A C   1 
ATOM   597  O  O   . VAL A 1 73  ? 0.979   -2.305  1.558   1.00 40.11  ? 1076 VAL A O   1 
ATOM   598  C  CB  . VAL A 1 73  ? -1.567  -1.338  -0.602  1.00 35.57  ? 1076 VAL A CB  1 
ATOM   599  C  CG1 . VAL A 1 73  ? -0.438  -0.407  -0.933  1.00 36.33  ? 1076 VAL A CG1 1 
ATOM   600  C  CG2 . VAL A 1 73  ? -2.141  -1.951  -1.874  1.00 36.20  ? 1076 VAL A CG2 1 
ATOM   601  N  N   . LYS A 1 74  ? -0.694  -0.972  2.254   1.00 29.68  ? 1077 LYS A N   1 
ATOM   602  C  CA  . LYS A 1 74  ? 0.138   -0.321  3.256   1.00 31.45  ? 1077 LYS A CA  1 
ATOM   603  C  C   . LYS A 1 74  ? 0.936   -1.305  4.087   1.00 37.34  ? 1077 LYS A C   1 
ATOM   604  O  O   . LYS A 1 74  ? 2.142   -1.130  4.271   1.00 39.11  ? 1077 LYS A O   1 
ATOM   605  C  CB  . LYS A 1 74  ? -0.689  0.547   4.186   1.00 30.47  ? 1077 LYS A CB  1 
ATOM   606  C  CG  . LYS A 1 74  ? 0.161   1.399   5.103   1.00 33.64  ? 1077 LYS A CG  1 
ATOM   607  C  CD  . LYS A 1 74  ? -0.711  2.322   5.946   1.00 48.32  ? 1077 LYS A CD  1 
ATOM   608  C  CE  . LYS A 1 74  ? 0.115   3.334   6.724   1.00 34.82  ? 1077 LYS A CE  1 
ATOM   609  N  NZ  . LYS A 1 74  ? 1.097   2.664   7.609   1.00 46.19  ? 1077 LYS A NZ  1 
ATOM   610  N  N   . SER A 1 75  ? 0.265   -2.334  4.588   1.00 38.74  ? 1078 SER A N   1 
ATOM   611  C  CA  . SER A 1 75  ? 0.927   -3.328  5.428   1.00 45.86  ? 1078 SER A CA  1 
ATOM   612  C  C   . SER A 1 75  ? 2.247   -3.763  4.805   1.00 45.72  ? 1078 SER A C   1 
ATOM   613  O  O   . SER A 1 75  ? 3.250   -3.940  5.499   1.00 43.19  ? 1078 SER A O   1 
ATOM   614  C  CB  . SER A 1 75  ? 0.035   -4.547  5.610   1.00 49.45  ? 1078 SER A CB  1 
ATOM   615  O  OG  . SER A 1 75  ? -0.017  -5.305  4.415   1.00 47.25  ? 1078 SER A OG  1 
ATOM   616  N  N   . TYR A 1 76  ? 2.242   -3.931  3.488   1.00 40.92  ? 1079 TYR A N   1 
ATOM   617  C  CA  . TYR A 1 76  ? 3.453   -4.299  2.778   1.00 37.09  ? 1079 TYR A CA  1 
ATOM   618  C  C   . TYR A 1 76  ? 4.470   -3.180  2.767   1.00 41.32  ? 1079 TYR A C   1 
ATOM   619  O  O   . TYR A 1 76  ? 5.592   -3.363  3.232   1.00 40.29  ? 1079 TYR A O   1 
ATOM   620  C  CB  . TYR A 1 76  ? 3.131   -4.683  1.355   1.00 39.53  ? 1079 TYR A CB  1 
ATOM   621  C  CG  . TYR A 1 76  ? 2.401   -5.984  1.267   1.00 46.20  ? 1079 TYR A CG  1 
ATOM   622  C  CD1 . TYR A 1 76  ? 3.079   -7.185  1.368   1.00 46.95  ? 1079 TYR A CD1 1 
ATOM   623  C  CD2 . TYR A 1 76  ? 1.026   -6.019  1.078   1.00 61.87  ? 1079 TYR A CD2 1 
ATOM   624  C  CE1 . TYR A 1 76  ? 2.415   -8.392  1.280   1.00 46.67  ? 1079 TYR A CE1 1 
ATOM   625  C  CE2 . TYR A 1 76  ? 0.351   -7.224  0.988   1.00 60.14  ? 1079 TYR A CE2 1 
ATOM   626  C  CZ  . TYR A 1 76  ? 1.052   -8.408  1.092   1.00 49.33  ? 1079 TYR A CZ  1 
ATOM   627  O  OH  . TYR A 1 76  ? 0.390   -9.613  1.003   1.00 49.80  ? 1079 TYR A OH  1 
ATOM   628  N  N   . LEU A 1 77  ? 4.088   -2.023  2.234   1.00 33.72  ? 1080 LEU A N   1 
ATOM   629  C  CA  . LEU A 1 77  ? 5.019   -0.902  2.187   1.00 38.60  ? 1080 LEU A CA  1 
ATOM   630  C  C   . LEU A 1 77  ? 5.625   -0.646  3.570   1.00 47.89  ? 1080 LEU A C   1 
ATOM   631  O  O   . LEU A 1 77  ? 6.769   -0.201  3.685   1.00 43.14  ? 1080 LEU A O   1 
ATOM   632  C  CB  . LEU A 1 77  ? 4.355   0.367   1.653   1.00 44.52  ? 1080 LEU A CB  1 
ATOM   633  C  CG  . LEU A 1 77  ? 3.671   0.355   0.283   1.00 44.15  ? 1080 LEU A CG  1 
ATOM   634  C  CD1 . LEU A 1 77  ? 4.584   -0.156  -0.830  1.00 40.03  ? 1080 LEU A CD1 1 
ATOM   635  C  CD2 . LEU A 1 77  ? 2.437   -0.492  0.368   1.00 59.63  ? 1080 LEU A CD2 1 
ATOM   636  N  N   . ASP A 1 78  ? 4.859   -0.937  4.618   1.00 43.90  ? 1081 ASP A N   1 
ATOM   637  C  CA  . ASP A 1 78  ? 5.349   -0.764  5.974   1.00 45.15  ? 1081 ASP A CA  1 
ATOM   638  C  C   . ASP A 1 78  ? 6.473   -1.744  6.290   1.00 45.16  ? 1081 ASP A C   1 
ATOM   639  O  O   . ASP A 1 78  ? 7.499   -1.356  6.846   1.00 46.60  ? 1081 ASP A O   1 
ATOM   640  C  CB  . ASP A 1 78  ? 4.216   -0.925  6.992   1.00 56.10  ? 1081 ASP A CB  1 
ATOM   641  C  CG  . ASP A 1 78  ? 3.238   0.245   6.982   1.00 58.40  ? 1081 ASP A CG  1 
ATOM   642  O  OD1 . ASP A 1 78  ? 3.553   1.307   6.399   1.00 54.80  ? 1081 ASP A OD1 1 
ATOM   643  O  OD2 . ASP A 1 78  ? 2.145   0.094   7.570   1.00 54.22  ? 1081 ASP A OD2 1 
ATOM   644  N  N   . LYS A 1 79  ? 6.288   -3.013  5.933   1.00 42.76  ? 1082 LYS A N   1 
ATOM   645  C  CA  . LYS A 1 79  ? 7.274   -4.045  6.279   1.00 40.80  ? 1082 LYS A CA  1 
ATOM   646  C  C   . LYS A 1 79  ? 8.592   -3.876  5.545   1.00 46.94  ? 1082 LYS A C   1 
ATOM   647  O  O   . LYS A 1 79  ? 9.627   -4.339  6.021   1.00 54.18  ? 1082 LYS A O   1 
ATOM   648  C  CB  . LYS A 1 79  ? 6.719   -5.442  6.032   1.00 28.25  ? 1082 LYS A CB  1 
ATOM   649  C  CG  . LYS A 1 79  ? 5.505   -5.736  6.869   1.00 37.08  ? 1082 LYS A CG  1 
ATOM   650  C  CD  . LYS A 1 79  ? 5.000   -7.134  6.638   1.00 45.41  ? 1082 LYS A CD  1 
ATOM   651  C  CE  . LYS A 1 79  ? 3.797   -7.418  7.516   1.00 50.20  ? 1082 LYS A CE  1 
ATOM   652  N  NZ  . LYS A 1 79  ? 3.200   -8.754  7.227   1.00 57.59  ? 1082 LYS A NZ  1 
ATOM   653  N  N   . VAL A 1 80  ? 8.545   -3.221  4.387   1.00 49.53  ? 1083 VAL A N   1 
ATOM   654  C  CA  . VAL A 1 80  ? 9.753   -2.931  3.614   1.00 52.12  ? 1083 VAL A CA  1 
ATOM   655  C  C   . VAL A 1 80  ? 10.234  -1.508  3.884   1.00 51.51  ? 1083 VAL A C   1 
ATOM   656  O  O   . VAL A 1 80  ? 11.103  -0.978  3.189   1.00 44.59  ? 1083 VAL A O   1 
ATOM   657  C  CB  . VAL A 1 80  ? 9.541   -3.129  2.100   1.00 53.58  ? 1083 VAL A CB  1 
ATOM   658  C  CG1 . VAL A 1 80  ? 9.478   -4.608  1.763   1.00 52.96  ? 1083 VAL A CG1 1 
ATOM   659  C  CG2 . VAL A 1 80  ? 8.284   -2.413  1.636   1.00 56.97  ? 1083 VAL A CG2 1 
ATOM   660  N  N   . PHE A 1 81  ? 9.645   -0.894  4.899   1.00 53.89  ? 1084 PHE A N   1 
ATOM   661  C  CA  . PHE A 1 81  ? 10.103  0.399   5.390   1.00 51.20  ? 1084 PHE A CA  1 
ATOM   662  C  C   . PHE A 1 81  ? 10.053  1.536   4.360   1.00 49.42  ? 1084 PHE A C   1 
ATOM   663  O  O   . PHE A 1 81  ? 10.968  2.357   4.272   1.00 47.11  ? 1084 PHE A O   1 
ATOM   664  C  CB  . PHE A 1 81  ? 11.481  0.256   6.024   1.00 43.78  ? 1084 PHE A CB  1 
ATOM   665  C  CG  . PHE A 1 81  ? 11.504  -0.682  7.198   1.00 49.31  ? 1084 PHE A CG  1 
ATOM   666  C  CD1 . PHE A 1 81  ? 11.849  -2.019  7.031   1.00 47.51  ? 1084 PHE A CD1 1 
ATOM   667  C  CD2 . PHE A 1 81  ? 11.164  -0.232  8.472   1.00 49.64  ? 1084 PHE A CD2 1 
ATOM   668  C  CE1 . PHE A 1 81  ? 11.869  -2.888  8.115   1.00 45.58  ? 1084 PHE A CE1 1 
ATOM   669  C  CE2 . PHE A 1 81  ? 11.179  -1.095  9.564   1.00 39.20  ? 1084 PHE A CE2 1 
ATOM   670  C  CZ  . PHE A 1 81  ? 11.531  -2.422  9.385   1.00 46.58  ? 1084 PHE A CZ  1 
ATOM   671  N  N   . VAL A 1 82  ? 8.969   1.570   3.589   1.00 46.66  ? 1085 VAL A N   1 
ATOM   672  C  CA  . VAL A 1 82  ? 8.616   2.750   2.819   1.00 40.61  ? 1085 VAL A CA  1 
ATOM   673  C  C   . VAL A 1 82  ? 8.326   3.861   3.799   1.00 36.92  ? 1085 VAL A C   1 
ATOM   674  O  O   . VAL A 1 82  ? 7.754   3.643   4.864   1.00 48.44  ? 1085 VAL A O   1 
ATOM   675  C  CB  . VAL A 1 82  ? 7.361   2.522   1.943   1.00 32.37  ? 1085 VAL A CB  1 
ATOM   676  C  CG1 . VAL A 1 82  ? 6.776   3.846   1.459   1.00 32.18  ? 1085 VAL A CG1 1 
ATOM   677  C  CG2 . VAL A 1 82  ? 7.721   1.679   0.776   1.00 26.01  ? 1085 VAL A CG2 1 
ATOM   678  N  N   . GLN A 1 83  ? 8.725   5.062   3.433   1.00 40.45  ? 1086 GLN A N   1 
ATOM   679  C  CA  . GLN A 1 83  ? 8.472   6.207   4.263   1.00 37.72  ? 1086 GLN A CA  1 
ATOM   680  C  C   . GLN A 1 83  ? 7.381   7.082   3.670   1.00 40.15  ? 1086 GLN A C   1 
ATOM   681  O  O   . GLN A 1 83  ? 6.655   7.751   4.407   1.00 50.40  ? 1086 GLN A O   1 
ATOM   682  C  CB  . GLN A 1 83  ? 9.752   6.991   4.423   1.00 30.30  ? 1086 GLN A CB  1 
ATOM   683  C  CG  . GLN A 1 83  ? 9.552   8.390   4.850   1.00 33.22  ? 1086 GLN A CG  1 
ATOM   684  C  CD  . GLN A 1 83  ? 10.866  9.020   5.175   1.00 47.86  ? 1086 GLN A CD  1 
ATOM   685  O  OE1 . GLN A 1 83  ? 11.645  8.481   5.961   1.00 52.36  ? 1086 GLN A OE1 1 
ATOM   686  N  NE2 . GLN A 1 83  ? 11.143  10.156  4.556   1.00 54.55  ? 1086 GLN A NE2 1 
ATOM   687  N  N   . ARG A 1 84  ? 7.257   7.078   2.345   1.00 39.04  ? 1087 ARG A N   1 
ATOM   688  C  CA  . ARG A 1 84  ? 6.205   7.864   1.710   1.00 43.09  ? 1087 ARG A CA  1 
ATOM   689  C  C   . ARG A 1 84  ? 5.916   7.514   0.266   1.00 40.56  ? 1087 ARG A C   1 
ATOM   690  O  O   . ARG A 1 84  ? 6.823   7.435   -0.556  1.00 47.65  ? 1087 ARG A O   1 
ATOM   691  C  CB  . ARG A 1 84  ? 6.516   9.353   1.784   1.00 39.02  ? 1087 ARG A CB  1 
ATOM   692  C  CG  . ARG A 1 84  ? 5.411   10.188  1.199   1.00 50.30  ? 1087 ARG A CG  1 
ATOM   693  C  CD  . ARG A 1 84  ? 5.591   11.653  1.518   1.00 57.71  ? 1087 ARG A CD  1 
ATOM   694  N  NE  . ARG A 1 84  ? 6.501   12.303  0.584   1.00 68.33  ? 1087 ARG A NE  1 
ATOM   695  C  CZ  . ARG A 1 84  ? 7.071   13.481  0.803   1.00 74.50  ? 1087 ARG A CZ  1 
ATOM   696  N  NH1 . ARG A 1 84  ? 6.835   14.137  1.932   1.00 76.40  ? 1087 ARG A NH1 1 
ATOM   697  N  NH2 . ARG A 1 84  ? 7.889   14.003  -0.100  1.00 82.10  ? 1087 ARG A NH2 1 
ATOM   698  N  N   . VAL A 1 85  ? 4.633   7.325   -0.027  1.00 39.79  ? 1088 VAL A N   1 
ATOM   699  C  CA  . VAL A 1 85  ? 4.151   7.219   -1.398  1.00 40.21  ? 1088 VAL A CA  1 
ATOM   700  C  C   . VAL A 1 85  ? 3.274   8.418   -1.702  1.00 41.99  ? 1088 VAL A C   1 
ATOM   701  O  O   . VAL A 1 85  ? 2.279   8.668   -1.015  1.00 42.08  ? 1088 VAL A O   1 
ATOM   702  C  CB  . VAL A 1 85  ? 3.307   5.967   -1.606  1.00 41.21  ? 1088 VAL A CB  1 
ATOM   703  C  CG1 . VAL A 1 85  ? 2.983   5.800   -3.084  1.00 39.07  ? 1088 VAL A CG1 1 
ATOM   704  C  CG2 . VAL A 1 85  ? 4.023   4.743   -1.040  1.00 39.04  ? 1088 VAL A CG2 1 
ATOM   705  N  N   . GLU A 1 86  ? 3.644   9.172   -2.725  1.00 46.63  ? 1089 GLU A N   1 
ATOM   706  C  CA  . GLU A 1 86  ? 2.895   10.379  -3.044  1.00 51.00  ? 1089 GLU A CA  1 
ATOM   707  C  C   . GLU A 1 86  ? 2.689   10.582  -4.534  1.00 49.76  ? 1089 GLU A C   1 
ATOM   708  O  O   . GLU A 1 86  ? 3.634   10.680  -5.326  1.00 52.51  ? 1089 GLU A O   1 
ATOM   709  C  CB  . GLU A 1 86  ? 3.549   11.611  -2.434  1.00 53.72  ? 1089 GLU A CB  1 
ATOM   710  C  CG  . GLU A 1 86  ? 3.083   12.908  -3.060  1.00 61.25  ? 1089 GLU A CG  1 
ATOM   711  C  CD  . GLU A 1 86  ? 3.566   14.121  -2.299  1.00 65.39  ? 1089 GLU A CD  1 
ATOM   712  O  OE1 . GLU A 1 86  ? 4.447   13.962  -1.428  1.00 70.34  ? 1089 GLU A OE1 1 
ATOM   713  O  OE2 . GLU A 1 86  ? 3.064   15.232  -2.566  1.00 65.55  ? 1089 GLU A OE2 1 
ATOM   714  N  N   . ARG A 1 87  ? 1.426   10.652  -4.904  1.00 43.39  ? 1090 ARG A N   1 
ATOM   715  C  CA  . ARG A 1 87  ? 1.073   10.829  -6.282  1.00 44.27  ? 1090 ARG A CA  1 
ATOM   716  C  C   . ARG A 1 87  ? 0.900   12.313  -6.555  1.00 43.20  ? 1090 ARG A C   1 
ATOM   717  O  O   . ARG A 1 87  ? 0.170   13.000  -5.847  1.00 48.76  ? 1090 ARG A O   1 
ATOM   718  C  CB  . ARG A 1 87  ? -0.211  10.080  -6.560  1.00 44.02  ? 1090 ARG A CB  1 
ATOM   719  C  CG  . ARG A 1 87  ? -0.972  10.677  -7.662  1.00 39.51  ? 1090 ARG A CG  1 
ATOM   720  C  CD  . ARG A 1 87  ? -1.906  9.693   -8.249  1.00 34.90  ? 1090 ARG A CD  1 
ATOM   721  N  NE  . ARG A 1 87  ? -2.115  10.064  -9.635  1.00 49.05  ? 1090 ARG A NE  1 
ATOM   722  C  CZ  . ARG A 1 87  ? -3.137  9.653   -10.363 1.00 47.92  ? 1090 ARG A CZ  1 
ATOM   723  N  NH1 . ARG A 1 87  ? -3.237  10.045  -11.629 1.00 32.96  ? 1090 ARG A NH1 1 
ATOM   724  N  NH2 . ARG A 1 87  ? -4.049  8.850   -9.815  1.00 47.74  ? 1090 ARG A NH2 1 
ATOM   725  N  N   . LYS A 1 88  ? 1.584   12.807  -7.575  1.00 41.66  ? 1091 LYS A N   1 
ATOM   726  C  CA  . LYS A 1 88  ? 1.614   14.234  -7.847  1.00 38.39  ? 1091 LYS A CA  1 
ATOM   727  C  C   . LYS A 1 88  ? 1.782   14.413  -9.340  1.00 42.98  ? 1091 LYS A C   1 
ATOM   728  O  O   . LYS A 1 88  ? 2.859   14.169  -9.877  1.00 49.42  ? 1091 LYS A O   1 
ATOM   729  C  CB  . LYS A 1 88  ? 2.757   14.894  -7.060  1.00 40.75  ? 1091 LYS A CB  1 
ATOM   730  C  CG  . LYS A 1 88  ? 3.266   16.224  -7.592  1.00 43.87  ? 1091 LYS A CG  1 
ATOM   731  C  CD  . LYS A 1 88  ? 2.399   17.390  -7.142  1.00 63.76  ? 1091 LYS A CD  1 
ATOM   732  C  CE  . LYS A 1 88  ? 2.930   18.725  -7.676  1.00 66.03  ? 1091 LYS A CE  1 
ATOM   733  N  NZ  . LYS A 1 88  ? 1.888   19.803  -7.695  1.00 58.84  ? 1091 LYS A NZ  1 
ATOM   734  N  N   . ASP A 1 89  ? 0.693   14.803  -10.004 1.00 48.56  ? 1092 ASP A N   1 
ATOM   735  C  CA  . ASP A 1 89  ? 0.678   15.027  -11.448 1.00 52.57  ? 1092 ASP A CA  1 
ATOM   736  C  C   . ASP A 1 89  ? 1.077   13.787  -12.234 1.00 55.03  ? 1092 ASP A C   1 
ATOM   737  O  O   . ASP A 1 89  ? 2.116   13.783  -12.902 1.00 57.48  ? 1092 ASP A O   1 
ATOM   738  C  CB  . ASP A 1 89  ? 1.595   16.198  -11.825 1.00 61.95  ? 1092 ASP A CB  1 
ATOM   739  C  CG  . ASP A 1 89  ? 1.046   17.540  -11.371 1.00 78.19  ? 1092 ASP A CG  1 
ATOM   740  O  OD1 . ASP A 1 89  ? -0.108  17.875  -11.727 1.00 83.56  ? 1092 ASP A OD1 1 
ATOM   741  O  OD2 . ASP A 1 89  ? 1.770   18.265  -10.657 1.00 81.40  ? 1092 ASP A OD2 1 
ATOM   742  N  N   . ASN A 1 90  ? 0.258   12.740  -12.149 1.00 50.43  ? 1093 ASN A N   1 
ATOM   743  C  CA  . ASN A 1 90  ? 0.502   11.496  -12.895 1.00 51.14  ? 1093 ASN A CA  1 
ATOM   744  C  C   . ASN A 1 90  ? 1.842   10.851  -12.620 1.00 51.73  ? 1093 ASN A C   1 
ATOM   745  O  O   . ASN A 1 90  ? 2.344   10.075  -13.434 1.00 44.83  ? 1093 ASN A O   1 
ATOM   746  C  CB  . ASN A 1 90  ? 0.395   11.739  -14.389 1.00 54.90  ? 1093 ASN A CB  1 
ATOM   747  C  CG  . ASN A 1 90  ? -0.991  12.097  -14.804 1.00 54.95  ? 1093 ASN A CG  1 
ATOM   748  O  OD1 . ASN A 1 90  ? -1.262  12.303  -15.981 1.00 55.71  ? 1093 ASN A OD1 1 
ATOM   749  N  ND2 . ASN A 1 90  ? -1.892  12.172  -13.835 1.00 57.04  ? 1093 ASN A ND2 1 
ATOM   750  N  N   . LYS A 1 91  ? 2.408   11.170  -11.465 1.00 55.93  ? 1094 LYS A N   1 
ATOM   751  C  CA  . LYS A 1 91  ? 3.726   10.716  -11.106 1.00 52.05  ? 1094 LYS A CA  1 
ATOM   752  C  C   . LYS A 1 91  ? 3.650   10.234  -9.667  1.00 50.83  ? 1094 LYS A C   1 
ATOM   753  O  O   . LYS A 1 91  ? 3.624   11.039  -8.733  1.00 65.45  ? 1094 LYS A O   1 
ATOM   754  C  CB  . LYS A 1 91  ? 4.704   11.888  -11.241 1.00 57.47  ? 1094 LYS A CB  1 
ATOM   755  C  CG  . LYS A 1 91  ? 6.104   11.510  -11.660 1.00 61.19  ? 1094 LYS A CG  1 
ATOM   756  C  CD  . LYS A 1 91  ? 6.107   10.758  -12.977 1.00 64.19  ? 1094 LYS A CD  1 
ATOM   757  C  CE  . LYS A 1 91  ? 6.120   11.689  -14.171 1.00 59.45  ? 1094 LYS A CE  1 
ATOM   758  N  NZ  . LYS A 1 91  ? 6.267   10.887  -15.421 1.00 58.37  ? 1094 LYS A NZ  1 
ATOM   759  N  N   . ILE A 1 92  ? 3.575   8.924   -9.475  1.00 38.91  ? 1095 ILE A N   1 
ATOM   760  C  CA  . ILE A 1 92  ? 3.661   8.398   -8.121  1.00 43.79  ? 1095 ILE A CA  1 
ATOM   761  C  C   . ILE A 1 92  ? 5.102   8.106   -7.770  1.00 42.77  ? 1095 ILE A C   1 
ATOM   762  O  O   . ILE A 1 92  ? 5.820   7.416   -8.493  1.00 41.38  ? 1095 ILE A O   1 
ATOM   763  C  CB  . ILE A 1 92  ? 2.861   7.120   -7.910  1.00 43.04  ? 1095 ILE A CB  1 
ATOM   764  C  CG1 . ILE A 1 92  ? 1.371   7.426   -7.962  1.00 47.08  ? 1095 ILE A CG1 1 
ATOM   765  C  CG2 . ILE A 1 92  ? 3.214   6.508   -6.552  1.00 24.47  ? 1095 ILE A CG2 1 
ATOM   766  C  CD1 . ILE A 1 92  ? 0.515   6.209   -7.759  1.00 41.92  ? 1095 ILE A CD1 1 
ATOM   767  N  N   . THR A 1 93  ? 5.525   8.619   -6.636  1.00 39.15  ? 1096 THR A N   1 
ATOM   768  C  CA  . THR A 1 93  ? 6.916   8.518   -6.318  1.00 39.77  ? 1096 THR A CA  1 
ATOM   769  C  C   . THR A 1 93  ? 7.157   8.031   -4.894  1.00 39.74  ? 1096 THR A C   1 
ATOM   770  O  O   . THR A 1 93  ? 6.893   8.734   -3.925  1.00 53.30  ? 1096 THR A O   1 
ATOM   771  C  CB  . THR A 1 93  ? 7.624   9.841   -6.611  1.00 42.87  ? 1096 THR A CB  1 
ATOM   772  O  OG1 . THR A 1 93  ? 8.596   10.066  -5.595  1.00 38.27  ? 1096 THR A OG1 1 
ATOM   773  C  CG2 . THR A 1 93  ? 6.614   11.018  -6.660  1.00 35.53  ? 1096 THR A CG2 1 
ATOM   774  N  N   . ILE A 1 94  ? 7.659   6.809   -4.791  1.00 43.02  ? 1097 ILE A N   1 
ATOM   775  C  CA  . ILE A 1 94  ? 7.899   6.157   -3.513  1.00 42.23  ? 1097 ILE A CA  1 
ATOM   776  C  C   . ILE A 1 94  ? 9.269   6.481   -2.948  1.00 39.10  ? 1097 ILE A C   1 
ATOM   777  O  O   . ILE A 1 94  ? 10.262  6.429   -3.662  1.00 46.14  ? 1097 ILE A O   1 
ATOM   778  C  CB  . ILE A 1 94  ? 7.838   4.642   -3.680  1.00 45.03  ? 1097 ILE A CB  1 
ATOM   779  C  CG1 . ILE A 1 94  ? 6.406   4.213   -3.997  1.00 53.06  ? 1097 ILE A CG1 1 
ATOM   780  C  CG2 . ILE A 1 94  ? 8.359   3.954   -2.434  1.00 42.10  ? 1097 ILE A CG2 1 
ATOM   781  C  CD1 . ILE A 1 94  ? 6.269   2.749   -4.318  1.00 53.28  ? 1097 ILE A CD1 1 
ATOM   782  N  N   . GLN A 1 95  ? 9.327   6.813   -1.664  1.00 40.65  ? 1098 GLN A N   1 
ATOM   783  C  CA  . GLN A 1 95  ? 10.621  6.974   -0.999  1.00 44.52  ? 1098 GLN A CA  1 
ATOM   784  C  C   . GLN A 1 95  ? 10.696  6.235   0.325   1.00 42.95  ? 1098 GLN A C   1 
ATOM   785  O  O   . GLN A 1 95  ? 9.716   6.145   1.058   1.00 52.63  ? 1098 GLN A O   1 
ATOM   786  C  CB  . GLN A 1 95  ? 11.000  8.442   -0.826  1.00 33.88  ? 1098 GLN A CB  1 
ATOM   787  C  CG  . GLN A 1 95  ? 9.858   9.339   -0.448  1.00 49.82  ? 1098 GLN A CG  1 
ATOM   788  C  CD  . GLN A 1 95  ? 10.228  10.797  -0.586  1.00 47.92  ? 1098 GLN A CD  1 
ATOM   789  O  OE1 . GLN A 1 95  ? 9.461   11.688  -0.224  1.00 53.64  ? 1098 GLN A OE1 1 
ATOM   790  N  NE2 . GLN A 1 95  ? 11.411  11.048  -1.118  1.00 37.50  ? 1098 GLN A NE2 1 
ATOM   791  N  N   . PHE A 1 96  ? 11.886  5.716   0.608   1.00 49.19  ? 1099 PHE A N   1 
ATOM   792  C  CA  . PHE A 1 96  ? 12.114  4.784   1.700   1.00 55.68  ? 1099 PHE A CA  1 
ATOM   793  C  C   . PHE A 1 96  ? 12.842  5.429   2.869   1.00 58.04  ? 1099 PHE A C   1 
ATOM   794  O  O   . PHE A 1 96  ? 13.237  6.585   2.805   1.00 68.08  ? 1099 PHE A O   1 
ATOM   795  C  CB  . PHE A 1 96  ? 12.960  3.622   1.198   1.00 54.99  ? 1099 PHE A CB  1 
ATOM   796  C  CG  . PHE A 1 96  ? 12.366  2.900   0.025   1.00 62.28  ? 1099 PHE A CG  1 
ATOM   797  C  CD1 . PHE A 1 96  ? 11.400  1.914   0.215   1.00 67.11  ? 1099 PHE A CD1 1 
ATOM   798  C  CD2 . PHE A 1 96  ? 12.777  3.195   -1.269  1.00 57.22  ? 1099 PHE A CD2 1 
ATOM   799  C  CE1 . PHE A 1 96  ? 10.853  1.232   -0.865  1.00 61.29  ? 1099 PHE A CE1 1 
ATOM   800  C  CE2 . PHE A 1 96  ? 12.232  2.521   -2.353  1.00 58.82  ? 1099 PHE A CE2 1 
ATOM   801  C  CZ  . PHE A 1 96  ? 11.267  1.539   -2.150  1.00 57.97  ? 1099 PHE A CZ  1 
ATOM   802  N  N   . GLU A 1 97  ? 13.031  4.668   3.937   1.00 52.24  ? 1100 GLU A N   1 
ATOM   803  C  CA  . GLU A 1 97  ? 13.814  5.150   5.053   1.00 47.73  ? 1100 GLU A CA  1 
ATOM   804  C  C   . GLU A 1 97  ? 15.275  4.821   4.797   1.00 44.59  ? 1100 GLU A C   1 
ATOM   805  O  O   . GLU A 1 97  ? 15.577  3.884   4.055   1.00 50.25  ? 1100 GLU A O   1 
ATOM   806  C  CB  . GLU A 1 97  ? 13.328  4.506   6.339   1.00 47.97  ? 1100 GLU A CB  1 
ATOM   807  C  CG  . GLU A 1 97  ? 11.831  4.567   6.486   1.00 47.73  ? 1100 GLU A CG  1 
ATOM   808  C  CD  . GLU A 1 97  ? 11.355  4.050   7.825   1.00 58.20  ? 1100 GLU A CD  1 
ATOM   809  O  OE1 . GLU A 1 97  ? 12.103  4.177   8.817   1.00 50.32  ? 1100 GLU A OE1 1 
ATOM   810  O  OE2 . GLU A 1 97  ? 10.221  3.522   7.889   1.00 75.30  ? 1100 GLU A OE2 1 
ATOM   811  N  N   . LYS A 1 98  ? 16.178  5.593   5.398   1.00 39.04  ? 1101 LYS A N   1 
ATOM   812  C  CA  . LYS A 1 98  ? 17.613  5.389   5.192   1.00 37.78  ? 1101 LYS A CA  1 
ATOM   813  C  C   . LYS A 1 98  ? 18.027  3.958   5.530   1.00 44.13  ? 1101 LYS A C   1 
ATOM   814  O  O   . LYS A 1 98  ? 19.034  3.450   5.030   1.00 52.81  ? 1101 LYS A O   1 
ATOM   815  C  CB  . LYS A 1 98  ? 18.433  6.393   6.003   1.00 30.16  ? 1101 LYS A CB  1 
ATOM   816  C  CG  . LYS A 1 98  ? 18.567  7.771   5.362   1.00 35.96  ? 1101 LYS A CG  1 
ATOM   817  C  CD  . LYS A 1 98  ? 19.276  8.757   6.298   1.00 40.31  ? 1101 LYS A CD  1 
ATOM   818  C  CE  . LYS A 1 98  ? 20.714  8.337   6.583   1.00 46.07  ? 1101 LYS A CE  1 
ATOM   819  N  NZ  . LYS A 1 98  ? 21.201  8.836   7.898   1.00 47.37  ? 1101 LYS A NZ  1 
ATOM   820  N  N   . VAL A 1 99  ? 17.231  3.312   6.374   1.00 41.31  ? 1102 VAL A N   1 
ATOM   821  C  CA  . VAL A 1 99  ? 17.497  1.946   6.791   1.00 45.81  ? 1102 VAL A CA  1 
ATOM   822  C  C   . VAL A 1 99  ? 17.482  0.965   5.616   1.00 54.04  ? 1102 VAL A C   1 
ATOM   823  O  O   . VAL A 1 99  ? 18.266  0.014   5.586   1.00 57.69  ? 1102 VAL A O   1 
ATOM   824  C  CB  . VAL A 1 99  ? 16.502  1.500   7.882   1.00 45.61  ? 1102 VAL A CB  1 
ATOM   825  C  CG1 . VAL A 1 99  ? 16.203  0.009   7.780   1.00 51.77  ? 1102 VAL A CG1 1 
ATOM   826  C  CG2 . VAL A 1 99  ? 17.048  1.857   9.264   1.00 50.05  ? 1102 VAL A CG2 1 
ATOM   827  N  N   . THR A 1 100 ? 16.606  1.205   4.644   1.00 47.30  ? 1103 THR A N   1 
ATOM   828  C  CA  . THR A 1 100 ? 16.446  0.282   3.525   1.00 46.79  ? 1103 THR A CA  1 
ATOM   829  C  C   . THR A 1 100 ? 17.774  0.001   2.854   1.00 46.88  ? 1103 THR A C   1 
ATOM   830  O  O   . THR A 1 100 ? 17.967  -1.060  2.261   1.00 52.17  ? 1103 THR A O   1 
ATOM   831  C  CB  . THR A 1 100 ? 15.523  0.850   2.470   1.00 48.70  ? 1103 THR A CB  1 
ATOM   832  O  OG1 . THR A 1 100 ? 16.074  2.086   1.998   1.00 59.31  ? 1103 THR A OG1 1 
ATOM   833  C  CG2 . THR A 1 100 ? 14.139  1.085   3.058   1.00 47.46  ? 1103 THR A CG2 1 
ATOM   834  N  N   . GLN A 1 101 ? 18.687  0.961   2.944   1.00 41.72  ? 1104 GLN A N   1 
ATOM   835  C  CA  . GLN A 1 101 ? 20.020  0.790   2.389   1.00 44.18  ? 1104 GLN A CA  1 
ATOM   836  C  C   . GLN A 1 101 ? 20.734  -0.446  2.957   1.00 48.11  ? 1104 GLN A C   1 
ATOM   837  O  O   . GLN A 1 101 ? 21.699  -0.935  2.379   1.00 54.07  ? 1104 GLN A O   1 
ATOM   838  C  CB  . GLN A 1 101 ? 20.850  2.054   2.609   1.00 37.29  ? 1104 GLN A CB  1 
ATOM   839  C  CG  . GLN A 1 101 ? 20.265  3.287   1.947   1.00 34.01  ? 1104 GLN A CG  1 
ATOM   840  C  CD  . GLN A 1 101 ? 21.052  4.537   2.262   1.00 40.56  ? 1104 GLN A CD  1 
ATOM   841  O  OE1 . GLN A 1 101 ? 20.484  5.604   2.463   1.00 51.72  ? 1104 GLN A OE1 1 
ATOM   842  N  NE2 . GLN A 1 101 ? 22.365  4.408   2.325   1.00 49.60  ? 1104 GLN A NE2 1 
ATOM   843  N  N   . ARG A 1 102 ? 20.249  -0.950  4.086   1.00 49.91  ? 1105 ARG A N   1 
ATOM   844  C  CA  . ARG A 1 102 ? 20.770  -2.184  4.656   1.00 48.72  ? 1105 ARG A CA  1 
ATOM   845  C  C   . ARG A 1 102 ? 20.138  -3.372  3.975   1.00 50.43  ? 1105 ARG A C   1 
ATOM   846  O  O   . ARG A 1 102 ? 20.793  -4.376  3.734   1.00 55.80  ? 1105 ARG A O   1 
ATOM   847  C  CB  . ARG A 1 102 ? 20.433  -2.271  6.140   1.00 52.36  ? 1105 ARG A CB  1 
ATOM   848  C  CG  . ARG A 1 102 ? 21.290  -1.414  7.015   1.00 49.61  ? 1105 ARG A CG  1 
ATOM   849  C  CD  . ARG A 1 102 ? 22.606  -2.086  7.234   1.00 48.46  ? 1105 ARG A CD  1 
ATOM   850  N  NE  . ARG A 1 102 ? 22.425  -3.324  7.976   1.00 48.98  ? 1105 ARG A NE  1 
ATOM   851  C  CZ  . ARG A 1 102 ? 23.418  -4.138  8.314   1.00 50.61  ? 1105 ARG A CZ  1 
ATOM   852  N  NH1 . ARG A 1 102 ? 23.166  -5.246  8.993   1.00 52.92  ? 1105 ARG A NH1 1 
ATOM   853  N  NH2 . ARG A 1 102 ? 24.666  -3.843  7.971   1.00 45.29  ? 1105 ARG A NH2 1 
ATOM   854  N  N   . LEU A 1 103 ? 18.848  -3.252  3.678   1.00 54.21  ? 1106 LEU A N   1 
ATOM   855  C  CA  . LEU A 1 103 ? 18.058  -4.384  3.209   1.00 51.96  ? 1106 LEU A CA  1 
ATOM   856  C  C   . LEU A 1 103 ? 18.143  -4.551  1.706   1.00 48.18  ? 1106 LEU A C   1 
ATOM   857  O  O   . LEU A 1 103 ? 18.120  -5.670  1.192   1.00 58.15  ? 1106 LEU A O   1 
ATOM   858  C  CB  . LEU A 1 103 ? 16.589  -4.220  3.606   1.00 57.74  ? 1106 LEU A CB  1 
ATOM   859  C  CG  . LEU A 1 103 ? 16.241  -3.713  5.009   1.00 64.66  ? 1106 LEU A CG  1 
ATOM   860  C  CD1 . LEU A 1 103 ? 14.744  -3.513  5.117   1.00 65.76  ? 1106 LEU A CD1 1 
ATOM   861  C  CD2 . LEU A 1 103 ? 16.732  -4.648  6.105   1.00 61.87  ? 1106 LEU A CD2 1 
ATOM   862  N  N   . PHE A 1 104 ? 18.244  -3.439  0.995   1.00 43.12  ? 1107 PHE A N   1 
ATOM   863  C  CA  . PHE A 1 104 ? 18.088  -3.492  -0.445  1.00 42.47  ? 1107 PHE A CA  1 
ATOM   864  C  C   . PHE A 1 104 ? 19.239  -2.909  -1.245  1.00 46.03  ? 1107 PHE A C   1 
ATOM   865  O  O   . PHE A 1 104 ? 19.982  -2.039  -0.784  1.00 56.44  ? 1107 PHE A O   1 
ATOM   866  C  CB  . PHE A 1 104 ? 16.784  -2.821  -0.845  1.00 38.60  ? 1107 PHE A CB  1 
ATOM   867  C  CG  . PHE A 1 104 ? 15.582  -3.389  -0.145  1.00 46.56  ? 1107 PHE A CG  1 
ATOM   868  C  CD1 . PHE A 1 104 ? 15.397  -4.758  -0.061  1.00 48.31  ? 1107 PHE A CD1 1 
ATOM   869  C  CD2 . PHE A 1 104 ? 14.630  -2.558  0.416   1.00 52.98  ? 1107 PHE A CD2 1 
ATOM   870  C  CE1 . PHE A 1 104 ? 14.289  -5.290  0.577   1.00 44.36  ? 1107 PHE A CE1 1 
ATOM   871  C  CE2 . PHE A 1 104 ? 13.516  -3.087  1.049   1.00 50.50  ? 1107 PHE A CE2 1 
ATOM   872  C  CZ  . PHE A 1 104 ? 13.350  -4.454  1.128   1.00 45.10  ? 1107 PHE A CZ  1 
ATOM   873  N  N   . LEU A 1 105 ? 19.378  -3.422  -2.454  1.00 37.86  ? 1108 LEU A N   1 
ATOM   874  C  CA  . LEU A 1 105 ? 20.325  -2.907  -3.405  1.00 34.37  ? 1108 LEU A CA  1 
ATOM   875  C  C   . LEU A 1 105 ? 19.507  -2.371  -4.559  1.00 41.95  ? 1108 LEU A C   1 
ATOM   876  O  O   . LEU A 1 105 ? 18.300  -2.616  -4.651  1.00 34.76  ? 1108 LEU A O   1 
ATOM   877  C  CB  . LEU A 1 105 ? 21.228  -4.030  -3.889  1.00 35.86  ? 1108 LEU A CB  1 
ATOM   878  C  CG  . LEU A 1 105 ? 22.049  -4.720  -2.809  1.00 35.78  ? 1108 LEU A CG  1 
ATOM   879  C  CD1 . LEU A 1 105 ? 22.878  -5.833  -3.413  1.00 39.93  ? 1108 LEU A CD1 1 
ATOM   880  C  CD2 . LEU A 1 105 ? 22.930  -3.702  -2.106  1.00 38.62  ? 1108 LEU A CD2 1 
ATOM   881  N  N   . ALA A 1 106 ? 20.150  -1.637  -5.452  1.00 44.65  ? 1109 ALA A N   1 
ATOM   882  C  CA  . ALA A 1 106 ? 19.423  -1.110  -6.589  1.00 44.11  ? 1109 ALA A CA  1 
ATOM   883  C  C   . ALA A 1 106 ? 18.602  -2.182  -7.326  1.00 40.81  ? 1109 ALA A C   1 
ATOM   884  O  O   . ALA A 1 106 ? 17.417  -1.969  -7.591  1.00 30.96  ? 1109 ALA A O   1 
ATOM   885  C  CB  . ALA A 1 106 ? 20.360  -0.388  -7.527  1.00 44.17  ? 1109 ALA A CB  1 
ATOM   886  N  N   . GLN A 1 107 ? 19.202  -3.332  -7.641  1.00 35.80  ? 1110 GLN A N   1 
ATOM   887  C  CA  . GLN A 1 107 ? 18.476  -4.309  -8.458  1.00 38.56  ? 1110 GLN A CA  1 
ATOM   888  C  C   . GLN A 1 107 ? 17.347  -4.942  -7.688  1.00 34.02  ? 1110 GLN A C   1 
ATOM   889  O  O   . GLN A 1 107 ? 16.423  -5.478  -8.287  1.00 31.66  ? 1110 GLN A O   1 
ATOM   890  C  CB  . GLN A 1 107 ? 19.368  -5.386  -9.074  1.00 45.01  ? 1110 GLN A CB  1 
ATOM   891  C  CG  . GLN A 1 107 ? 20.103  -6.221  -8.072  1.00 67.24  ? 1110 GLN A CG  1 
ATOM   892  C  CD  . GLN A 1 107 ? 21.425  -5.602  -7.698  1.00 82.25  ? 1110 GLN A CD  1 
ATOM   893  O  OE1 . GLN A 1 107 ? 22.152  -6.116  -6.845  1.00 89.40  ? 1110 GLN A OE1 1 
ATOM   894  N  NE2 . GLN A 1 107 ? 21.754  -4.491  -8.345  1.00 84.48  ? 1110 GLN A NE2 1 
ATOM   895  N  N   . ASP A 1 108 ? 17.409  -4.886  -6.363  1.00 39.09  ? 1111 ASP A N   1 
ATOM   896  C  CA  . ASP A 1 108 ? 16.289  -5.379  -5.573  1.00 38.58  ? 1111 ASP A CA  1 
ATOM   897  C  C   . ASP A 1 108 ? 15.017  -4.648  -5.991  1.00 43.92  ? 1111 ASP A C   1 
ATOM   898  O  O   . ASP A 1 108 ? 14.003  -5.271  -6.308  1.00 50.59  ? 1111 ASP A O   1 
ATOM   899  C  CB  . ASP A 1 108 ? 16.552  -5.236  -4.077  1.00 32.39  ? 1111 ASP A CB  1 
ATOM   900  C  CG  . ASP A 1 108 ? 17.504  -6.286  -3.559  1.00 46.68  ? 1111 ASP A CG  1 
ATOM   901  O  OD1 . ASP A 1 108 ? 17.600  -7.346  -4.207  1.00 47.68  ? 1111 ASP A OD1 1 
ATOM   902  O  OD2 . ASP A 1 108 ? 18.160  -6.058  -2.515  1.00 56.78  ? 1111 ASP A OD2 1 
ATOM   903  N  N   . TYR A 1 109 ? 15.084  -3.325  -6.018  1.00 46.11  ? 1112 TYR A N   1 
ATOM   904  C  CA  . TYR A 1 109 ? 13.948  -2.529  -6.447  1.00 46.30  ? 1112 TYR A CA  1 
ATOM   905  C  C   . TYR A 1 109 ? 13.558  -2.853  -7.877  1.00 47.83  ? 1112 TYR A C   1 
ATOM   906  O  O   . TYR A 1 109 ? 12.388  -3.110  -8.174  1.00 53.92  ? 1112 TYR A O   1 
ATOM   907  C  CB  . TYR A 1 109 ? 14.279  -1.049  -6.348  1.00 45.39  ? 1112 TYR A CB  1 
ATOM   908  C  CG  . TYR A 1 109 ? 14.585  -0.604  -4.948  1.00 45.81  ? 1112 TYR A CG  1 
ATOM   909  C  CD1 . TYR A 1 109 ? 13.782  -0.991  -3.887  1.00 46.27  ? 1112 TYR A CD1 1 
ATOM   910  C  CD2 . TYR A 1 109 ? 15.664  0.219   -4.685  1.00 46.65  ? 1112 TYR A CD2 1 
ATOM   911  C  CE1 . TYR A 1 109 ? 14.058  -0.575  -2.593  1.00 48.62  ? 1112 TYR A CE1 1 
ATOM   912  C  CE2 . TYR A 1 109 ? 15.944  0.643   -3.403  1.00 53.12  ? 1112 TYR A CE2 1 
ATOM   913  C  CZ  . TYR A 1 109 ? 15.143  0.242   -2.357  1.00 49.04  ? 1112 TYR A CZ  1 
ATOM   914  O  OH  . TYR A 1 109 ? 15.437  0.662   -1.077  1.00 55.31  ? 1112 TYR A OH  1 
ATOM   915  N  N   . PHE A 1 110 ? 14.548  -2.838  -8.759  1.00 48.16  ? 1113 PHE A N   1 
ATOM   916  C  CA  . PHE A 1 110 ? 14.307  -3.017  -10.183 1.00 49.69  ? 1113 PHE A CA  1 
ATOM   917  C  C   . PHE A 1 110 ? 13.538  -4.316  -10.443 1.00 41.84  ? 1113 PHE A C   1 
ATOM   918  O  O   . PHE A 1 110 ? 12.567  -4.329  -11.189 1.00 47.66  ? 1113 PHE A O   1 
ATOM   919  C  CB  . PHE A 1 110 ? 15.633  -2.963  -10.940 1.00 51.60  ? 1113 PHE A CB  1 
ATOM   920  C  CG  . PHE A 1 110 ? 15.482  -2.973  -12.425 1.00 66.42  ? 1113 PHE A CG  1 
ATOM   921  C  CD1 . PHE A 1 110 ? 15.231  -1.797  -13.114 1.00 66.70  ? 1113 PHE A CD1 1 
ATOM   922  C  CD2 . PHE A 1 110 ? 15.607  -4.167  -13.145 1.00 71.93  ? 1113 PHE A CD2 1 
ATOM   923  C  CE1 . PHE A 1 110 ? 15.099  -1.813  -14.511 1.00 77.68  ? 1113 PHE A CE1 1 
ATOM   924  C  CE2 . PHE A 1 110 ? 15.477  -4.194  -14.536 1.00 67.14  ? 1113 PHE A CE2 1 
ATOM   925  C  CZ  . PHE A 1 110 ? 15.222  -3.017  -15.221 1.00 66.52  ? 1113 PHE A CZ  1 
ATOM   926  N  N   . LYS A 1 111 ? 13.969  -5.395  -9.798  1.00 43.33  ? 1114 LYS A N   1 
ATOM   927  C  CA  . LYS A 1 111 ? 13.271  -6.673  -9.820  1.00 44.60  ? 1114 LYS A CA  1 
ATOM   928  C  C   . LYS A 1 111 ? 11.790  -6.480  -9.517  1.00 42.77  ? 1114 LYS A C   1 
ATOM   929  O  O   . LYS A 1 111 ? 10.919  -6.912  -10.276 1.00 53.34  ? 1114 LYS A O   1 
ATOM   930  C  CB  . LYS A 1 111 ? 13.860  -7.575  -8.739  1.00 49.24  ? 1114 LYS A CB  1 
ATOM   931  C  CG  . LYS A 1 111 ? 14.150  -8.988  -9.168  1.00 61.67  ? 1114 LYS A CG  1 
ATOM   932  C  CD  . LYS A 1 111 ? 13.000  -9.624  -9.926  1.00 68.59  ? 1114 LYS A CD  1 
ATOM   933  C  CE  . LYS A 1 111 ? 13.367  -11.058 -10.284 1.00 78.78  ? 1114 LYS A CE  1 
ATOM   934  N  NZ  . LYS A 1 111 ? 12.923  -11.441 -11.650 1.00 82.32  ? 1114 LYS A NZ  1 
ATOM   935  N  N   . ALA A 1 112 ? 11.517  -5.836  -8.390  1.00 34.83  ? 1115 ALA A N   1 
ATOM   936  C  CA  . ALA A 1 112 ? 10.156  -5.657  -7.914  1.00 38.76  ? 1115 ALA A CA  1 
ATOM   937  C  C   . ALA A 1 112 ? 9.284   -4.863  -8.891  1.00 46.38  ? 1115 ALA A C   1 
ATOM   938  O  O   . ALA A 1 112 ? 8.156   -5.260  -9.168  1.00 50.67  ? 1115 ALA A O   1 
ATOM   939  C  CB  . ALA A 1 112 ? 10.159  -5.013  -6.534  1.00 33.60  ? 1115 ALA A CB  1 
ATOM   940  N  N   . LEU A 1 113 ? 9.801   -3.748  -9.405  1.00 46.92  ? 1116 LEU A N   1 
ATOM   941  C  CA  . LEU A 1 113 ? 9.099   -2.982  -10.435 1.00 43.84  ? 1116 LEU A CA  1 
ATOM   942  C  C   . LEU A 1 113 ? 8.900   -3.838  -11.670 1.00 49.50  ? 1116 LEU A C   1 
ATOM   943  O  O   . LEU A 1 113 ? 7.820   -3.847  -12.254 1.00 57.49  ? 1116 LEU A O   1 
ATOM   944  C  CB  . LEU A 1 113 ? 9.911   -1.759  -10.853 1.00 47.65  ? 1116 LEU A CB  1 
ATOM   945  C  CG  . LEU A 1 113 ? 10.436  -0.823  -9.772  1.00 54.92  ? 1116 LEU A CG  1 
ATOM   946  C  CD1 . LEU A 1 113 ? 11.562  0.036   -10.322 1.00 48.11  ? 1116 LEU A CD1 1 
ATOM   947  C  CD2 . LEU A 1 113 ? 9.311   0.034   -9.227  1.00 52.38  ? 1116 LEU A CD2 1 
ATOM   948  N  N   . SER A 1 114 ? 9.956   -4.552  -12.060 1.00 48.47  ? 1117 SER A N   1 
ATOM   949  C  CA  . SER A 1 114 ? 9.992   -5.319  -13.306 1.00 50.40  ? 1117 SER A CA  1 
ATOM   950  C  C   . SER A 1 114 ? 8.798   -6.231  -13.476 1.00 51.95  ? 1117 SER A C   1 
ATOM   951  O  O   . SER A 1 114 ? 8.574   -6.793  -14.546 1.00 58.55  ? 1117 SER A O   1 
ATOM   952  C  CB  . SER A 1 114 ? 11.260  -6.167  -13.360 1.00 56.83  ? 1117 SER A CB  1 
ATOM   953  O  OG  . SER A 1 114 ? 12.364  -5.399  -13.807 1.00 75.06  ? 1117 SER A OG  1 
ATOM   954  N  N   . VAL A 1 115 ? 8.025   -6.362  -12.413 1.00 53.09  ? 1118 VAL A N   1 
ATOM   955  C  CA  . VAL A 1 115 ? 7.038   -7.412  -12.323 1.00 45.74  ? 1118 VAL A CA  1 
ATOM   956  C  C   . VAL A 1 115 ? 5.617   -6.857  -12.108 1.00 50.96  ? 1118 VAL A C   1 
ATOM   957  O  O   . VAL A 1 115 ? 4.645   -7.612  -12.005 1.00 54.00  ? 1118 VAL A O   1 
ATOM   958  C  CB  . VAL A 1 115 ? 7.458   -8.401  -11.215 1.00 37.04  ? 1118 VAL A CB  1 
ATOM   959  C  CG1 . VAL A 1 115 ? 6.933   -7.953  -9.838  1.00 28.09  ? 1118 VAL A CG1 1 
ATOM   960  C  CG2 . VAL A 1 115 ? 7.021   -9.800  -11.572 1.00 37.68  ? 1118 VAL A CG2 1 
ATOM   961  N  N   . THR A 1 116 ? 5.505   -5.532  -12.046 1.00 53.45  ? 1119 THR A N   1 
ATOM   962  C  CA  . THR A 1 116 ? 4.203   -4.869  -12.029 1.00 52.98  ? 1119 THR A CA  1 
ATOM   963  C  C   . THR A 1 116 ? 3.915   -4.347  -13.417 1.00 54.91  ? 1119 THR A C   1 
ATOM   964  O  O   . THR A 1 116 ? 4.794   -4.325  -14.284 1.00 56.12  ? 1119 THR A O   1 
ATOM   965  C  CB  . THR A 1 116 ? 4.151   -3.646  -11.088 1.00 58.28  ? 1119 THR A CB  1 
ATOM   966  O  OG1 . THR A 1 116 ? 4.609   -2.477  -11.789 1.00 42.37  ? 1119 THR A OG1 1 
ATOM   967  C  CG2 . THR A 1 116 ? 4.975   -3.877  -9.815  1.00 58.72  ? 1119 THR A CG2 1 
ATOM   968  N  N   . ASN A 1 117 ? 2.685   -3.904  -13.630 1.00 54.92  ? 1120 ASN A N   1 
ATOM   969  C  CA  . ASN A 1 117 ? 2.311   -3.415  -14.941 1.00 51.56  ? 1120 ASN A CA  1 
ATOM   970  C  C   . ASN A 1 117 ? 2.615   -1.945  -15.105 1.00 47.81  ? 1120 ASN A C   1 
ATOM   971  O  O   . ASN A 1 117 ? 2.613   -1.432  -16.214 1.00 45.61  ? 1120 ASN A O   1 
ATOM   972  C  CB  . ASN A 1 117 ? 0.838   -3.694  -15.225 1.00 60.63  ? 1120 ASN A CB  1 
ATOM   973  C  CG  . ASN A 1 117 ? 0.614   -5.072  -15.807 1.00 59.87  ? 1120 ASN A CG  1 
ATOM   974  O  OD1 . ASN A 1 117 ? 1.517   -5.906  -15.818 1.00 71.01  ? 1120 ASN A OD1 1 
ATOM   975  N  ND2 . ASN A 1 117 ? -0.590  -5.317  -16.305 1.00 59.54  ? 1120 ASN A ND2 1 
ATOM   976  N  N   . LEU A 1 118 ? 2.868   -1.264  -13.995 1.00 54.35  ? 1121 LEU A N   1 
ATOM   977  C  CA  . LEU A 1 118 ? 3.216   0.150   -14.044 1.00 52.73  ? 1121 LEU A CA  1 
ATOM   978  C  C   . LEU A 1 118 ? 4.614   0.291   -14.625 1.00 51.52  ? 1121 LEU A C   1 
ATOM   979  O  O   . LEU A 1 118 ? 5.463   -0.582  -14.432 1.00 49.42  ? 1121 LEU A O   1 
ATOM   980  C  CB  . LEU A 1 118 ? 3.146   0.763   -12.645 1.00 51.14  ? 1121 LEU A CB  1 
ATOM   981  C  CG  . LEU A 1 118 ? 1.759   1.228   -12.181 1.00 51.61  ? 1121 LEU A CG  1 
ATOM   982  C  CD1 . LEU A 1 118 ? 0.633   0.420   -12.825 1.00 58.86  ? 1121 LEU A CD1 1 
ATOM   983  C  CD2 . LEU A 1 118 ? 1.645   1.197   -10.660 1.00 53.42  ? 1121 LEU A CD2 1 
ATOM   984  N  N   . LYS A 1 119 ? 4.863   1.364   -15.367 1.00 45.57  ? 1122 LYS A N   1 
ATOM   985  C  CA  . LYS A 1 119 ? 6.221   1.562   -15.837 1.00 52.18  ? 1122 LYS A CA  1 
ATOM   986  C  C   . LYS A 1 119 ? 6.945   2.496   -14.881 1.00 47.17  ? 1122 LYS A C   1 
ATOM   987  O  O   . LYS A 1 119 ? 6.399   3.508   -14.451 1.00 52.02  ? 1122 LYS A O   1 
ATOM   988  C  CB  . LYS A 1 119 ? 6.289   1.984   -17.316 1.00 58.76  ? 1122 LYS A CB  1 
ATOM   989  C  CG  . LYS A 1 119 ? 6.310   3.469   -17.615 1.00 70.24  ? 1122 LYS A CG  1 
ATOM   990  C  CD  . LYS A 1 119 ? 6.842   3.696   -19.036 1.00 75.47  ? 1122 LYS A CD  1 
ATOM   991  C  CE  . LYS A 1 119 ? 6.505   5.091   -19.578 1.00 82.26  ? 1122 LYS A CE  1 
ATOM   992  N  NZ  . LYS A 1 119 ? 7.052   6.209   -18.747 1.00 77.99  ? 1122 LYS A NZ  1 
ATOM   993  N  N   . ALA A 1 120 ? 8.160   2.122   -14.504 1.00 44.28  ? 1123 ALA A N   1 
ATOM   994  C  CA  . ALA A 1 120 ? 8.827   2.796   -13.404 1.00 42.67  ? 1123 ALA A CA  1 
ATOM   995  C  C   . ALA A 1 120 ? 10.275  3.068   -13.706 1.00 43.90  ? 1123 ALA A C   1 
ATOM   996  O  O   . ALA A 1 120 ? 10.812  2.604   -14.705 1.00 48.21  ? 1123 ALA A O   1 
ATOM   997  C  CB  . ALA A 1 120 ? 8.713   1.979   -12.137 1.00 39.19  ? 1123 ALA A CB  1 
ATOM   998  N  N   . GLY A 1 121 ? 10.899  3.827   -12.821 1.00 48.86  ? 1124 GLY A N   1 
ATOM   999  C  CA  . GLY A 1 121 ? 12.298  4.172   -12.943 1.00 43.41  ? 1124 GLY A CA  1 
ATOM   1000 C  C   . GLY A 1 121 ? 12.802  4.487   -11.559 1.00 40.31  ? 1124 GLY A C   1 
ATOM   1001 O  O   . GLY A 1 121 ? 12.016  4.736   -10.646 1.00 46.98  ? 1124 GLY A O   1 
ATOM   1002 N  N   . ILE A 1 122 ? 14.113  4.463   -11.399 1.00 39.65  ? 1125 ILE A N   1 
ATOM   1003 C  CA  . ILE A 1 122 ? 14.716  4.776   -10.124 1.00 42.56  ? 1125 ILE A CA  1 
ATOM   1004 C  C   . ILE A 1 122 ? 15.524  6.025   -10.319 1.00 39.08  ? 1125 ILE A C   1 
ATOM   1005 O  O   . ILE A 1 122 ? 16.222  6.163   -11.320 1.00 38.84  ? 1125 ILE A O   1 
ATOM   1006 C  CB  . ILE A 1 122 ? 15.680  3.685   -9.670  1.00 54.37  ? 1125 ILE A CB  1 
ATOM   1007 C  CG1 . ILE A 1 122 ? 14.959  2.346   -9.511  1.00 48.59  ? 1125 ILE A CG1 1 
ATOM   1008 C  CG2 . ILE A 1 122 ? 16.357  4.092   -8.373  1.00 58.38  ? 1125 ILE A CG2 1 
ATOM   1009 C  CD1 . ILE A 1 122 ? 15.911  1.204   -9.273  1.00 41.91  ? 1125 ILE A CD1 1 
ATOM   1010 N  N   . ALA A 1 123 ? 15.433  6.926   -9.353  1.00 42.21  ? 1126 ALA A N   1 
ATOM   1011 C  CA  . ALA A 1 123 ? 16.060  8.231   -9.442  1.00 40.58  ? 1126 ALA A CA  1 
ATOM   1012 C  C   . ALA A 1 123 ? 16.769  8.503   -8.132  1.00 40.36  ? 1126 ALA A C   1 
ATOM   1013 O  O   . ALA A 1 123 ? 16.363  7.976   -7.096  1.00 47.32  ? 1126 ALA A O   1 
ATOM   1014 C  CB  . ALA A 1 123 ? 14.999  9.292   -9.706  1.00 35.67  ? 1126 ALA A CB  1 
ATOM   1015 N  N   . GLU A 1 124 ? 17.822  9.319   -8.174  1.00 43.71  ? 1127 GLU A N   1 
ATOM   1016 C  CA  . GLU A 1 124 ? 18.578  9.690   -6.967  1.00 54.78  ? 1127 GLU A CA  1 
ATOM   1017 C  C   . GLU A 1 124 ? 18.206  11.092  -6.481  1.00 53.47  ? 1127 GLU A C   1 
ATOM   1018 O  O   . GLU A 1 124 ? 18.526  12.088  -7.127  1.00 57.19  ? 1127 GLU A O   1 
ATOM   1019 C  CB  . GLU A 1 124 ? 20.092  9.608   -7.222  1.00 61.50  ? 1127 GLU A CB  1 
ATOM   1020 C  CG  . GLU A 1 124 ? 20.981  10.271  -6.156  1.00 64.24  ? 1127 GLU A CG  1 
ATOM   1021 N  N   . ASN A 1 125 ? 17.538  11.172  -5.335  1.00 47.29  ? 1128 ASN A N   1 
ATOM   1022 C  CA  . ASN A 1 125 ? 17.188  12.465  -4.779  1.00 51.47  ? 1128 ASN A CA  1 
ATOM   1023 C  C   . ASN A 1 125 ? 17.807  12.678  -3.415  1.00 55.74  ? 1128 ASN A C   1 
ATOM   1024 O  O   . ASN A 1 125 ? 17.389  12.060  -2.436  1.00 60.18  ? 1128 ASN A O   1 
ATOM   1025 C  CB  . ASN A 1 125 ? 15.678  12.622  -4.686  1.00 50.46  ? 1128 ASN A CB  1 
ATOM   1026 C  CG  . ASN A 1 125 ? 15.241  14.058  -4.837  1.00 60.22  ? 1128 ASN A CG  1 
ATOM   1027 O  OD1 . ASN A 1 125 ? 15.774  14.956  -4.182  1.00 64.99  ? 1128 ASN A OD1 1 
ATOM   1028 N  ND2 . ASN A 1 125 ? 14.271  14.287  -5.716  1.00 64.45  ? 1128 ASN A ND2 1 
ATOM   1029 N  N   . LYS A 1 126 ? 18.797  13.562  -3.351  1.00 53.03  ? 1129 LYS A N   1 
ATOM   1030 C  CA  . LYS A 1 126 ? 19.485  13.819  -2.100  1.00 58.34  ? 1129 LYS A CA  1 
ATOM   1031 C  C   . LYS A 1 126 ? 20.168  12.538  -1.652  1.00 62.26  ? 1129 LYS A C   1 
ATOM   1032 O  O   . LYS A 1 126 ? 19.979  12.084  -0.520  1.00 61.79  ? 1129 LYS A O   1 
ATOM   1033 C  CB  . LYS A 1 126 ? 18.500  14.286  -1.023  1.00 59.58  ? 1129 LYS A CB  1 
ATOM   1034 C  CG  . LYS A 1 126 ? 17.730  15.545  -1.380  1.00 60.42  ? 1129 LYS A CG  1 
ATOM   1035 C  CD  . LYS A 1 126 ? 16.834  15.999  -0.240  1.00 57.45  ? 1129 LYS A CD  1 
ATOM   1036 C  CE  . LYS A 1 126 ? 16.027  17.215  -0.649  1.00 62.83  ? 1129 LYS A CE  1 
ATOM   1037 N  NZ  . LYS A 1 126 ? 15.530  17.972  0.528   1.00 69.65  ? 1129 LYS A NZ  1 
ATOM   1038 N  N   . GLY A 1 127 ? 20.939  11.942  -2.556  1.00 59.50  ? 1130 GLY A N   1 
ATOM   1039 C  CA  . GLY A 1 127 ? 21.739  10.773  -2.221  1.00 58.12  ? 1130 GLY A CA  1 
ATOM   1040 C  C   . GLY A 1 127 ? 20.967  9.476   -2.053  1.00 59.99  ? 1130 GLY A C   1 
ATOM   1041 O  O   . GLY A 1 127 ? 21.551  8.396   -2.126  1.00 63.51  ? 1130 GLY A O   1 
ATOM   1042 N  N   . LEU A 1 128 ? 19.660  9.563   -1.828  1.00 59.01  ? 1131 LEU A N   1 
ATOM   1043 C  CA  . LEU A 1 128 ? 18.847  8.352   -1.684  1.00 65.58  ? 1131 LEU A CA  1 
ATOM   1044 C  C   . LEU A 1 128 ? 18.140  7.887   -2.966  1.00 64.52  ? 1131 LEU A C   1 
ATOM   1045 O  O   . LEU A 1 128 ? 18.084  8.616   -3.955  1.00 64.68  ? 1131 LEU A O   1 
ATOM   1046 C  CB  . LEU A 1 128 ? 17.840  8.508   -0.548  1.00 71.26  ? 1131 LEU A CB  1 
ATOM   1047 C  CG  . LEU A 1 128 ? 18.118  7.616   0.659   1.00 74.69  ? 1131 LEU A CG  1 
ATOM   1048 C  CD1 . LEU A 1 128 ? 17.227  8.039   1.815   1.00 76.16  ? 1131 LEU A CD1 1 
ATOM   1049 C  CD2 . LEU A 1 128 ? 17.927  6.123   0.310   1.00 69.47  ? 1131 LEU A CD2 1 
HETATM 1050 N  N   . MSE A 1 129 ? 17.600  6.670   -2.936  1.00 60.14  ? 1132 MSE A N   1 
HETATM 1051 C  CA  . MSE A 1 129 ? 16.838  6.144   -4.065  1.00 64.79  ? 1132 MSE A CA  1 
HETATM 1052 C  C   . MSE A 1 129 ? 15.333  6.318   -3.961  1.00 62.35  ? 1132 MSE A C   1 
HETATM 1053 O  O   . MSE A 1 129 ? 14.713  6.024   -2.931  1.00 65.16  ? 1132 MSE A O   1 
HETATM 1054 C  CB  . MSE A 1 129 ? 17.133  4.675   -4.282  1.00 65.03  ? 1132 MSE A CB  1 
HETATM 1055 C  CG  . MSE A 1 129 ? 18.183  4.451   -5.314  1.00 80.00  ? 1132 MSE A CG  1 
HETATM 1056 SE SE  . MSE A 1 129 ? 18.784  2.630   -5.216  1.00 102.51 ? 1132 MSE A SE  1 
HETATM 1057 C  CE  . MSE A 1 129 ? 19.258  2.554   -3.300  1.00 103.00 ? 1132 MSE A CE  1 
ATOM   1058 N  N   . GLU A 1 130 ? 14.751  6.774   -5.065  1.00 50.92  ? 1133 GLU A N   1 
ATOM   1059 C  CA  . GLU A 1 130 ? 13.320  6.929   -5.169  1.00 41.31  ? 1133 GLU A CA  1 
ATOM   1060 C  C   . GLU A 1 130 ? 12.798  6.159   -6.372  1.00 40.77  ? 1133 GLU A C   1 
ATOM   1061 O  O   . GLU A 1 130 ? 13.465  6.073   -7.403  1.00 39.35  ? 1133 GLU A O   1 
ATOM   1062 C  CB  . GLU A 1 130 ? 12.975  8.406   -5.312  1.00 48.10  ? 1133 GLU A CB  1 
ATOM   1063 C  CG  . GLU A 1 130 ? 13.239  9.231   -4.073  1.00 53.89  ? 1133 GLU A CG  1 
ATOM   1064 C  CD  . GLU A 1 130 ? 13.013  10.712  -4.306  1.00 57.17  ? 1133 GLU A CD  1 
ATOM   1065 O  OE1 . GLU A 1 130 ? 12.840  11.115  -5.472  1.00 60.20  ? 1133 GLU A OE1 1 
ATOM   1066 O  OE2 . GLU A 1 130 ? 13.016  11.481  -3.325  1.00 59.50  ? 1133 GLU A OE2 1 
ATOM   1067 N  N   . LEU A 1 131 ? 11.605  5.591   -6.232  1.00 43.86  ? 1134 LEU A N   1 
ATOM   1068 C  CA  . LEU A 1 131 ? 10.901  5.004   -7.361  1.00 48.18  ? 1134 LEU A CA  1 
ATOM   1069 C  C   . LEU A 1 131 ? 9.888   5.997   -7.856  1.00 51.78  ? 1134 LEU A C   1 
ATOM   1070 O  O   . LEU A 1 131 ? 9.182   6.622   -7.068  1.00 58.35  ? 1134 LEU A O   1 
ATOM   1071 C  CB  . LEU A 1 131 ? 10.193  3.718   -6.961  1.00 48.45  ? 1134 LEU A CB  1 
ATOM   1072 C  CG  . LEU A 1 131 ? 11.092  2.489   -7.033  1.00 56.19  ? 1134 LEU A CG  1 
ATOM   1073 C  CD1 . LEU A 1 131 ? 12.538  2.892   -7.239  1.00 60.28  ? 1134 LEU A CD1 1 
ATOM   1074 C  CD2 . LEU A 1 131 ? 10.946  1.650   -5.774  1.00 58.75  ? 1134 LEU A CD2 1 
ATOM   1075 N  N   . VAL A 1 132 ? 9.823   6.159   -9.168  1.00 51.72  ? 1135 VAL A N   1 
ATOM   1076 C  CA  . VAL A 1 132 ? 8.799   6.994   -9.744  1.00 48.29  ? 1135 VAL A CA  1 
ATOM   1077 C  C   . VAL A 1 132 ? 8.081   6.210   -10.829 1.00 54.62  ? 1135 VAL A C   1 
ATOM   1078 O  O   . VAL A 1 132 ? 8.709   5.677   -11.745 1.00 56.72  ? 1135 VAL A O   1 
ATOM   1079 C  CB  . VAL A 1 132 ? 9.353   8.357   -10.225 1.00 38.02  ? 1135 VAL A CB  1 
ATOM   1080 C  CG1 . VAL A 1 132 ? 10.875  8.346   -10.249 1.00 41.55  ? 1135 VAL A CG1 1 
ATOM   1081 C  CG2 . VAL A 1 132 ? 8.773   8.738   -11.576 1.00 42.62  ? 1135 VAL A CG2 1 
ATOM   1082 N  N   . PHE A 1 133 ? 6.763   6.098   -10.660 1.00 57.35  ? 1136 PHE A N   1 
ATOM   1083 C  CA  . PHE A 1 133 ? 5.866   5.462   -11.613 1.00 46.62  ? 1136 PHE A CA  1 
ATOM   1084 C  C   . PHE A 1 133 ? 5.163   6.537   -12.414 1.00 47.18  ? 1136 PHE A C   1 
ATOM   1085 O  O   . PHE A 1 133 ? 4.678   7.522   -11.854 1.00 55.03  ? 1136 PHE A O   1 
ATOM   1086 C  CB  . PHE A 1 133 ? 4.773   4.705   -10.869 1.00 54.71  ? 1136 PHE A CB  1 
ATOM   1087 C  CG  . PHE A 1 133 ? 5.276   3.650   -9.938  1.00 56.07  ? 1136 PHE A CG  1 
ATOM   1088 C  CD1 . PHE A 1 133 ? 5.145   2.303   -10.265 1.00 62.46  ? 1136 PHE A CD1 1 
ATOM   1089 C  CD2 . PHE A 1 133 ? 5.858   3.991   -8.731  1.00 58.78  ? 1136 PHE A CD2 1 
ATOM   1090 C  CE1 . PHE A 1 133 ? 5.597   1.305   -9.406  1.00 63.81  ? 1136 PHE A CE1 1 
ATOM   1091 C  CE2 . PHE A 1 133 ? 6.320   3.001   -7.859  1.00 67.76  ? 1136 PHE A CE2 1 
ATOM   1092 C  CZ  . PHE A 1 133 ? 6.184   1.653   -8.198  1.00 62.68  ? 1136 PHE A CZ  1 
ATOM   1093 N  N   . ASP A 1 134 ? 5.093   6.353   -13.723 1.00 53.14  ? 1137 ASP A N   1 
ATOM   1094 C  CA  . ASP A 1 134 ? 4.195   7.163   -14.525 1.00 53.55  ? 1137 ASP A CA  1 
ATOM   1095 C  C   . ASP A 1 134 ? 2.822   6.513   -14.430 1.00 52.31  ? 1137 ASP A C   1 
ATOM   1096 O  O   . ASP A 1 134 ? 2.675   5.330   -14.721 1.00 53.92  ? 1137 ASP A O   1 
ATOM   1097 C  CB  . ASP A 1 134 ? 4.653   7.229   -15.980 1.00 52.74  ? 1137 ASP A CB  1 
ATOM   1098 C  CG  . ASP A 1 134 ? 3.645   7.936   -16.873 1.00 64.82  ? 1137 ASP A CG  1 
ATOM   1099 O  OD1 . ASP A 1 134 ? 2.971   8.884   -16.406 1.00 67.30  ? 1137 ASP A OD1 1 
ATOM   1100 O  OD2 . ASP A 1 134 ? 3.519   7.541   -18.049 1.00 65.69  ? 1137 ASP A OD2 1 
ATOM   1101 N  N   . VAL A 1 135 ? 1.819   7.277   -14.009 1.00 50.98  ? 1138 VAL A N   1 
ATOM   1102 C  CA  . VAL A 1 135 ? 0.481   6.720   -13.832 1.00 39.98  ? 1138 VAL A CA  1 
ATOM   1103 C  C   . VAL A 1 135 ? -0.574  7.380   -14.717 1.00 44.59  ? 1138 VAL A C   1 
ATOM   1104 O  O   . VAL A 1 135 ? -1.758  7.354   -14.382 1.00 48.23  ? 1138 VAL A O   1 
ATOM   1105 C  CB  . VAL A 1 135 ? 0.012   6.762   -12.348 1.00 35.59  ? 1138 VAL A CB  1 
ATOM   1106 C  CG1 . VAL A 1 135 ? 0.794   5.775   -11.506 1.00 37.49  ? 1138 VAL A CG1 1 
ATOM   1107 C  CG2 . VAL A 1 135 ? 0.141   8.163   -11.777 1.00 25.20  ? 1138 VAL A CG2 1 
ATOM   1108 N  N   . GLN A 1 136 ? -0.161  7.971   -15.836 1.00 39.29  ? 1139 GLN A N   1 
ATOM   1109 C  CA  . GLN A 1 136 ? -1.135  8.471   -16.809 1.00 48.06  ? 1139 GLN A CA  1 
ATOM   1110 C  C   . GLN A 1 136 ? -2.051  7.350   -17.308 1.00 49.83  ? 1139 GLN A C   1 
ATOM   1111 O  O   . GLN A 1 136 ? -1.615  6.209   -17.468 1.00 58.26  ? 1139 GLN A O   1 
ATOM   1112 C  CB  . GLN A 1 136 ? -0.430  9.081   -18.011 1.00 54.89  ? 1139 GLN A CB  1 
ATOM   1113 C  CG  . GLN A 1 136 ? 0.537   10.184  -17.689 1.00 66.06  ? 1139 GLN A CG  1 
ATOM   1114 C  CD  . GLN A 1 136 ? 0.913   10.979  -18.923 1.00 66.97  ? 1139 GLN A CD  1 
ATOM   1115 O  OE1 . GLN A 1 136 ? 2.067   11.367  -19.099 1.00 78.63  ? 1139 GLN A OE1 1 
ATOM   1116 N  NE2 . GLN A 1 136 ? -0.061  11.215  -19.792 1.00 44.30  ? 1139 GLN A NE2 1 
ATOM   1117 N  N   . ASN A 1 137 ? -3.312  7.675   -17.573 1.00 48.92  ? 1140 ASN A N   1 
ATOM   1118 C  CA  . ASN A 1 137 ? -4.253  6.700   -18.128 1.00 59.33  ? 1140 ASN A CA  1 
ATOM   1119 C  C   . ASN A 1 137 ? -4.590  5.590   -17.150 1.00 57.07  ? 1140 ASN A C   1 
ATOM   1120 O  O   . ASN A 1 137 ? -5.266  4.622   -17.510 1.00 62.55  ? 1140 ASN A O   1 
ATOM   1121 C  CB  . ASN A 1 137 ? -3.684  6.055   -19.401 1.00 70.71  ? 1140 ASN A CB  1 
ATOM   1122 C  CG  . ASN A 1 137 ? -3.355  7.069   -20.476 1.00 79.25  ? 1140 ASN A CG  1 
ATOM   1123 O  OD1 . ASN A 1 137 ? -3.932  8.159   -20.510 1.00 79.66  ? 1140 ASN A OD1 1 
ATOM   1124 N  ND2 . ASN A 1 137 ? -2.425  6.716   -21.369 1.00 74.84  ? 1140 ASN A ND2 1 
ATOM   1125 N  N   . LYS A 1 138 ? -4.112  5.719   -15.917 1.00 41.93  ? 1141 LYS A N   1 
ATOM   1126 C  CA  . LYS A 1 138 ? -4.206  4.621   -14.972 1.00 39.52  ? 1141 LYS A CA  1 
ATOM   1127 C  C   . LYS A 1 138 ? -5.375  4.767   -14.011 1.00 45.06  ? 1141 LYS A C   1 
ATOM   1128 O  O   . LYS A 1 138 ? -5.514  5.773   -13.310 1.00 53.85  ? 1141 LYS A O   1 
ATOM   1129 C  CB  . LYS A 1 138 ? -2.882  4.430   -14.219 1.00 43.64  ? 1141 LYS A CB  1 
ATOM   1130 C  CG  . LYS A 1 138 ? -1.769  3.820   -15.079 1.00 47.76  ? 1141 LYS A CG  1 
ATOM   1131 C  CD  . LYS A 1 138 ? -2.076  2.363   -15.423 1.00 54.24  ? 1141 LYS A CD  1 
ATOM   1132 C  CE  . LYS A 1 138 ? -1.950  2.085   -16.931 1.00 57.88  ? 1141 LYS A CE  1 
ATOM   1133 N  NZ  . LYS A 1 138 ? -0.684  1.410   -17.330 1.00 47.70  ? 1141 LYS A NZ  1 
ATOM   1134 N  N   . LYS A 1 139 ? -6.224  3.748   -13.997 1.00 40.27  ? 1142 LYS A N   1 
ATOM   1135 C  CA  . LYS A 1 139 ? -7.328  3.686   -13.064 1.00 39.32  ? 1142 LYS A CA  1 
ATOM   1136 C  C   . LYS A 1 139 ? -6.815  3.347   -11.659 1.00 49.37  ? 1142 LYS A C   1 
ATOM   1137 O  O   . LYS A 1 139 ? -5.791  2.676   -11.494 1.00 45.14  ? 1142 LYS A O   1 
ATOM   1138 C  CB  . LYS A 1 139 ? -8.362  2.682   -13.565 1.00 38.37  ? 1142 LYS A CB  1 
ATOM   1139 C  CG  . LYS A 1 139 ? -9.009  3.128   -14.879 1.00 47.78  ? 1142 LYS A CG  1 
ATOM   1140 C  CD  . LYS A 1 139 ? -9.663  1.989   -15.652 1.00 56.37  ? 1142 LYS A CD  1 
ATOM   1141 C  CE  . LYS A 1 139 ? -10.244 2.503   -16.965 1.00 61.88  ? 1142 LYS A CE  1 
ATOM   1142 N  NZ  . LYS A 1 139 ? -10.853 1.426   -17.793 1.00 69.78  ? 1142 LYS A NZ  1 
ATOM   1143 N  N   . ASP A 1 140 ? -7.509  3.847   -10.645 1.00 55.81  ? 1143 ASP A N   1 
ATOM   1144 C  CA  . ASP A 1 140 ? -7.086  3.637   -9.268  1.00 50.64  ? 1143 ASP A CA  1 
ATOM   1145 C  C   . ASP A 1 140 ? -6.726  2.175   -9.021  1.00 46.82  ? 1143 ASP A C   1 
ATOM   1146 O  O   . ASP A 1 140 ? -5.652  1.869   -8.506  1.00 45.47  ? 1143 ASP A O   1 
ATOM   1147 C  CB  . ASP A 1 140 ? -8.181  4.092   -8.298  1.00 57.08  ? 1143 ASP A CB  1 
ATOM   1148 C  CG  . ASP A 1 140 ? -8.432  5.600   -8.352  1.00 59.35  ? 1143 ASP A CG  1 
ATOM   1149 O  OD1 . ASP A 1 140 ? -7.574  6.332   -8.899  1.00 60.29  ? 1143 ASP A OD1 1 
ATOM   1150 O  OD2 . ASP A 1 140 ? -9.485  6.050   -7.837  1.00 50.76  ? 1143 ASP A OD2 1 
ATOM   1151 N  N   . TYR A 1 141 ? -7.615  1.267   -9.405  1.00 44.84  ? 1144 TYR A N   1 
ATOM   1152 C  CA  . TYR A 1 141 ? -7.382  -0.139  -9.119  1.00 47.49  ? 1144 TYR A CA  1 
ATOM   1153 C  C   . TYR A 1 141 ? -6.091  -0.657  -9.736  1.00 43.90  ? 1144 TYR A C   1 
ATOM   1154 O  O   . TYR A 1 141 ? -5.462  -1.563  -9.187  1.00 59.49  ? 1144 TYR A O   1 
ATOM   1155 C  CB  . TYR A 1 141 ? -8.576  -0.998  -9.530  1.00 51.08  ? 1144 TYR A CB  1 
ATOM   1156 C  CG  . TYR A 1 141 ? -8.707  -1.226  -11.007 1.00 52.72  ? 1144 TYR A CG  1 
ATOM   1157 C  CD1 . TYR A 1 141 ? -7.940  -2.189  -11.651 1.00 49.30  ? 1144 TYR A CD1 1 
ATOM   1158 C  CD2 . TYR A 1 141 ? -9.622  -0.496  -11.760 1.00 53.07  ? 1144 TYR A CD2 1 
ATOM   1159 C  CE1 . TYR A 1 141 ? -8.067  -2.408  -13.012 1.00 50.72  ? 1144 TYR A CE1 1 
ATOM   1160 C  CE2 . TYR A 1 141 ? -9.756  -0.707  -13.118 1.00 49.50  ? 1144 TYR A CE2 1 
ATOM   1161 C  CZ  . TYR A 1 141 ? -8.973  -1.662  -13.739 1.00 52.05  ? 1144 TYR A CZ  1 
ATOM   1162 O  OH  . TYR A 1 141 ? -9.100  -1.875  -15.092 1.00 55.17  ? 1144 TYR A OH  1 
ATOM   1163 N  N   . GLU A 1 142 ? -5.693  -0.074  -10.864 1.00 34.68  ? 1145 GLU A N   1 
ATOM   1164 C  CA  . GLU A 1 142 ? -4.434  -0.435  -11.523 1.00 32.14  ? 1145 GLU A CA  1 
ATOM   1165 C  C   . GLU A 1 142 ? -3.230  0.034   -10.721 1.00 39.40  ? 1145 GLU A C   1 
ATOM   1166 O  O   . GLU A 1 142 ? -2.188  -0.619  -10.692 1.00 46.47  ? 1145 GLU A O   1 
ATOM   1167 C  CB  . GLU A 1 142 ? -4.364  0.183   -12.909 1.00 26.70  ? 1145 GLU A CB  1 
ATOM   1168 C  CG  . GLU A 1 142 ? -5.544  -0.170  -13.782 1.00 39.40  ? 1145 GLU A CG  1 
ATOM   1169 C  CD  . GLU A 1 142 ? -5.406  0.382   -15.176 1.00 41.07  ? 1145 GLU A CD  1 
ATOM   1170 O  OE1 . GLU A 1 142 ? -5.283  -0.422  -16.117 1.00 47.18  ? 1145 GLU A OE1 1 
ATOM   1171 O  OE2 . GLU A 1 142 ? -5.401  1.619   -15.329 1.00 49.57  ? 1145 GLU A OE2 1 
ATOM   1172 N  N   . ILE A 1 143 ? -3.383  1.183   -10.082 1.00 41.14  ? 1146 ILE A N   1 
ATOM   1173 C  CA  . ILE A 1 143 ? -2.332  1.755   -9.267  1.00 36.61  ? 1146 ILE A CA  1 
ATOM   1174 C  C   . ILE A 1 143 ? -2.212  0.967   -7.979  1.00 45.11  ? 1146 ILE A C   1 
ATOM   1175 O  O   . ILE A 1 143 ? -1.113  0.658   -7.508  1.00 46.69  ? 1146 ILE A O   1 
ATOM   1176 C  CB  . ILE A 1 143 ? -2.675  3.197   -8.940  1.00 36.36  ? 1146 ILE A CB  1 
ATOM   1177 C  CG1 . ILE A 1 143 ? -2.779  4.000   -10.239 1.00 45.60  ? 1146 ILE A CG1 1 
ATOM   1178 C  CG2 . ILE A 1 143 ? -1.642  3.786   -8.020  1.00 32.56  ? 1146 ILE A CG2 1 
ATOM   1179 C  CD1 . ILE A 1 143 ? -3.337  5.369   -10.061 1.00 48.20  ? 1146 ILE A CD1 1 
ATOM   1180 N  N   . LEU A 1 144 ? -3.362  0.639   -7.411  1.00 45.63  ? 1147 LEU A N   1 
ATOM   1181 C  CA  . LEU A 1 144 ? -3.407  -0.177  -6.221  1.00 43.38  ? 1147 LEU A CA  1 
ATOM   1182 C  C   . LEU A 1 144 ? -2.784  -1.532  -6.515  1.00 48.89  ? 1147 LEU A C   1 
ATOM   1183 O  O   . LEU A 1 144 ? -2.070  -2.104  -5.685  1.00 48.31  ? 1147 LEU A O   1 
ATOM   1184 C  CB  . LEU A 1 144 ? -4.854  -0.336  -5.779  1.00 43.89  ? 1147 LEU A CB  1 
ATOM   1185 C  CG  . LEU A 1 144 ? -5.306  0.593   -4.659  1.00 36.47  ? 1147 LEU A CG  1 
ATOM   1186 C  CD1 . LEU A 1 144 ? -4.204  1.558   -4.268  1.00 34.68  ? 1147 LEU A CD1 1 
ATOM   1187 C  CD2 . LEU A 1 144 ? -6.560  1.322   -5.090  1.00 41.35  ? 1147 LEU A CD2 1 
ATOM   1188 N  N   . GLU A 1 145 ? -3.057  -2.039  -7.710  1.00 42.06  ? 1148 GLU A N   1 
ATOM   1189 C  CA  . GLU A 1 145 ? -2.536  -3.328  -8.100  1.00 51.63  ? 1148 GLU A CA  1 
ATOM   1190 C  C   . GLU A 1 145 ? -1.017  -3.293  -8.216  1.00 50.94  ? 1148 GLU A C   1 
ATOM   1191 O  O   . GLU A 1 145 ? -0.325  -4.183  -7.730  1.00 52.06  ? 1148 GLU A O   1 
ATOM   1192 C  CB  . GLU A 1 145 ? -3.158  -3.760  -9.413  1.00 49.59  ? 1148 GLU A CB  1 
ATOM   1193 C  CG  . GLU A 1 145 ? -2.256  -4.639  -10.233 1.00 64.31  ? 1148 GLU A CG  1 
ATOM   1194 C  CD  . GLU A 1 145 ? -3.038  -5.593  -11.096 1.00 66.45  ? 1148 GLU A CD  1 
ATOM   1195 O  OE1 . GLU A 1 145 ? -2.717  -5.702  -12.299 1.00 56.84  ? 1148 GLU A OE1 1 
ATOM   1196 O  OE2 . GLU A 1 145 ? -3.982  -6.223  -10.566 1.00 66.69  ? 1148 GLU A OE2 1 
ATOM   1197 N  N   . GLY A 1 146 ? -0.501  -2.252  -8.854  1.00 49.85  ? 1149 GLY A N   1 
ATOM   1198 C  CA  . GLY A 1 146 ? 0.935   -2.108  -9.008  1.00 51.20  ? 1149 GLY A CA  1 
ATOM   1199 C  C   . GLY A 1 146 ? 1.605   -1.994  -7.659  1.00 48.01  ? 1149 GLY A C   1 
ATOM   1200 O  O   . GLY A 1 146 ? 2.532   -2.742  -7.354  1.00 48.11  ? 1149 GLY A O   1 
ATOM   1201 N  N   . LEU A 1 147 ? 1.125   -1.054  -6.850  1.00 46.21  ? 1150 LEU A N   1 
ATOM   1202 C  CA  . LEU A 1 147 ? 1.660   -0.836  -5.516  1.00 42.57  ? 1150 LEU A CA  1 
ATOM   1203 C  C   . LEU A 1 147 ? 1.592   -2.127  -4.747  1.00 46.40  ? 1150 LEU A C   1 
ATOM   1204 O  O   . LEU A 1 147 ? 2.570   -2.560  -4.140  1.00 48.69  ? 1150 LEU A O   1 
ATOM   1205 C  CB  . LEU A 1 147 ? 0.848   0.224   -4.783  1.00 41.76  ? 1150 LEU A CB  1 
ATOM   1206 C  CG  . LEU A 1 147 ? 1.027   1.624   -5.368  1.00 50.39  ? 1150 LEU A CG  1 
ATOM   1207 C  CD1 . LEU A 1 147 ? 0.146   2.661   -4.658  1.00 43.19  ? 1150 LEU A CD1 1 
ATOM   1208 C  CD2 . LEU A 1 147 ? 2.503   2.019   -5.317  1.00 43.14  ? 1150 LEU A CD2 1 
ATOM   1209 N  N   . LEU A 1 148 ? 0.420   -2.745  -4.779  1.00 48.13  ? 1151 LEU A N   1 
ATOM   1210 C  CA  . LEU A 1 148 ? 0.232   -3.995  -4.088  1.00 47.65  ? 1151 LEU A CA  1 
ATOM   1211 C  C   . LEU A 1 148 ? 1.335   -4.958  -4.486  1.00 44.33  ? 1151 LEU A C   1 
ATOM   1212 O  O   . LEU A 1 148 ? 2.126   -5.394  -3.653  1.00 44.15  ? 1151 LEU A O   1 
ATOM   1213 C  CB  . LEU A 1 148 ? -1.122  -4.611  -4.427  1.00 45.37  ? 1151 LEU A CB  1 
ATOM   1214 C  CG  . LEU A 1 148 ? -1.207  -6.018  -3.831  1.00 38.56  ? 1151 LEU A CG  1 
ATOM   1215 C  CD1 . LEU A 1 148 ? -1.366  -5.972  -2.321  1.00 21.98  ? 1151 LEU A CD1 1 
ATOM   1216 C  CD2 . LEU A 1 148 ? -2.313  -6.804  -4.468  1.00 44.27  ? 1151 LEU A CD2 1 
ATOM   1217 N  N   . ILE A 1 149 ? 1.375   -5.285  -5.770  1.00 41.93  ? 1152 ILE A N   1 
ATOM   1218 C  CA  . ILE A 1 149 ? 2.328   -6.254  -6.280  1.00 42.02  ? 1152 ILE A CA  1 
ATOM   1219 C  C   . ILE A 1 149 ? 3.747   -5.831  -5.956  1.00 49.63  ? 1152 ILE A C   1 
ATOM   1220 O  O   . ILE A 1 149 ? 4.544   -6.628  -5.457  1.00 55.81  ? 1152 ILE A O   1 
ATOM   1221 C  CB  . ILE A 1 149 ? 2.194   -6.405  -7.794  1.00 42.04  ? 1152 ILE A CB  1 
ATOM   1222 C  CG1 . ILE A 1 149 ? 0.906   -7.146  -8.128  1.00 37.16  ? 1152 ILE A CG1 1 
ATOM   1223 C  CG2 . ILE A 1 149 ? 3.415   -7.115  -8.385  1.00 41.74  ? 1152 ILE A CG2 1 
ATOM   1224 C  CD1 . ILE A 1 149 ? 0.447   -6.906  -9.546  1.00 48.84  ? 1152 ILE A CD1 1 
ATOM   1225 N  N   . PHE A 1 150 ? 4.066   -4.573  -6.241  1.00 45.68  ? 1153 PHE A N   1 
ATOM   1226 C  CA  . PHE A 1 150 ? 5.403   -4.089  -5.985  1.00 34.77  ? 1153 PHE A CA  1 
ATOM   1227 C  C   . PHE A 1 150 ? 5.803   -4.405  -4.570  1.00 41.81  ? 1153 PHE A C   1 
ATOM   1228 O  O   . PHE A 1 150 ? 6.898   -4.906  -4.320  1.00 39.17  ? 1153 PHE A O   1 
ATOM   1229 C  CB  . PHE A 1 150 ? 5.469   -2.591  -6.123  1.00 40.96  ? 1153 PHE A CB  1 
ATOM   1230 C  CG  . PHE A 1 150 ? 6.727   -2.019  -5.574  1.00 45.74  ? 1153 PHE A CG  1 
ATOM   1231 C  CD1 . PHE A 1 150 ? 7.920   -2.138  -6.285  1.00 52.38  ? 1153 PHE A CD1 1 
ATOM   1232 C  CD2 . PHE A 1 150 ? 6.740   -1.396  -4.340  1.00 43.55  ? 1153 PHE A CD2 1 
ATOM   1233 C  CE1 . PHE A 1 150 ? 9.104   -1.619  -5.789  1.00 44.96  ? 1153 PHE A CE1 1 
ATOM   1234 C  CE2 . PHE A 1 150 ? 7.920   -0.875  -3.834  1.00 52.79  ? 1153 PHE A CE2 1 
ATOM   1235 C  CZ  . PHE A 1 150 ? 9.106   -0.985  -4.564  1.00 42.15  ? 1153 PHE A CZ  1 
ATOM   1236 N  N   . GLY A 1 151 ? 4.907   -4.072  -3.645  1.00 47.16  ? 1154 GLY A N   1 
ATOM   1237 C  CA  . GLY A 1 151 ? 5.147   -4.253  -2.221  1.00 38.45  ? 1154 GLY A CA  1 
ATOM   1238 C  C   . GLY A 1 151 ? 5.418   -5.695  -1.854  1.00 43.77  ? 1154 GLY A C   1 
ATOM   1239 O  O   . GLY A 1 151 ? 6.445   -6.005  -1.250  1.00 44.59  ? 1154 GLY A O   1 
ATOM   1240 N  N   . GLU A 1 152 ? 4.501   -6.587  -2.222  1.00 45.33  ? 1155 GLU A N   1 
ATOM   1241 C  CA  . GLU A 1 152 ? 4.623   -7.979  -1.821  1.00 43.85  ? 1155 GLU A CA  1 
ATOM   1242 C  C   . GLU A 1 152 ? 5.807   -8.606  -2.515  1.00 44.22  ? 1155 GLU A C   1 
ATOM   1243 O  O   . GLU A 1 152 ? 6.469   -9.489  -1.970  1.00 42.05  ? 1155 GLU A O   1 
ATOM   1244 C  CB  . GLU A 1 152 ? 3.341   -8.758  -2.099  1.00 47.12  ? 1155 GLU A CB  1 
ATOM   1245 C  CG  . GLU A 1 152 ? 2.889   -8.771  -3.527  1.00 57.87  ? 1155 GLU A CG  1 
ATOM   1246 C  CD  . GLU A 1 152 ? 1.567   -9.501  -3.696  1.00 68.29  ? 1155 GLU A CD  1 
ATOM   1247 O  OE1 . GLU A 1 152 ? 1.361   -10.125 -4.762  1.00 72.67  ? 1155 GLU A OE1 1 
ATOM   1248 O  OE2 . GLU A 1 152 ? 0.736   -9.458  -2.760  1.00 64.06  ? 1155 GLU A OE2 1 
ATOM   1249 N  N   . SER A 1 153 ? 6.078   -8.120  -3.718  1.00 43.64  ? 1156 SER A N   1 
ATOM   1250 C  CA  . SER A 1 153 ? 7.259   -8.520  -4.452  1.00 46.32  ? 1156 SER A CA  1 
ATOM   1251 C  C   . SER A 1 153 ? 8.497   -8.228  -3.606  1.00 42.61  ? 1156 SER A C   1 
ATOM   1252 O  O   . SER A 1 153 ? 9.357   -9.089  -3.417  1.00 43.44  ? 1156 SER A O   1 
ATOM   1253 C  CB  . SER A 1 153 ? 7.313   -7.769  -5.780  1.00 49.42  ? 1156 SER A CB  1 
ATOM   1254 O  OG  . SER A 1 153 ? 8.434   -8.157  -6.541  1.00 59.79  ? 1156 SER A OG  1 
ATOM   1255 N  N   . LEU A 1 154 ? 8.556   -7.015  -3.067  1.00 46.32  ? 1157 LEU A N   1 
ATOM   1256 C  CA  . LEU A 1 154 ? 9.707   -6.555  -2.296  1.00 45.44  ? 1157 LEU A CA  1 
ATOM   1257 C  C   . LEU A 1 154 ? 9.825   -7.229  -0.920  1.00 47.13  ? 1157 LEU A C   1 
ATOM   1258 O  O   . LEU A 1 154 ? 10.937  -7.455  -0.424  1.00 45.73  ? 1157 LEU A O   1 
ATOM   1259 C  CB  . LEU A 1 154 ? 9.653   -5.032  -2.146  1.00 43.22  ? 1157 LEU A CB  1 
ATOM   1260 C  CG  . LEU A 1 154 ? 10.964  -4.309  -1.848  1.00 37.75  ? 1157 LEU A CG  1 
ATOM   1261 C  CD1 . LEU A 1 154 ? 12.060  -4.743  -2.806  1.00 36.23  ? 1157 LEU A CD1 1 
ATOM   1262 C  CD2 . LEU A 1 154 ? 10.733  -2.825  -1.947  1.00 37.59  ? 1157 LEU A CD2 1 
ATOM   1263 N  N   . LEU A 1 155 ? 8.689   -7.555  -0.309  1.00 41.32  ? 1158 LEU A N   1 
ATOM   1264 C  CA  . LEU A 1 155 ? 8.713   -8.267  0.964   1.00 39.25  ? 1158 LEU A CA  1 
ATOM   1265 C  C   . LEU A 1 155 ? 9.446   -9.602  0.820   1.00 45.22  ? 1158 LEU A C   1 
ATOM   1266 O  O   . LEU A 1 155 ? 10.212  -9.996  1.695   1.00 41.45  ? 1158 LEU A O   1 
ATOM   1267 C  CB  . LEU A 1 155 ? 7.296   -8.516  1.486   1.00 42.05  ? 1158 LEU A CB  1 
ATOM   1268 C  CG  . LEU A 1 155 ? 7.083   -8.361  3.004   1.00 42.11  ? 1158 LEU A CG  1 
ATOM   1269 C  CD1 . LEU A 1 155 ? 5.983   -9.278  3.523   1.00 37.16  ? 1158 LEU A CD1 1 
ATOM   1270 C  CD2 . LEU A 1 155 ? 8.359   -8.619  3.764   1.00 51.55  ? 1158 LEU A CD2 1 
ATOM   1271 N  N   . GLU A 1 156 ? 9.216   -10.291 -0.293  1.00 50.33  ? 1159 GLU A N   1 
ATOM   1272 C  CA  . GLU A 1 156 ? 9.776   -11.620 -0.488  1.00 49.82  ? 1159 GLU A CA  1 
ATOM   1273 C  C   . GLU A 1 156 ? 11.292  -11.572 -0.522  1.00 55.35  ? 1159 GLU A C   1 
ATOM   1274 O  O   . GLU A 1 156 ? 11.967  -12.428 0.063   1.00 57.45  ? 1159 GLU A O   1 
ATOM   1275 C  CB  . GLU A 1 156 ? 9.222   -12.238 -1.762  1.00 52.34  ? 1159 GLU A CB  1 
ATOM   1276 C  CG  . GLU A 1 156 ? 7.708   -12.298 -1.767  1.00 65.89  ? 1159 GLU A CG  1 
ATOM   1277 C  CD  . GLU A 1 156 ? 7.147   -13.066 -2.944  1.00 74.50  ? 1159 GLU A CD  1 
ATOM   1278 O  OE1 . GLU A 1 156 ? 7.731   -14.107 -3.320  1.00 76.00  ? 1159 GLU A OE1 1 
ATOM   1279 O  OE2 . GLU A 1 156 ? 6.110   -12.629 -3.488  1.00 80.39  ? 1159 GLU A OE2 1 
ATOM   1280 N  N   . ILE A 1 157 ? 11.814  -10.560 -1.210  1.00 52.60  ? 1160 ILE A N   1 
ATOM   1281 C  CA  . ILE A 1 157 ? 13.245  -10.294 -1.228  1.00 51.74  ? 1160 ILE A CA  1 
ATOM   1282 C  C   . ILE A 1 157 ? 13.738  -10.180 0.208   1.00 52.67  ? 1160 ILE A C   1 
ATOM   1283 O  O   . ILE A 1 157 ? 14.663  -10.885 0.619   1.00 60.70  ? 1160 ILE A O   1 
ATOM   1284 C  CB  . ILE A 1 157 ? 13.544  -8.968  -1.947  1.00 44.67  ? 1160 ILE A CB  1 
ATOM   1285 C  CG1 . ILE A 1 157 ? 12.692  -8.850  -3.219  1.00 36.96  ? 1160 ILE A CG1 1 
ATOM   1286 C  CG2 . ILE A 1 157 ? 15.058  -8.793  -2.193  1.00 27.31  ? 1160 ILE A CG2 1 
ATOM   1287 C  CD1 . ILE A 1 157 ? 13.441  -9.048  -4.494  1.00 22.99  ? 1160 ILE A CD1 1 
ATOM   1288 N  N   . LYS A 1 158 ? 13.113  -9.289  0.967   1.00 42.48  ? 1161 LYS A N   1 
ATOM   1289 C  CA  . LYS A 1 158 ? 13.481  -9.095  2.359   1.00 44.02  ? 1161 LYS A CA  1 
ATOM   1290 C  C   . LYS A 1 158 ? 13.514  -10.434 3.104   1.00 43.48  ? 1161 LYS A C   1 
ATOM   1291 O  O   . LYS A 1 158 ? 14.576  -10.847 3.574   1.00 42.56  ? 1161 LYS A O   1 
ATOM   1292 C  CB  . LYS A 1 158 ? 12.525  -8.103  3.023   1.00 43.12  ? 1161 LYS A CB  1 
ATOM   1293 C  CG  . LYS A 1 158 ? 12.893  -7.680  4.439   1.00 42.77  ? 1161 LYS A CG  1 
ATOM   1294 C  CD  . LYS A 1 158 ? 11.951  -6.584  4.929   1.00 46.41  ? 1161 LYS A CD  1 
ATOM   1295 C  CE  . LYS A 1 158 ? 12.405  -5.965  6.236   1.00 51.70  ? 1161 LYS A CE  1 
ATOM   1296 N  NZ  . LYS A 1 158 ? 12.096  -6.823  7.402   1.00 60.32  ? 1161 LYS A NZ  1 
ATOM   1297 N  N   . GLU A 1 159 ? 12.364  -11.109 3.189   1.00 45.34  ? 1162 GLU A N   1 
ATOM   1298 C  CA  . GLU A 1 159 ? 12.268  -12.424 3.835   1.00 47.73  ? 1162 GLU A CA  1 
ATOM   1299 C  C   . GLU A 1 159 ? 13.417  -13.283 3.369   1.00 49.49  ? 1162 GLU A C   1 
ATOM   1300 O  O   . GLU A 1 159 ? 14.015  -14.024 4.148   1.00 56.40  ? 1162 GLU A O   1 
ATOM   1301 C  CB  . GLU A 1 159 ? 10.976  -13.155 3.451   1.00 50.50  ? 1162 GLU A CB  1 
ATOM   1302 C  CG  . GLU A 1 159 ? 9.724   -12.304 3.329   1.00 57.38  ? 1162 GLU A CG  1 
ATOM   1303 C  CD  . GLU A 1 159 ? 8.993   -12.115 4.644   1.00 59.08  ? 1162 GLU A CD  1 
ATOM   1304 O  OE1 . GLU A 1 159 ? 7.789   -12.436 4.708   1.00 59.72  ? 1162 GLU A OE1 1 
ATOM   1305 O  OE2 . GLU A 1 159 ? 9.613   -11.638 5.614   1.00 65.27  ? 1162 GLU A OE2 1 
ATOM   1306 N  N   . SER A 1 160 ? 13.707  -13.175 2.077   1.00 48.40  ? 1163 SER A N   1 
ATOM   1307 C  CA  . SER A 1 160 ? 14.721  -13.980 1.418   1.00 48.82  ? 1163 SER A CA  1 
ATOM   1308 C  C   . SER A 1 160 ? 16.125  -13.901 2.034   1.00 51.50  ? 1163 SER A C   1 
ATOM   1309 O  O   . SER A 1 160 ? 16.989  -14.698 1.691   1.00 53.51  ? 1163 SER A O   1 
ATOM   1310 C  CB  . SER A 1 160 ? 14.779  -13.618 -0.061  1.00 49.07  ? 1163 SER A CB  1 
ATOM   1311 O  OG  . SER A 1 160 ? 15.601  -14.525 -0.758  1.00 59.41  ? 1163 SER A OG  1 
ATOM   1312 N  N   . LYS A 1 161 ? 16.364  -12.948 2.929   1.00 57.49  ? 1164 LYS A N   1 
ATOM   1313 C  CA  . LYS A 1 161 ? 17.596  -12.968 3.724   1.00 57.29  ? 1164 LYS A CA  1 
ATOM   1314 C  C   . LYS A 1 161 ? 17.308  -13.114 5.223   1.00 59.35  ? 1164 LYS A C   1 
ATOM   1315 O  O   . LYS A 1 161 ? 16.383  -12.503 5.759   1.00 58.92  ? 1164 LYS A O   1 
ATOM   1316 C  CB  . LYS A 1 161 ? 18.461  -11.740 3.447   1.00 53.10  ? 1164 LYS A CB  1 
ATOM   1317 C  CG  . LYS A 1 161 ? 18.751  -11.507 1.978   1.00 52.02  ? 1164 LYS A CG  1 
ATOM   1318 C  CD  . LYS A 1 161 ? 17.889  -10.392 1.407   1.00 45.60  ? 1164 LYS A CD  1 
ATOM   1319 C  CE  . LYS A 1 161 ? 18.439  -9.930  0.060   1.00 41.28  ? 1164 LYS A CE  1 
ATOM   1320 N  NZ  . LYS A 1 161 ? 18.194  -8.484  -0.211  1.00 31.29  ? 1164 LYS A NZ  1 
ATOM   1321 N  N   . GLU A 1 162 ? 18.102  -13.939 5.896   1.00 66.38  ? 1165 GLU A N   1 
ATOM   1322 C  CA  . GLU A 1 162 ? 17.859  -14.241 7.303   1.00 72.93  ? 1165 GLU A CA  1 
ATOM   1323 C  C   . GLU A 1 162 ? 19.173  -14.390 8.075   1.00 72.13  ? 1165 GLU A C   1 
ATOM   1324 O  O   . GLU A 1 162 ? 19.731  -15.484 8.181   1.00 63.93  ? 1165 GLU A O   1 
ATOM   1325 C  CB  . GLU A 1 162 ? 17.021  -15.520 7.436   1.00 76.30  ? 1165 GLU A CB  1 
ATOM   1326 C  CG  . GLU A 1 162 ? 16.286  -15.931 6.162   1.00 72.67  ? 1165 GLU A CG  1 
ATOM   1327 C  CD  . GLU A 1 162 ? 17.206  -16.577 5.132   1.00 75.19  ? 1165 GLU A CD  1 
ATOM   1328 O  OE1 . GLU A 1 162 ? 18.444  -16.411 5.223   1.00 76.57  ? 1165 GLU A OE1 1 
ATOM   1329 O  OE2 . GLU A 1 162 ? 16.690  -17.255 4.222   1.00 77.19  ? 1165 GLU A OE2 1 
# 
